data_9VGL
#
_entry.id   9VGL
#
_cell.length_a   80.529
_cell.length_b   91.661
_cell.length_c   105.181
_cell.angle_alpha   90.00
_cell.angle_beta   105.27
_cell.angle_gamma   90.00
#
_symmetry.space_group_name_H-M   'P 1 21 1'
#
loop_
_entity.id
_entity.type
_entity.pdbx_description
1 polymer 'Ancestral L-tryptophan synthase beta-subunit 1'
2 water water
#
_entity_poly.entity_id   1
_entity_poly.type   'polypeptide(L)'
_entity_poly.pdbx_seq_one_letter_code
;MKTYNVDENGYYGEFGGAYIPEILHKCVEDLQNNYLKILESPDFQKEYDQLLRDYVGRPSPLYLAKRLSEKYGCKIYLKR
EDLNHTGAH(LLP)INNTIGQILLARRMGKTRIIAETGAGQHGVATATVCALMNMECIVYMGKTDVERQHVNVQKMEMLG
ATVVPVTSGNMTLKDATNEAIRDWCCHPSDTYYIIGSTVGPHPYPDMVARLQSVISKEIKKQLQEKEGRDYPDYLIACVG
GGSNAAGTIYHYIDDERVKIVLAEAGGKGIDSGMTAATIHLGKMGIIHGSKTLVMQNEDGQIEEPYSISAGLDYPGIGPM
HANLAKQKRAQVLAINDDEALNAAFELTRLEGIIPALESAHALAALEKVKFKPEDVVVLTLSGRGDKDMETYLKYKKNSN
E
;
_entity_poly.pdbx_strand_id   A,D,C,B
#
# COMPACT_ATOMS: atom_id res chain seq x y z
N THR A 3 38.72 4.66 -41.04
CA THR A 3 37.93 3.83 -40.10
C THR A 3 36.60 4.51 -39.77
N TYR A 4 35.60 3.70 -39.43
CA TYR A 4 34.32 4.20 -38.99
C TYR A 4 34.27 4.31 -37.47
N ASN A 5 35.31 3.82 -36.80
CA ASN A 5 35.60 4.20 -35.42
C ASN A 5 36.15 5.63 -35.37
N VAL A 6 36.31 6.15 -34.14
CA VAL A 6 36.65 7.55 -33.97
C VAL A 6 38.05 7.83 -34.52
N ASP A 7 38.24 9.03 -35.07
CA ASP A 7 39.54 9.45 -35.58
C ASP A 7 40.32 10.11 -34.44
N GLU A 8 41.59 10.47 -34.73
CA GLU A 8 42.49 10.94 -33.69
C GLU A 8 42.05 12.28 -33.11
N ASN A 9 41.07 12.95 -33.72
CA ASN A 9 40.57 14.23 -33.23
C ASN A 9 39.24 14.10 -32.50
N GLY A 10 38.66 12.88 -32.42
CA GLY A 10 37.39 12.69 -31.73
C GLY A 10 36.17 12.78 -32.64
N TYR A 11 36.37 12.64 -33.96
CA TYR A 11 35.34 12.83 -34.96
C TYR A 11 35.08 11.51 -35.67
N TYR A 12 33.83 11.35 -36.07
CA TYR A 12 33.37 10.33 -36.99
C TYR A 12 32.94 11.04 -38.27
N GLY A 13 33.88 11.13 -39.23
CA GLY A 13 33.72 12.03 -40.36
C GLY A 13 33.52 13.45 -39.85
N GLU A 14 32.41 14.08 -40.20
CA GLU A 14 32.16 15.45 -39.77
C GLU A 14 31.51 15.51 -38.39
N PHE A 15 31.13 14.36 -37.83
CA PHE A 15 30.28 14.35 -36.65
C PHE A 15 31.14 14.09 -35.42
N GLY A 16 30.63 14.56 -34.26
CA GLY A 16 31.27 14.23 -33.01
C GLY A 16 32.00 15.41 -32.38
N GLY A 17 33.28 15.20 -32.10
CA GLY A 17 34.13 16.20 -31.47
C GLY A 17 33.70 16.49 -30.04
N ALA A 18 34.03 17.71 -29.60
CA ALA A 18 33.70 18.22 -28.28
C ALA A 18 33.36 19.70 -28.42
N TYR A 19 32.04 19.97 -28.56
CA TYR A 19 31.51 21.32 -28.72
C TYR A 19 30.91 21.72 -27.40
N ILE A 20 31.77 22.25 -26.54
CA ILE A 20 31.47 22.39 -25.13
C ILE A 20 31.81 23.82 -24.69
N PRO A 21 31.07 24.41 -23.73
CA PRO A 21 31.50 25.68 -23.12
C PRO A 21 32.88 25.58 -22.49
N GLU A 22 33.53 26.73 -22.32
CA GLU A 22 34.89 26.76 -21.80
C GLU A 22 34.94 26.06 -20.43
N ILE A 23 33.88 26.16 -19.63
CA ILE A 23 33.87 25.59 -18.28
C ILE A 23 34.11 24.07 -18.27
N LEU A 24 33.72 23.36 -19.33
CA LEU A 24 33.89 21.91 -19.42
C LEU A 24 35.26 21.54 -20.00
N HIS A 25 36.03 22.52 -20.49
CA HIS A 25 37.25 22.20 -21.24
C HIS A 25 38.18 21.35 -20.39
N LYS A 26 38.39 21.73 -19.13
CA LYS A 26 39.37 21.08 -18.27
C LYS A 26 38.98 19.63 -17.95
N CYS A 27 37.75 19.39 -17.53
CA CYS A 27 37.34 18.05 -17.12
C CYS A 27 37.24 17.09 -18.31
N VAL A 28 36.82 17.60 -19.48
CA VAL A 28 36.75 16.76 -20.67
C VAL A 28 38.17 16.47 -21.17
N GLU A 29 39.05 17.47 -21.16
CA GLU A 29 40.43 17.21 -21.53
C GLU A 29 41.03 16.15 -20.63
N ASP A 30 40.78 16.26 -19.32
CA ASP A 30 41.33 15.33 -18.34
C ASP A 30 40.85 13.91 -18.62
N LEU A 31 39.56 13.76 -18.94
CA LEU A 31 39.04 12.45 -19.29
C LEU A 31 39.66 11.91 -20.58
N GLN A 32 39.83 12.79 -21.59
CA GLN A 32 40.48 12.41 -22.83
C GLN A 32 41.87 11.85 -22.58
N ASN A 33 42.63 12.45 -21.66
CA ASN A 33 44.00 12.03 -21.34
C ASN A 33 44.05 10.66 -20.67
N ASN A 34 43.02 10.33 -19.87
CA ASN A 34 43.02 9.17 -19.00
C ASN A 34 42.44 7.94 -19.72
N TYR A 35 41.45 8.11 -20.59
CA TYR A 35 40.51 7.02 -20.79
C TYR A 35 41.15 5.86 -21.54
N LEU A 36 41.96 6.16 -22.57
CA LEU A 36 42.50 5.09 -23.39
C LEU A 36 43.65 4.40 -22.68
N LYS A 37 44.50 5.18 -21.97
CA LYS A 37 45.58 4.63 -21.18
C LYS A 37 45.03 3.61 -20.19
N ILE A 38 43.86 3.88 -19.58
CA ILE A 38 43.35 3.00 -18.55
C ILE A 38 42.62 1.81 -19.19
N LEU A 39 41.90 2.07 -20.27
CA LEU A 39 41.07 1.04 -20.89
C LEU A 39 41.96 0.00 -21.56
N GLU A 40 43.16 0.41 -21.99
CA GLU A 40 44.06 -0.51 -22.67
C GLU A 40 44.93 -1.23 -21.65
N SER A 41 44.87 -0.84 -20.38
CA SER A 41 45.80 -1.37 -19.40
C SER A 41 45.39 -2.79 -18.99
N PRO A 42 46.35 -3.72 -18.77
CA PRO A 42 46.00 -5.06 -18.30
C PRO A 42 45.28 -5.19 -16.95
N ASP A 43 45.66 -4.36 -15.96
CA ASP A 43 44.98 -4.26 -14.68
C ASP A 43 43.48 -4.05 -14.93
N PHE A 44 43.15 -3.08 -15.78
CA PHE A 44 41.76 -2.74 -16.03
C PHE A 44 41.06 -3.93 -16.70
N GLN A 45 41.71 -4.46 -17.72
CA GLN A 45 41.12 -5.49 -18.56
C GLN A 45 40.84 -6.70 -17.68
N LYS A 46 41.75 -6.98 -16.75
CA LYS A 46 41.60 -8.16 -15.90
C LYS A 46 40.35 -8.00 -15.03
N GLU A 47 40.22 -6.82 -14.38
CA GLU A 47 39.13 -6.63 -13.44
C GLU A 47 37.82 -6.55 -14.23
N TYR A 48 37.82 -5.86 -15.37
CA TYR A 48 36.63 -5.73 -16.19
C TYR A 48 36.11 -7.12 -16.59
N ASP A 49 37.00 -7.96 -17.17
CA ASP A 49 36.65 -9.32 -17.55
C ASP A 49 36.11 -10.15 -16.38
N GLN A 50 36.71 -10.04 -15.18
CA GLN A 50 36.30 -10.85 -14.04
C GLN A 50 34.86 -10.49 -13.65
N LEU A 51 34.58 -9.17 -13.63
CA LEU A 51 33.23 -8.76 -13.21
C LEU A 51 32.21 -9.09 -14.29
N LEU A 52 32.60 -8.91 -15.53
CA LEU A 52 31.72 -9.25 -16.64
C LEU A 52 31.35 -10.73 -16.55
N ARG A 53 32.33 -11.60 -16.23
CA ARG A 53 32.05 -13.03 -16.10
C ARG A 53 31.18 -13.34 -14.90
N ASP A 54 31.62 -12.95 -13.69
CA ASP A 54 31.06 -13.50 -12.47
C ASP A 54 29.82 -12.74 -12.03
N TYR A 55 29.80 -11.45 -12.33
CA TYR A 55 28.76 -10.57 -11.86
C TYR A 55 27.68 -10.43 -12.92
N VAL A 56 28.08 -10.19 -14.17
CA VAL A 56 27.14 -9.93 -15.24
C VAL A 56 26.68 -11.23 -15.89
N GLY A 57 27.56 -12.24 -15.95
CA GLY A 57 27.28 -13.55 -16.51
C GLY A 57 27.73 -13.71 -17.96
N ARG A 58 28.66 -12.89 -18.40
CA ARG A 58 29.17 -12.97 -19.77
C ARG A 58 30.05 -14.20 -19.95
N PRO A 59 30.21 -14.72 -21.19
CA PRO A 59 29.60 -14.16 -22.40
C PRO A 59 28.11 -14.41 -22.48
N SER A 60 27.38 -13.45 -23.03
CA SER A 60 25.97 -13.64 -23.30
C SER A 60 25.92 -14.64 -24.43
N PRO A 61 24.97 -15.60 -24.40
CA PRO A 61 24.91 -16.59 -25.46
C PRO A 61 24.60 -16.01 -26.82
N LEU A 62 25.03 -16.75 -27.84
CA LEU A 62 24.55 -16.56 -29.19
C LEU A 62 23.59 -17.68 -29.54
N TYR A 63 22.29 -17.35 -29.63
CA TYR A 63 21.24 -18.34 -29.66
C TYR A 63 20.68 -18.45 -31.07
N LEU A 64 20.74 -19.66 -31.64
CA LEU A 64 20.11 -19.89 -32.94
C LEU A 64 18.60 -20.01 -32.72
N ALA A 65 17.87 -19.00 -33.21
CA ALA A 65 16.43 -18.93 -33.05
C ALA A 65 15.80 -19.73 -34.20
N LYS A 66 15.48 -20.99 -33.97
CA LYS A 66 15.12 -21.87 -35.08
C LYS A 66 13.78 -21.51 -35.73
N ARG A 67 12.81 -21.06 -34.94
CA ARG A 67 11.48 -20.75 -35.46
C ARG A 67 11.54 -19.41 -36.19
N LEU A 68 12.28 -18.44 -35.64
CA LEU A 68 12.48 -17.17 -36.32
C LEU A 68 13.17 -17.41 -37.66
N SER A 69 14.17 -18.31 -37.64
CA SER A 69 14.95 -18.61 -38.83
C SER A 69 14.06 -19.20 -39.94
N GLU A 70 13.17 -20.12 -39.57
CA GLU A 70 12.18 -20.68 -40.47
C GLU A 70 11.31 -19.57 -41.08
N LYS A 71 10.80 -18.65 -40.25
CA LYS A 71 9.90 -17.62 -40.73
C LYS A 71 10.57 -16.73 -41.78
N TYR A 72 11.84 -16.38 -41.57
CA TYR A 72 12.49 -15.37 -42.39
C TYR A 72 13.43 -15.99 -43.43
N GLY A 73 13.55 -17.33 -43.44
CA GLY A 73 14.22 -18.04 -44.50
C GLY A 73 15.75 -17.91 -44.48
N CYS A 74 16.36 -17.76 -43.28
CA CYS A 74 17.80 -17.68 -43.15
C CYS A 74 18.20 -18.08 -41.73
N LYS A 75 19.48 -18.00 -41.36
CA LYS A 75 19.87 -18.40 -40.03
C LYS A 75 19.90 -17.15 -39.16
N ILE A 76 19.06 -17.08 -38.12
CA ILE A 76 19.03 -15.88 -37.29
C ILE A 76 19.55 -16.26 -35.91
N TYR A 77 20.69 -15.68 -35.51
CA TYR A 77 21.18 -15.79 -34.16
C TYR A 77 20.76 -14.56 -33.38
N LEU A 78 20.43 -14.77 -32.10
CA LEU A 78 20.13 -13.67 -31.21
C LEU A 78 21.26 -13.55 -30.19
N LYS A 79 21.90 -12.38 -30.17
CA LYS A 79 22.93 -12.10 -29.18
C LYS A 79 22.22 -11.71 -27.89
N ARG A 80 22.35 -12.53 -26.82
CA ARG A 80 21.41 -12.51 -25.70
C ARG A 80 21.80 -11.54 -24.57
N GLU A 81 21.89 -10.23 -24.86
CA GLU A 81 22.19 -9.26 -23.81
C GLU A 81 21.06 -9.20 -22.79
N ASP A 82 19.87 -9.68 -23.18
CA ASP A 82 18.71 -9.77 -22.30
C ASP A 82 18.97 -10.64 -21.06
N LEU A 83 19.98 -11.52 -21.14
CA LEU A 83 20.29 -12.42 -20.04
C LEU A 83 21.33 -11.82 -19.08
N ASN A 84 21.91 -10.67 -19.41
CA ASN A 84 22.85 -10.05 -18.50
C ASN A 84 22.18 -9.72 -17.16
N HIS A 85 22.97 -9.66 -16.08
CA HIS A 85 22.52 -9.01 -14.84
C HIS A 85 22.01 -7.62 -15.16
N THR A 86 20.78 -7.30 -14.69
CA THR A 86 20.04 -6.04 -14.91
C THR A 86 19.16 -6.10 -16.17
N GLY A 87 19.34 -7.13 -16.98
CA GLY A 87 18.54 -7.47 -18.13
C GLY A 87 18.80 -6.66 -19.40
N ALA A 88 19.95 -5.98 -19.51
CA ALA A 88 20.32 -5.29 -20.73
C ALA A 88 21.83 -5.11 -20.79
N HIS A 89 22.27 -4.52 -21.89
CA HIS A 89 23.70 -4.23 -22.12
C HIS A 89 24.22 -3.03 -21.35
N ILE A 91 24.73 -2.44 -18.40
CA ILE A 91 25.59 -2.85 -17.31
C ILE A 91 27.03 -3.00 -17.79
N ASN A 92 27.25 -3.32 -19.07
CA ASN A 92 28.64 -3.42 -19.54
C ASN A 92 29.34 -2.07 -19.36
N ASN A 93 28.64 -1.02 -19.78
CA ASN A 93 29.14 0.33 -19.77
C ASN A 93 29.30 0.86 -18.35
N THR A 94 28.32 0.65 -17.46
CA THR A 94 28.45 1.18 -16.10
C THR A 94 29.53 0.47 -15.32
N ILE A 95 29.75 -0.82 -15.57
CA ILE A 95 30.86 -1.55 -14.97
C ILE A 95 32.18 -0.96 -15.47
N GLY A 96 32.31 -0.82 -16.79
CA GLY A 96 33.53 -0.29 -17.37
C GLY A 96 33.87 1.10 -16.86
N GLN A 97 32.88 2.00 -16.84
CA GLN A 97 33.16 3.36 -16.42
C GLN A 97 33.44 3.46 -14.93
N ILE A 98 32.80 2.65 -14.09
CA ILE A 98 33.09 2.75 -12.66
C ILE A 98 34.54 2.28 -12.39
N LEU A 99 35.00 1.26 -13.14
CA LEU A 99 36.39 0.81 -13.05
C LEU A 99 37.34 1.91 -13.48
N LEU A 100 37.01 2.64 -14.56
CA LEU A 100 37.78 3.78 -15.04
C LEU A 100 37.83 4.86 -13.96
N ALA A 101 36.67 5.12 -13.33
CA ALA A 101 36.56 6.18 -12.35
C ALA A 101 37.47 5.91 -11.16
N ARG A 102 37.40 4.67 -10.66
CA ARG A 102 38.24 4.24 -9.56
C ARG A 102 39.73 4.41 -9.91
N ARG A 103 40.11 4.08 -11.14
CA ARG A 103 41.51 4.17 -11.55
C ARG A 103 41.95 5.62 -11.73
N MET A 104 41.00 6.54 -11.86
CA MET A 104 41.26 7.97 -11.93
C MET A 104 41.19 8.60 -10.53
N GLY A 105 41.02 7.81 -9.49
CA GLY A 105 40.98 8.31 -8.13
C GLY A 105 39.68 9.02 -7.77
N LYS A 106 38.60 8.77 -8.54
CA LYS A 106 37.30 9.36 -8.23
C LYS A 106 36.53 8.46 -7.26
N THR A 107 35.74 9.08 -6.37
CA THR A 107 35.01 8.35 -5.33
C THR A 107 33.50 8.66 -5.40
N ARG A 108 33.11 9.74 -6.09
CA ARG A 108 31.72 10.17 -6.10
C ARG A 108 31.20 10.00 -7.53
N ILE A 109 30.18 9.17 -7.71
CA ILE A 109 29.72 8.80 -9.05
C ILE A 109 28.38 9.46 -9.30
N ILE A 110 28.23 10.16 -10.42
CA ILE A 110 26.97 10.82 -10.75
C ILE A 110 26.58 10.37 -12.15
N ALA A 111 25.27 10.48 -12.43
CA ALA A 111 24.70 10.14 -13.72
C ALA A 111 23.34 10.83 -13.84
N GLU A 112 22.80 10.84 -15.07
CA GLU A 112 21.39 11.22 -15.20
C GLU A 112 20.64 10.05 -15.81
N THR A 113 19.31 10.09 -15.73
CA THR A 113 18.52 9.03 -16.35
C THR A 113 17.17 9.63 -16.78
N GLY A 114 16.62 9.08 -17.88
CA GLY A 114 15.30 9.45 -18.36
C GLY A 114 14.25 8.46 -17.87
N ALA A 115 14.12 7.34 -18.58
CA ALA A 115 13.23 6.25 -18.17
C ALA A 115 13.71 5.58 -16.88
N GLY A 116 15.00 5.64 -16.56
CA GLY A 116 15.42 5.05 -15.28
C GLY A 116 16.42 3.91 -15.43
N GLN A 117 16.54 3.32 -16.63
CA GLN A 117 17.38 2.16 -16.85
C GLN A 117 18.86 2.46 -16.60
N HIS A 118 19.36 3.57 -17.17
CA HIS A 118 20.77 3.92 -16.93
C HIS A 118 21.01 4.25 -15.45
N GLY A 119 20.02 4.87 -14.82
CA GLY A 119 20.14 5.19 -13.42
C GLY A 119 20.22 3.93 -12.56
N VAL A 120 19.39 2.94 -12.88
CA VAL A 120 19.48 1.66 -12.24
C VAL A 120 20.82 0.98 -12.50
N ALA A 121 21.30 0.96 -13.75
CA ALA A 121 22.56 0.30 -14.08
C ALA A 121 23.72 0.97 -13.31
N THR A 122 23.64 2.28 -13.15
CA THR A 122 24.65 3.07 -12.47
C THR A 122 24.61 2.75 -10.96
N ALA A 123 23.40 2.81 -10.36
CA ALA A 123 23.25 2.55 -8.94
C ALA A 123 23.67 1.13 -8.61
N THR A 124 23.43 0.19 -9.55
CA THR A 124 23.77 -1.22 -9.38
C THR A 124 25.26 -1.35 -9.15
N VAL A 125 26.08 -0.71 -10.00
CA VAL A 125 27.53 -0.91 -9.86
C VAL A 125 28.07 -0.11 -8.67
N CYS A 126 27.43 1.00 -8.33
CA CYS A 126 27.85 1.77 -7.15
C CYS A 126 27.56 1.01 -5.85
N ALA A 127 26.50 0.20 -5.83
CA ALA A 127 26.25 -0.70 -4.72
C ALA A 127 27.36 -1.75 -4.57
N LEU A 128 27.66 -2.46 -5.67
CA LEU A 128 28.74 -3.41 -5.81
C LEU A 128 30.04 -2.84 -5.25
N MET A 129 30.34 -1.60 -5.61
CA MET A 129 31.64 -1.00 -5.34
C MET A 129 31.67 -0.18 -4.06
N ASN A 130 30.51 -0.02 -3.39
CA ASN A 130 30.42 0.79 -2.18
C ASN A 130 30.86 2.23 -2.44
N MET A 131 30.31 2.85 -3.50
CA MET A 131 30.65 4.22 -3.87
C MET A 131 29.40 5.08 -3.87
N GLU A 132 29.54 6.28 -3.29
CA GLU A 132 28.51 7.31 -3.32
C GLU A 132 27.96 7.50 -4.75
N CYS A 133 26.64 7.46 -4.88
CA CYS A 133 25.95 7.55 -6.17
C CYS A 133 24.81 8.56 -6.14
N ILE A 134 24.86 9.51 -7.06
CA ILE A 134 23.82 10.50 -7.23
C ILE A 134 23.33 10.42 -8.66
N VAL A 135 22.01 10.23 -8.83
CA VAL A 135 21.45 10.20 -10.15
C VAL A 135 20.48 11.36 -10.32
N TYR A 136 20.68 12.16 -11.38
CA TYR A 136 19.81 13.27 -11.71
C TYR A 136 18.71 12.74 -12.63
N MET A 137 17.49 13.17 -12.36
CA MET A 137 16.35 12.67 -13.11
C MET A 137 15.28 13.75 -13.14
N GLY A 138 14.85 14.08 -14.35
CA GLY A 138 13.81 15.07 -14.56
C GLY A 138 12.58 14.70 -13.74
N LYS A 139 11.99 15.68 -13.03
CA LYS A 139 10.91 15.42 -12.11
C LYS A 139 9.72 14.77 -12.83
N THR A 140 9.45 15.11 -14.10
CA THR A 140 8.36 14.44 -14.80
C THR A 140 8.70 12.96 -14.99
N ASP A 141 9.99 12.67 -15.33
CA ASP A 141 10.47 11.29 -15.39
C ASP A 141 10.37 10.60 -14.03
N VAL A 142 10.76 11.29 -12.94
CA VAL A 142 10.68 10.70 -11.61
C VAL A 142 9.26 10.22 -11.33
N GLU A 143 8.29 11.10 -11.60
CA GLU A 143 6.91 10.87 -11.19
C GLU A 143 6.39 9.55 -11.77
N ARG A 144 6.68 9.29 -13.04
CA ARG A 144 6.04 8.20 -13.76
C ARG A 144 6.98 7.00 -13.97
N GLN A 145 8.05 6.91 -13.16
CA GLN A 145 8.97 5.79 -13.24
C GLN A 145 9.30 5.37 -11.82
N HIS A 146 8.25 5.03 -11.05
CA HIS A 146 8.37 4.83 -9.61
C HIS A 146 9.09 3.54 -9.22
N VAL A 147 9.08 2.50 -10.06
CA VAL A 147 9.75 1.25 -9.71
C VAL A 147 11.24 1.48 -9.90
N ASN A 148 11.64 2.17 -10.96
CA ASN A 148 13.06 2.46 -11.20
C ASN A 148 13.59 3.38 -10.11
N VAL A 149 12.79 4.38 -9.71
CA VAL A 149 13.17 5.25 -8.62
C VAL A 149 13.36 4.44 -7.36
N GLN A 150 12.40 3.55 -7.06
CA GLN A 150 12.52 2.67 -5.92
C GLN A 150 13.73 1.74 -6.00
N LYS A 151 14.05 1.22 -7.18
CA LYS A 151 15.22 0.35 -7.29
C LYS A 151 16.50 1.14 -6.97
N MET A 152 16.59 2.35 -7.52
CA MET A 152 17.78 3.19 -7.34
C MET A 152 17.98 3.43 -5.84
N GLU A 153 16.87 3.77 -5.15
CA GLU A 153 16.91 4.04 -3.72
C GLU A 153 17.28 2.80 -2.92
N MET A 154 16.75 1.62 -3.30
CA MET A 154 17.16 0.37 -2.68
C MET A 154 18.65 0.11 -2.87
N LEU A 155 19.17 0.43 -4.06
CA LEU A 155 20.58 0.26 -4.33
C LEU A 155 21.44 1.29 -3.58
N GLY A 156 20.82 2.24 -2.88
CA GLY A 156 21.52 3.18 -2.00
C GLY A 156 21.96 4.46 -2.70
N ALA A 157 21.47 4.69 -3.93
CA ALA A 157 21.70 5.94 -4.62
C ALA A 157 20.71 7.01 -4.13
N THR A 158 21.14 8.27 -4.26
CA THR A 158 20.27 9.41 -4.08
C THR A 158 19.77 9.82 -5.45
N VAL A 159 18.45 9.87 -5.61
CA VAL A 159 17.82 10.36 -6.84
C VAL A 159 17.46 11.83 -6.63
N VAL A 160 17.94 12.68 -7.53
CA VAL A 160 17.70 14.12 -7.47
C VAL A 160 16.66 14.49 -8.51
N PRO A 161 15.41 14.80 -8.09
CA PRO A 161 14.42 15.32 -9.03
C PRO A 161 14.85 16.68 -9.58
N VAL A 162 14.93 16.76 -10.90
CA VAL A 162 15.36 18.00 -11.52
C VAL A 162 14.11 18.80 -11.93
N THR A 163 14.02 20.00 -11.36
CA THR A 163 12.82 20.83 -11.48
C THR A 163 13.08 22.02 -12.41
N SER A 164 14.25 22.07 -13.05
CA SER A 164 14.60 23.16 -13.95
C SER A 164 14.07 22.89 -15.34
N GLY A 165 14.02 23.93 -16.18
CA GLY A 165 13.51 23.87 -17.53
C GLY A 165 12.13 23.21 -17.58
N ASN A 166 12.01 22.20 -18.46
CA ASN A 166 10.83 21.37 -18.66
C ASN A 166 10.79 20.15 -17.71
N MET A 167 11.81 19.99 -16.85
CA MET A 167 11.89 18.88 -15.90
C MET A 167 11.97 17.53 -16.61
N THR A 168 12.67 17.51 -17.75
CA THR A 168 12.81 16.33 -18.59
C THR A 168 14.28 15.86 -18.57
N LEU A 169 14.62 14.87 -19.41
CA LEU A 169 15.96 14.33 -19.48
C LEU A 169 17.00 15.42 -19.76
N LYS A 170 16.62 16.40 -20.59
CA LYS A 170 17.56 17.42 -21.01
C LYS A 170 18.03 18.23 -19.80
N ASP A 171 17.10 18.52 -18.88
CA ASP A 171 17.38 19.33 -17.71
C ASP A 171 18.22 18.53 -16.73
N ALA A 172 17.91 17.24 -16.59
CA ALA A 172 18.71 16.36 -15.73
C ALA A 172 20.13 16.25 -16.27
N THR A 173 20.28 16.03 -17.58
CA THR A 173 21.59 16.04 -18.21
C THR A 173 22.34 17.33 -17.87
N ASN A 174 21.66 18.49 -18.00
CA ASN A 174 22.30 19.78 -17.75
C ASN A 174 22.78 19.86 -16.30
N GLU A 175 21.96 19.44 -15.32
CA GLU A 175 22.39 19.52 -13.94
C GLU A 175 23.53 18.53 -13.66
N ALA A 176 23.53 17.37 -14.33
CA ALA A 176 24.59 16.39 -14.07
C ALA A 176 25.93 16.95 -14.54
N ILE A 177 25.92 17.59 -15.70
CA ILE A 177 27.13 18.09 -16.34
C ILE A 177 27.73 19.23 -15.52
N ARG A 178 26.85 20.15 -15.07
CA ARG A 178 27.18 21.23 -14.17
C ARG A 178 27.85 20.68 -12.91
N ASP A 179 27.24 19.61 -12.38
CA ASP A 179 27.73 19.00 -11.14
C ASP A 179 29.16 18.50 -11.34
N TRP A 180 29.36 17.67 -12.39
CA TRP A 180 30.66 17.12 -12.70
C TRP A 180 31.70 18.25 -12.82
N CYS A 181 31.38 19.28 -13.62
CA CYS A 181 32.24 20.43 -13.86
C CYS A 181 32.70 21.07 -12.53
N CYS A 182 31.81 21.14 -11.55
CA CYS A 182 32.09 21.83 -10.30
C CYS A 182 32.82 20.94 -9.30
N HIS A 183 33.08 19.67 -9.65
CA HIS A 183 33.73 18.75 -8.74
C HIS A 183 34.92 18.09 -9.45
N PRO A 184 35.96 18.84 -9.89
CA PRO A 184 37.13 18.23 -10.55
C PRO A 184 37.99 17.31 -9.70
N SER A 185 37.74 17.26 -8.39
CA SER A 185 38.59 16.50 -7.49
C SER A 185 38.13 15.04 -7.35
N ASP A 186 36.83 14.84 -7.14
CA ASP A 186 36.36 13.58 -6.59
C ASP A 186 35.32 12.88 -7.48
N THR A 187 34.77 13.56 -8.49
CA THR A 187 33.53 13.15 -9.13
C THR A 187 33.78 12.59 -10.52
N TYR A 188 33.06 11.51 -10.82
CA TYR A 188 33.11 10.94 -12.15
C TYR A 188 31.66 10.87 -12.68
N TYR A 189 31.45 11.32 -13.91
CA TYR A 189 30.15 11.34 -14.59
C TYR A 189 30.01 10.15 -15.56
N ILE A 190 29.12 9.19 -15.22
CA ILE A 190 28.90 8.04 -16.09
C ILE A 190 27.83 8.36 -17.10
N ILE A 191 28.23 8.61 -18.36
CA ILE A 191 27.32 8.90 -19.45
C ILE A 191 26.69 7.57 -19.89
N GLY A 192 25.44 7.63 -20.36
CA GLY A 192 24.63 6.45 -20.49
C GLY A 192 24.64 5.84 -21.90
N SER A 193 25.17 6.56 -22.90
CA SER A 193 25.17 6.05 -24.26
C SER A 193 26.38 6.61 -25.03
N THR A 194 26.40 6.28 -26.33
CA THR A 194 27.48 6.68 -27.22
C THR A 194 27.24 8.10 -27.69
N VAL A 195 27.13 9.01 -26.72
CA VAL A 195 26.70 10.37 -26.93
C VAL A 195 27.68 11.23 -26.13
N GLY A 196 27.59 12.56 -26.30
CA GLY A 196 28.40 13.44 -25.47
C GLY A 196 29.70 13.80 -26.16
N PRO A 197 30.55 14.64 -25.50
CA PRO A 197 31.78 15.14 -26.11
C PRO A 197 32.81 14.03 -26.10
N HIS A 198 33.67 14.01 -27.11
CA HIS A 198 34.81 13.12 -27.10
C HIS A 198 35.51 13.28 -25.76
N PRO A 199 35.85 12.23 -24.98
CA PRO A 199 35.95 10.84 -25.46
C PRO A 199 34.79 9.89 -25.18
N TYR A 200 33.68 10.42 -24.67
CA TYR A 200 32.59 9.57 -24.21
C TYR A 200 32.04 8.65 -25.30
N PRO A 201 31.75 9.11 -26.53
CA PRO A 201 31.25 8.18 -27.55
C PRO A 201 32.17 7.01 -27.84
N ASP A 202 33.49 7.27 -27.94
CA ASP A 202 34.43 6.21 -28.23
C ASP A 202 34.57 5.30 -27.00
N MET A 203 34.56 5.90 -25.81
CA MET A 203 34.73 5.16 -24.58
C MET A 203 33.61 4.13 -24.47
N VAL A 204 32.38 4.61 -24.68
CA VAL A 204 31.23 3.72 -24.47
C VAL A 204 31.20 2.64 -25.56
N ALA A 205 31.56 2.99 -26.81
CA ALA A 205 31.63 2.01 -27.86
C ALA A 205 32.66 0.92 -27.53
N ARG A 206 33.83 1.34 -27.00
CA ARG A 206 34.87 0.40 -26.63
C ARG A 206 34.40 -0.51 -25.50
N LEU A 207 33.69 0.05 -24.52
CA LEU A 207 33.20 -0.79 -23.41
C LEU A 207 32.21 -1.83 -23.93
N GLN A 208 31.31 -1.40 -24.82
CA GLN A 208 30.29 -2.28 -25.38
C GLN A 208 30.85 -3.25 -26.43
N SER A 209 32.09 -3.05 -26.89
CA SER A 209 32.69 -3.87 -27.95
C SER A 209 32.90 -5.32 -27.52
N VAL A 210 32.79 -5.59 -26.22
CA VAL A 210 32.77 -6.96 -25.73
C VAL A 210 31.72 -7.79 -26.45
N ILE A 211 30.61 -7.16 -26.87
CA ILE A 211 29.55 -7.86 -27.59
C ILE A 211 30.10 -8.48 -28.89
N SER A 212 30.73 -7.66 -29.75
CA SER A 212 31.21 -8.13 -31.04
C SER A 212 32.46 -8.99 -30.86
N LYS A 213 33.22 -8.76 -29.80
CA LYS A 213 34.35 -9.63 -29.49
C LYS A 213 33.87 -11.06 -29.29
N GLU A 214 32.80 -11.20 -28.52
CA GLU A 214 32.20 -12.50 -28.30
C GLU A 214 31.56 -13.05 -29.57
N ILE A 215 30.85 -12.22 -30.34
CA ILE A 215 30.20 -12.69 -31.55
C ILE A 215 31.23 -13.35 -32.47
N LYS A 216 32.43 -12.77 -32.57
CA LYS A 216 33.48 -13.35 -33.41
C LYS A 216 33.81 -14.75 -32.96
N LYS A 217 33.98 -14.94 -31.64
CA LYS A 217 34.35 -16.24 -31.13
C LYS A 217 33.21 -17.24 -31.30
N GLN A 218 31.98 -16.79 -31.05
CA GLN A 218 30.81 -17.64 -31.04
C GLN A 218 30.43 -18.10 -32.45
N LEU A 219 30.48 -17.19 -33.43
CA LEU A 219 30.28 -17.55 -34.82
C LEU A 219 31.37 -18.52 -35.28
N GLN A 220 32.62 -18.29 -34.87
CA GLN A 220 33.69 -19.18 -35.32
C GLN A 220 33.36 -20.61 -34.87
N GLU A 221 32.92 -20.77 -33.62
CA GLU A 221 32.56 -22.07 -33.09
C GLU A 221 31.33 -22.66 -33.79
N LYS A 222 30.32 -21.84 -34.12
CA LYS A 222 29.04 -22.37 -34.55
C LYS A 222 28.93 -22.50 -36.07
N GLU A 223 29.59 -21.60 -36.81
CA GLU A 223 29.49 -21.52 -38.26
C GLU A 223 30.80 -21.84 -38.98
N GLY A 224 31.93 -21.78 -38.29
CA GLY A 224 33.24 -22.01 -38.92
C GLY A 224 33.76 -20.77 -39.66
N ARG A 225 33.14 -19.61 -39.43
CA ARG A 225 33.61 -18.33 -39.95
C ARG A 225 33.30 -17.32 -38.86
N ASP A 226 34.08 -16.24 -38.77
CA ASP A 226 34.00 -15.36 -37.60
C ASP A 226 33.14 -14.11 -37.84
N TYR A 227 32.40 -14.04 -38.96
CA TYR A 227 31.67 -12.82 -39.32
C TYR A 227 30.29 -13.24 -39.87
N PRO A 228 29.21 -12.52 -39.54
CA PRO A 228 27.90 -12.74 -40.15
C PRO A 228 27.72 -11.89 -41.39
N ASP A 229 26.64 -12.15 -42.12
CA ASP A 229 26.24 -11.38 -43.29
C ASP A 229 25.49 -10.10 -42.90
N TYR A 230 24.86 -10.11 -41.71
CA TYR A 230 24.13 -8.98 -41.18
C TYR A 230 24.32 -8.90 -39.65
N LEU A 231 24.48 -7.65 -39.21
CA LEU A 231 24.34 -7.23 -37.81
C LEU A 231 23.12 -6.33 -37.76
N ILE A 232 22.20 -6.62 -36.82
CA ILE A 232 20.98 -5.85 -36.68
C ILE A 232 20.83 -5.42 -35.21
N ALA A 233 20.72 -4.12 -35.00
CA ALA A 233 20.54 -3.56 -33.66
C ALA A 233 19.62 -2.36 -33.68
N CYS A 234 18.92 -2.12 -32.56
CA CYS A 234 18.19 -0.89 -32.30
C CYS A 234 19.13 0.20 -31.79
N VAL A 235 18.76 1.48 -32.02
CA VAL A 235 19.51 2.63 -31.57
C VAL A 235 18.61 3.61 -30.83
N GLY A 236 19.09 3.99 -29.66
CA GLY A 236 18.70 5.21 -28.98
C GLY A 236 19.84 6.17 -29.18
N GLY A 237 20.70 6.27 -28.16
CA GLY A 237 21.97 6.94 -28.32
C GLY A 237 22.93 6.18 -29.24
N GLY A 238 22.90 4.84 -29.16
CA GLY A 238 23.68 4.04 -30.06
C GLY A 238 24.62 3.03 -29.41
N SER A 239 24.52 2.80 -28.10
CA SER A 239 25.55 2.00 -27.43
C SER A 239 25.47 0.50 -27.74
N ASN A 240 24.30 -0.16 -27.74
CA ASN A 240 24.33 -1.59 -28.00
C ASN A 240 24.68 -1.86 -29.46
N ALA A 241 24.24 -0.95 -30.34
CA ALA A 241 24.66 -1.03 -31.74
C ALA A 241 26.16 -0.82 -31.91
N ALA A 242 26.75 0.18 -31.24
CA ALA A 242 28.18 0.40 -31.31
C ALA A 242 28.95 -0.84 -30.89
N GLY A 243 28.56 -1.48 -29.78
CA GLY A 243 29.28 -2.67 -29.34
C GLY A 243 29.16 -3.86 -30.30
N THR A 244 27.94 -4.06 -30.78
CA THR A 244 27.57 -5.07 -31.74
C THR A 244 28.44 -4.96 -32.99
N ILE A 245 28.73 -3.74 -33.47
CA ILE A 245 29.40 -3.59 -34.76
C ILE A 245 30.90 -3.29 -34.60
N TYR A 246 31.34 -2.97 -33.38
CA TYR A 246 32.66 -2.37 -33.19
C TYR A 246 33.75 -3.13 -33.96
N HIS A 247 33.86 -4.43 -33.72
CA HIS A 247 34.94 -5.23 -34.27
C HIS A 247 34.66 -5.65 -35.71
N TYR A 248 33.53 -5.21 -36.26
CA TYR A 248 33.21 -5.48 -37.66
C TYR A 248 33.03 -4.20 -38.49
N ILE A 249 33.24 -3.03 -37.90
CA ILE A 249 32.73 -1.76 -38.41
C ILE A 249 33.35 -1.38 -39.77
N ASP A 250 34.57 -1.84 -40.02
CA ASP A 250 35.29 -1.49 -41.25
C ASP A 250 35.19 -2.60 -42.28
N ASP A 251 34.57 -3.72 -41.92
CA ASP A 251 34.47 -4.86 -42.81
C ASP A 251 33.11 -4.85 -43.49
N GLU A 252 33.09 -4.36 -44.74
CA GLU A 252 31.83 -4.11 -45.42
C GLU A 252 31.19 -5.39 -45.92
N ARG A 253 31.83 -6.54 -45.74
CA ARG A 253 31.15 -7.81 -45.96
C ARG A 253 29.98 -7.95 -44.99
N VAL A 254 30.11 -7.32 -43.82
CA VAL A 254 29.11 -7.43 -42.78
C VAL A 254 28.17 -6.24 -42.93
N LYS A 255 26.95 -6.48 -43.41
CA LYS A 255 25.96 -5.44 -43.55
C LYS A 255 25.47 -5.01 -42.17
N ILE A 256 25.18 -3.73 -42.00
CA ILE A 256 24.68 -3.20 -40.72
C ILE A 256 23.30 -2.61 -40.96
N VAL A 257 22.31 -3.04 -40.15
CA VAL A 257 20.95 -2.51 -40.18
C VAL A 257 20.62 -1.98 -38.79
N LEU A 258 20.42 -0.67 -38.72
CA LEU A 258 20.08 0.04 -37.50
C LEU A 258 18.59 0.32 -37.51
N ALA A 259 17.91 0.01 -36.39
CA ALA A 259 16.48 0.34 -36.27
C ALA A 259 16.29 1.47 -35.27
N GLU A 260 15.74 2.59 -35.76
CA GLU A 260 15.38 3.72 -34.90
C GLU A 260 13.86 3.75 -34.71
N ALA A 261 13.40 4.54 -33.73
CA ALA A 261 12.02 4.60 -33.33
C ALA A 261 11.26 5.58 -34.23
N GLY A 262 10.39 5.02 -35.06
CA GLY A 262 9.44 5.78 -35.87
C GLY A 262 8.21 6.31 -35.12
N GLY A 263 7.94 5.77 -33.93
CA GLY A 263 6.82 6.21 -33.10
C GLY A 263 5.50 5.96 -33.84
N LYS A 264 4.71 7.04 -34.03
CA LYS A 264 3.48 6.94 -34.81
C LYS A 264 3.69 7.02 -36.32
N GLY A 265 4.93 7.27 -36.76
CA GLY A 265 5.33 7.26 -38.17
C GLY A 265 6.14 8.52 -38.49
N ILE A 266 7.08 8.45 -39.42
CA ILE A 266 8.02 9.56 -39.61
C ILE A 266 7.29 10.82 -40.07
N ASP A 267 6.07 10.70 -40.63
CA ASP A 267 5.32 11.88 -41.07
C ASP A 267 4.22 12.29 -40.09
N SER A 268 4.24 11.74 -38.86
CA SER A 268 3.13 11.88 -37.94
C SER A 268 3.33 13.06 -36.98
N GLY A 269 4.57 13.57 -36.87
CA GLY A 269 4.93 14.55 -35.84
C GLY A 269 5.14 13.97 -34.45
N MET A 270 5.06 12.63 -34.32
CA MET A 270 5.32 11.95 -33.07
C MET A 270 6.23 10.77 -33.33
N THR A 271 7.53 11.03 -33.25
CA THR A 271 8.50 10.14 -33.84
C THR A 271 9.82 10.43 -33.15
N ALA A 272 10.78 9.50 -33.27
CA ALA A 272 12.10 9.65 -32.69
C ALA A 272 13.20 9.26 -33.69
N ALA A 273 12.86 9.35 -34.98
CA ALA A 273 13.70 8.87 -36.06
C ALA A 273 14.76 9.92 -36.43
N THR A 274 15.77 10.07 -35.58
CA THR A 274 16.75 11.13 -35.70
C THR A 274 17.55 11.02 -36.98
N ILE A 275 17.93 9.81 -37.38
CA ILE A 275 18.72 9.67 -38.59
C ILE A 275 17.90 10.10 -39.81
N HIS A 276 16.62 9.70 -39.85
CA HIS A 276 15.74 10.07 -40.94
C HIS A 276 15.43 11.58 -40.96
N LEU A 277 15.24 12.21 -39.79
CA LEU A 277 14.57 13.50 -39.74
C LEU A 277 15.41 14.61 -39.10
N GLY A 278 16.53 14.25 -38.46
CA GLY A 278 17.31 15.22 -37.69
C GLY A 278 18.11 16.15 -38.63
N LYS A 279 18.51 17.31 -38.09
CA LYS A 279 19.48 18.17 -38.75
C LYS A 279 20.70 18.35 -37.84
N MET A 280 21.78 18.91 -38.40
CA MET A 280 22.99 19.09 -37.62
C MET A 280 22.70 20.00 -36.44
N GLY A 281 23.32 19.65 -35.32
CA GLY A 281 23.14 20.39 -34.10
C GLY A 281 24.22 19.98 -33.12
N ILE A 282 24.22 20.66 -31.97
CA ILE A 282 25.08 20.33 -30.85
C ILE A 282 24.16 19.82 -29.75
N ILE A 283 24.37 18.57 -29.29
CA ILE A 283 23.60 18.05 -28.17
C ILE A 283 24.57 17.37 -27.18
N HIS A 284 24.52 17.84 -25.93
CA HIS A 284 25.38 17.37 -24.84
C HIS A 284 26.83 17.31 -25.29
N GLY A 285 27.25 18.35 -26.01
CA GLY A 285 28.64 18.56 -26.39
C GLY A 285 29.07 17.80 -27.65
N SER A 286 28.13 17.17 -28.36
CA SER A 286 28.46 16.39 -29.56
C SER A 286 27.81 17.02 -30.78
N LYS A 287 28.56 17.10 -31.88
CA LYS A 287 28.03 17.60 -33.13
C LYS A 287 27.44 16.43 -33.89
N THR A 288 26.11 16.39 -34.00
CA THR A 288 25.46 15.21 -34.56
C THR A 288 24.10 15.60 -35.11
N LEU A 289 23.33 14.60 -35.52
CA LEU A 289 21.97 14.84 -35.98
C LEU A 289 21.05 14.95 -34.77
N VAL A 290 20.15 15.95 -34.75
CA VAL A 290 19.24 16.23 -33.66
C VAL A 290 17.90 16.67 -34.24
N MET A 291 16.80 16.07 -33.76
CA MET A 291 15.48 16.48 -34.22
C MET A 291 15.22 17.90 -33.70
N GLN A 292 14.93 18.80 -34.63
CA GLN A 292 14.74 20.19 -34.29
C GLN A 292 13.39 20.64 -34.86
N ASN A 293 12.71 21.54 -34.12
CA ASN A 293 11.42 22.06 -34.57
C ASN A 293 11.66 23.18 -35.59
N GLU A 294 10.57 23.78 -36.07
CA GLU A 294 10.66 24.82 -37.09
C GLU A 294 11.33 26.09 -36.55
N ASP A 295 11.42 26.25 -35.22
CA ASP A 295 12.14 27.34 -34.57
C ASP A 295 13.57 26.96 -34.17
N GLY A 296 14.05 25.79 -34.64
CA GLY A 296 15.43 25.39 -34.47
C GLY A 296 15.72 24.79 -33.10
N GLN A 297 14.70 24.69 -32.24
CA GLN A 297 14.80 24.20 -30.88
C GLN A 297 14.86 22.67 -30.89
N ILE A 298 15.67 22.08 -29.99
CA ILE A 298 15.77 20.63 -29.85
C ILE A 298 14.39 20.08 -29.50
N GLU A 299 13.85 19.20 -30.35
CA GLU A 299 12.43 18.85 -30.35
C GLU A 299 12.12 17.73 -29.34
N GLU A 300 10.81 17.51 -29.11
CA GLU A 300 10.35 16.44 -28.22
C GLU A 300 10.00 15.18 -29.00
N PRO A 301 10.82 14.13 -28.85
CA PRO A 301 10.67 12.91 -29.63
C PRO A 301 9.54 12.14 -28.97
N TYR A 302 8.98 11.22 -29.73
CA TYR A 302 8.03 10.28 -29.20
C TYR A 302 8.38 8.87 -29.68
N SER A 303 8.31 7.90 -28.74
CA SER A 303 8.28 6.47 -29.05
C SER A 303 7.47 5.75 -27.99
N ILE A 304 6.87 4.61 -28.37
CA ILE A 304 6.29 3.68 -27.40
C ILE A 304 7.36 3.20 -26.43
N SER A 305 8.61 3.18 -26.89
CA SER A 305 9.72 2.75 -26.08
C SER A 305 10.48 3.95 -25.53
N ALA A 306 10.44 4.17 -24.21
CA ALA A 306 11.14 5.29 -23.61
C ALA A 306 12.64 5.22 -23.90
N GLY A 307 13.19 4.00 -23.98
CA GLY A 307 14.62 3.83 -24.21
C GLY A 307 15.10 4.42 -25.54
N LEU A 308 14.20 4.58 -26.54
CA LEU A 308 14.56 5.02 -27.88
C LEU A 308 14.09 6.45 -28.17
N ASP A 309 13.50 7.15 -27.19
CA ASP A 309 12.91 8.45 -27.51
C ASP A 309 13.86 9.58 -27.12
N TYR A 310 15.09 9.49 -27.64
CA TYR A 310 16.12 10.50 -27.46
C TYR A 310 16.12 11.34 -28.74
N PRO A 311 16.24 12.69 -28.64
CA PRO A 311 16.21 13.55 -29.83
C PRO A 311 17.42 13.48 -30.77
N GLY A 312 18.59 13.15 -30.20
CA GLY A 312 19.86 13.03 -30.91
C GLY A 312 20.21 11.58 -31.25
N ILE A 313 21.39 11.38 -31.84
CA ILE A 313 21.90 10.05 -32.14
C ILE A 313 23.39 10.15 -31.92
N GLY A 314 24.04 9.06 -31.49
CA GLY A 314 25.48 9.11 -31.36
C GLY A 314 26.16 9.47 -32.69
N PRO A 315 27.27 10.23 -32.66
CA PRO A 315 27.94 10.66 -33.89
C PRO A 315 28.38 9.51 -34.78
N MET A 316 28.76 8.38 -34.17
CA MET A 316 29.14 7.19 -34.90
C MET A 316 28.09 6.83 -35.94
N HIS A 317 26.81 6.84 -35.54
CA HIS A 317 25.75 6.32 -36.38
C HIS A 317 25.31 7.35 -37.41
N ALA A 318 25.34 8.64 -37.03
CA ALA A 318 25.16 9.70 -38.02
C ALA A 318 26.11 9.46 -39.19
N ASN A 319 27.39 9.19 -38.89
CA ASN A 319 28.43 8.99 -39.90
C ASN A 319 28.13 7.71 -40.68
N LEU A 320 27.79 6.61 -39.99
CA LEU A 320 27.54 5.36 -40.69
C LEU A 320 26.42 5.53 -41.71
N ALA A 321 25.36 6.23 -41.33
CA ALA A 321 24.21 6.44 -42.19
C ALA A 321 24.59 7.35 -43.36
N LYS A 322 25.29 8.44 -43.11
CA LYS A 322 25.62 9.36 -44.19
C LYS A 322 26.45 8.66 -45.27
N GLN A 323 27.43 7.87 -44.82
CA GLN A 323 28.38 7.22 -45.71
C GLN A 323 27.77 5.98 -46.32
N LYS A 324 26.54 5.63 -45.90
CA LYS A 324 25.81 4.45 -46.36
C LYS A 324 26.51 3.16 -45.94
N ARG A 325 27.30 3.20 -44.86
CA ARG A 325 27.92 1.99 -44.34
C ARG A 325 26.86 1.14 -43.60
N ALA A 326 25.82 1.80 -43.10
CA ALA A 326 24.71 1.13 -42.44
C ALA A 326 23.41 1.53 -43.10
N GLN A 327 22.48 0.57 -43.23
CA GLN A 327 21.09 0.86 -43.57
C GLN A 327 20.36 1.26 -42.29
N VAL A 328 19.50 2.29 -42.35
CA VAL A 328 18.76 2.70 -41.19
C VAL A 328 17.27 2.58 -41.48
N LEU A 329 16.55 1.95 -40.55
CA LEU A 329 15.12 1.83 -40.70
C LEU A 329 14.41 2.56 -39.55
N ALA A 330 13.31 3.27 -39.86
CA ALA A 330 12.49 3.87 -38.83
C ALA A 330 11.30 2.96 -38.59
N ILE A 331 11.34 2.22 -37.47
CA ILE A 331 10.38 1.18 -37.14
C ILE A 331 9.30 1.80 -36.26
N ASN A 332 8.03 1.60 -36.63
CA ASN A 332 6.96 2.26 -35.91
C ASN A 332 6.54 1.46 -34.67
N ASP A 333 5.82 2.11 -33.77
CA ASP A 333 5.33 1.48 -32.56
C ASP A 333 4.63 0.15 -32.83
N ASP A 334 3.65 0.15 -33.75
CA ASP A 334 2.90 -1.07 -34.04
C ASP A 334 3.79 -2.20 -34.57
N GLU A 335 4.77 -1.87 -35.42
CA GLU A 335 5.72 -2.85 -35.91
C GLU A 335 6.56 -3.43 -34.77
N ALA A 336 7.05 -2.60 -33.83
CA ALA A 336 7.80 -3.05 -32.68
C ALA A 336 6.97 -3.97 -31.79
N LEU A 337 5.73 -3.58 -31.48
CA LEU A 337 4.83 -4.41 -30.67
C LEU A 337 4.58 -5.75 -31.35
N ASN A 338 4.27 -5.73 -32.67
CA ASN A 338 4.06 -6.97 -33.37
C ASN A 338 5.27 -7.90 -33.27
N ALA A 339 6.48 -7.34 -33.42
CA ALA A 339 7.69 -8.14 -33.35
C ALA A 339 7.92 -8.72 -31.96
N ALA A 340 7.56 -7.95 -30.91
CA ALA A 340 7.73 -8.43 -29.55
C ALA A 340 6.82 -9.62 -29.30
N PHE A 341 5.55 -9.51 -29.72
CA PHE A 341 4.63 -10.61 -29.53
C PHE A 341 5.08 -11.84 -30.33
N GLU A 342 5.67 -11.62 -31.52
CA GLU A 342 6.12 -12.69 -32.38
C GLU A 342 7.29 -13.42 -31.72
N LEU A 343 8.25 -12.69 -31.16
CA LEU A 343 9.38 -13.39 -30.56
C LEU A 343 8.90 -14.21 -29.36
N THR A 344 7.98 -13.63 -28.59
CA THR A 344 7.44 -14.30 -27.42
C THR A 344 6.83 -15.64 -27.84
N ARG A 345 5.99 -15.59 -28.88
CA ARG A 345 5.29 -16.80 -29.34
C ARG A 345 6.23 -17.84 -29.98
N LEU A 346 7.23 -17.38 -30.74
CA LEU A 346 8.07 -18.26 -31.52
C LEU A 346 9.26 -18.80 -30.73
N GLU A 347 9.81 -18.03 -29.80
CA GLU A 347 11.02 -18.51 -29.13
C GLU A 347 10.93 -18.50 -27.61
N GLY A 348 9.77 -18.06 -27.07
CA GLY A 348 9.64 -18.00 -25.62
C GLY A 348 10.54 -16.94 -24.97
N ILE A 349 10.90 -15.89 -25.73
CA ILE A 349 11.69 -14.80 -25.23
C ILE A 349 10.86 -13.51 -25.32
N ILE A 350 10.66 -12.83 -24.18
CA ILE A 350 9.91 -11.59 -24.18
C ILE A 350 10.95 -10.50 -24.27
N PRO A 351 11.08 -9.80 -25.42
CA PRO A 351 12.11 -8.78 -25.59
C PRO A 351 11.72 -7.46 -24.99
N ALA A 352 12.74 -6.64 -24.68
CA ALA A 352 12.55 -5.23 -24.41
C ALA A 352 11.89 -4.57 -25.64
N LEU A 353 11.08 -3.56 -25.37
CA LEU A 353 10.46 -2.79 -26.46
C LEU A 353 11.50 -2.16 -27.37
N GLU A 354 12.66 -1.76 -26.82
CA GLU A 354 13.73 -1.21 -27.64
C GLU A 354 14.14 -2.29 -28.66
N SER A 355 14.49 -3.46 -28.12
CA SER A 355 15.00 -4.56 -28.93
C SER A 355 13.97 -4.98 -29.98
N ALA A 356 12.69 -4.84 -29.64
CA ALA A 356 11.61 -5.22 -30.52
C ALA A 356 11.64 -4.39 -31.82
N HIS A 357 12.17 -3.17 -31.78
CA HIS A 357 12.39 -2.39 -33.00
C HIS A 357 13.36 -3.12 -33.93
N ALA A 358 14.43 -3.70 -33.37
CA ALA A 358 15.39 -4.45 -34.17
C ALA A 358 14.73 -5.69 -34.74
N LEU A 359 13.96 -6.40 -33.93
CA LEU A 359 13.24 -7.60 -34.40
C LEU A 359 12.31 -7.27 -35.57
N ALA A 360 11.69 -6.10 -35.54
CA ALA A 360 10.74 -5.72 -36.57
C ALA A 360 11.45 -5.52 -37.91
N ALA A 361 12.74 -5.16 -37.86
CA ALA A 361 13.53 -4.98 -39.06
C ALA A 361 13.59 -6.25 -39.91
N LEU A 362 13.46 -7.43 -39.28
CA LEU A 362 13.52 -8.70 -40.01
C LEU A 362 12.46 -8.76 -41.12
N GLU A 363 11.32 -8.10 -40.91
CA GLU A 363 10.23 -8.14 -41.89
C GLU A 363 10.58 -7.30 -43.13
N LYS A 364 11.65 -6.49 -43.07
CA LYS A 364 11.85 -5.42 -44.04
C LYS A 364 12.99 -5.71 -45.01
N VAL A 365 13.69 -6.83 -44.81
CA VAL A 365 14.90 -7.14 -45.54
C VAL A 365 14.71 -8.49 -46.21
N LYS A 366 15.05 -8.61 -47.51
CA LYS A 366 14.93 -9.87 -48.21
C LYS A 366 16.20 -10.68 -48.00
N PHE A 367 16.13 -11.64 -47.10
CA PHE A 367 17.31 -12.41 -46.76
C PHE A 367 17.47 -13.56 -47.75
N LYS A 368 18.73 -13.98 -47.93
CA LYS A 368 19.07 -15.17 -48.71
C LYS A 368 19.16 -16.39 -47.79
N PRO A 369 18.91 -17.62 -48.33
CA PRO A 369 18.82 -18.80 -47.48
C PRO A 369 20.12 -19.08 -46.72
N GLU A 370 21.28 -18.70 -47.25
CA GLU A 370 22.54 -18.97 -46.54
C GLU A 370 23.01 -17.78 -45.69
N ASP A 371 22.18 -16.73 -45.64
CA ASP A 371 22.55 -15.55 -44.87
C ASP A 371 22.59 -15.95 -43.40
N VAL A 372 23.61 -15.43 -42.72
CA VAL A 372 23.76 -15.52 -41.28
C VAL A 372 23.54 -14.11 -40.73
N VAL A 373 22.52 -14.00 -39.88
CA VAL A 373 22.11 -12.76 -39.29
C VAL A 373 22.38 -12.86 -37.79
N VAL A 374 23.01 -11.85 -37.25
CA VAL A 374 23.12 -11.71 -35.80
C VAL A 374 22.37 -10.43 -35.42
N LEU A 375 21.35 -10.60 -34.57
CA LEU A 375 20.56 -9.52 -34.04
C LEU A 375 20.79 -9.46 -32.54
N THR A 376 21.05 -8.24 -32.08
CA THR A 376 21.31 -8.00 -30.66
C THR A 376 19.99 -7.81 -29.94
N LEU A 377 19.67 -8.75 -29.03
CA LEU A 377 18.53 -8.64 -28.15
C LEU A 377 19.02 -7.85 -26.95
N SER A 378 18.92 -6.53 -27.07
CA SER A 378 19.55 -5.60 -26.15
C SER A 378 19.00 -5.75 -24.74
N GLY A 379 17.74 -6.17 -24.58
CA GLY A 379 17.18 -6.25 -23.25
C GLY A 379 16.03 -7.22 -23.17
N ARG A 380 15.69 -7.58 -21.94
CA ARG A 380 14.48 -8.36 -21.73
C ARG A 380 13.31 -7.43 -21.43
N GLY A 381 12.11 -8.00 -21.57
CA GLY A 381 10.86 -7.25 -21.63
C GLY A 381 10.07 -7.24 -20.33
N ASP A 382 10.61 -7.78 -19.22
CA ASP A 382 9.89 -7.68 -17.94
C ASP A 382 9.48 -6.25 -17.63
N LYS A 383 10.38 -5.29 -17.83
CA LYS A 383 10.13 -3.89 -17.53
C LYS A 383 9.00 -3.31 -18.39
N ASP A 384 8.68 -3.98 -19.51
CA ASP A 384 7.71 -3.48 -20.48
C ASP A 384 6.35 -4.18 -20.36
N MET A 385 6.18 -5.01 -19.31
CA MET A 385 5.01 -5.89 -19.29
C MET A 385 3.71 -5.10 -19.18
N GLU A 386 3.72 -3.94 -18.53
CA GLU A 386 2.49 -3.18 -18.40
C GLU A 386 2.10 -2.68 -19.80
N THR A 387 3.09 -2.23 -20.58
CA THR A 387 2.84 -1.83 -21.96
C THR A 387 2.32 -3.04 -22.77
N TYR A 388 2.96 -4.21 -22.62
CA TYR A 388 2.53 -5.38 -23.38
C TYR A 388 1.09 -5.77 -23.03
N LEU A 389 0.71 -5.68 -21.75
CA LEU A 389 -0.66 -6.05 -21.36
C LEU A 389 -1.68 -5.06 -21.92
N LYS A 390 -1.30 -3.78 -21.95
CA LYS A 390 -2.18 -2.72 -22.43
C LYS A 390 -2.37 -2.82 -23.94
N TYR A 391 -1.31 -3.17 -24.68
CA TYR A 391 -1.34 -3.16 -26.14
C TYR A 391 -1.68 -4.53 -26.73
N LYS A 392 -1.69 -5.61 -25.95
CA LYS A 392 -1.99 -6.96 -26.44
C LYS A 392 -3.40 -7.03 -27.05
N LYS A 393 -3.49 -7.85 -28.10
CA LYS A 393 -4.70 -8.45 -28.63
C LYS A 393 -5.41 -7.42 -29.53
N THR B 3 -32.02 -18.77 13.07
CA THR B 3 -31.51 -20.06 13.61
C THR B 3 -30.25 -19.81 14.44
N TYR B 4 -29.24 -19.03 13.97
CA TYR B 4 -28.20 -18.57 14.89
C TYR B 4 -28.66 -17.37 15.70
N ASN B 5 -29.81 -16.77 15.32
CA ASN B 5 -30.49 -15.85 16.21
C ASN B 5 -31.22 -16.65 17.28
N VAL B 6 -31.84 -15.95 18.20
CA VAL B 6 -32.40 -16.59 19.38
C VAL B 6 -33.56 -17.50 18.94
N ASP B 7 -33.70 -18.63 19.66
CA ASP B 7 -34.82 -19.54 19.45
C ASP B 7 -36.03 -19.08 20.26
N GLU B 8 -37.18 -19.74 19.99
CA GLU B 8 -38.43 -19.39 20.62
C GLU B 8 -38.32 -19.42 22.14
N ASN B 9 -37.34 -20.15 22.67
CA ASN B 9 -37.25 -20.32 24.12
C ASN B 9 -36.26 -19.34 24.75
N GLY B 10 -35.56 -18.52 23.96
CA GLY B 10 -34.54 -17.62 24.51
C GLY B 10 -33.12 -18.19 24.49
N TYR B 11 -32.86 -19.19 23.64
CA TYR B 11 -31.55 -19.81 23.59
C TYR B 11 -30.88 -19.70 22.22
N TYR B 12 -29.54 -19.71 22.28
CA TYR B 12 -28.67 -19.95 21.16
C TYR B 12 -28.00 -21.29 21.36
N GLY B 13 -28.53 -22.34 20.73
CA GLY B 13 -28.13 -23.70 21.04
C GLY B 13 -28.40 -23.94 22.51
N GLU B 14 -27.37 -24.37 23.27
CA GLU B 14 -27.56 -24.63 24.70
C GLU B 14 -27.33 -23.39 25.57
N PHE B 15 -26.82 -22.31 24.96
CA PHE B 15 -26.50 -21.11 25.71
C PHE B 15 -27.68 -20.14 25.76
N GLY B 16 -27.66 -19.31 26.80
CA GLY B 16 -28.58 -18.20 26.89
C GLY B 16 -29.65 -18.47 27.95
N GLY B 17 -30.90 -18.37 27.54
CA GLY B 17 -32.02 -18.57 28.42
C GLY B 17 -32.10 -17.49 29.49
N ALA B 18 -32.78 -17.84 30.56
CA ALA B 18 -32.90 -16.97 31.71
C ALA B 18 -32.72 -17.89 32.90
N TYR B 19 -31.54 -17.85 33.51
CA TYR B 19 -31.20 -18.69 34.65
C TYR B 19 -31.09 -17.76 35.84
N ILE B 20 -32.22 -17.58 36.52
CA ILE B 20 -32.47 -16.35 37.24
C ILE B 20 -33.21 -16.65 38.56
N PRO B 21 -32.87 -15.94 39.68
CA PRO B 21 -33.57 -16.11 40.96
C PRO B 21 -34.99 -15.57 40.84
N GLU B 22 -35.82 -15.94 41.80
CA GLU B 22 -37.26 -15.71 41.78
C GLU B 22 -37.61 -14.23 41.69
N ILE B 23 -36.85 -13.37 42.38
CA ILE B 23 -37.09 -11.92 42.40
C ILE B 23 -37.17 -11.36 40.98
N LEU B 24 -36.44 -11.94 40.02
CA LEU B 24 -36.40 -11.44 38.64
C LEU B 24 -37.45 -12.08 37.74
N HIS B 25 -38.22 -13.08 38.22
CA HIS B 25 -39.06 -13.84 37.31
C HIS B 25 -40.07 -12.95 36.60
N LYS B 26 -40.64 -12.00 37.34
CA LYS B 26 -41.80 -11.28 36.88
C LYS B 26 -41.45 -10.21 35.85
N CYS B 27 -40.44 -9.39 36.15
CA CYS B 27 -40.07 -8.26 35.30
C CYS B 27 -39.44 -8.75 34.00
N VAL B 28 -38.71 -9.88 34.06
CA VAL B 28 -38.12 -10.51 32.88
C VAL B 28 -39.24 -11.04 31.98
N GLU B 29 -40.24 -11.69 32.58
CA GLU B 29 -41.32 -12.24 31.78
C GLU B 29 -42.09 -11.10 31.13
N ASP B 30 -42.27 -10.02 31.87
CA ASP B 30 -42.93 -8.84 31.36
C ASP B 30 -42.18 -8.22 30.17
N LEU B 31 -40.87 -8.05 30.32
CA LEU B 31 -40.04 -7.55 29.23
C LEU B 31 -40.09 -8.50 28.04
N GLN B 32 -40.06 -9.81 28.28
CA GLN B 32 -40.19 -10.79 27.22
C GLN B 32 -41.48 -10.61 26.43
N ASN B 33 -42.55 -10.26 27.15
CA ASN B 33 -43.88 -10.19 26.55
C ASN B 33 -44.01 -8.95 25.67
N ASN B 34 -43.25 -7.90 25.98
CA ASN B 34 -43.46 -6.60 25.38
C ASN B 34 -42.45 -6.28 24.28
N TYR B 35 -41.21 -6.77 24.37
CA TYR B 35 -40.12 -6.12 23.67
C TYR B 35 -40.29 -6.25 22.16
N LEU B 36 -40.76 -7.41 21.69
CA LEU B 36 -40.80 -7.65 20.26
C LEU B 36 -41.98 -6.90 19.66
N LYS B 37 -43.13 -6.98 20.35
CA LYS B 37 -44.32 -6.24 19.97
C LYS B 37 -43.98 -4.78 19.67
N ILE B 38 -43.21 -4.17 20.59
CA ILE B 38 -42.91 -2.77 20.46
C ILE B 38 -41.84 -2.55 19.37
N LEU B 39 -40.77 -3.36 19.39
CA LEU B 39 -39.68 -3.19 18.41
C LEU B 39 -40.22 -3.33 16.99
N GLU B 40 -41.22 -4.19 16.79
CA GLU B 40 -41.72 -4.49 15.46
C GLU B 40 -42.77 -3.48 15.01
N SER B 41 -43.13 -2.54 15.87
CA SER B 41 -44.25 -1.67 15.57
C SER B 41 -43.77 -0.48 14.73
N PRO B 42 -44.58 -0.03 13.74
CA PRO B 42 -44.30 1.21 13.02
C PRO B 42 -44.04 2.49 13.84
N ASP B 43 -44.69 2.62 14.99
CA ASP B 43 -44.53 3.80 15.84
C ASP B 43 -43.08 3.88 16.34
N PHE B 44 -42.60 2.77 16.90
CA PHE B 44 -41.24 2.67 17.38
C PHE B 44 -40.28 2.87 16.21
N GLN B 45 -40.55 2.18 15.11
CA GLN B 45 -39.59 2.13 14.00
C GLN B 45 -39.41 3.54 13.43
N LYS B 46 -40.49 4.30 13.30
CA LYS B 46 -40.40 5.65 12.77
C LYS B 46 -39.55 6.55 13.69
N GLU B 47 -39.78 6.46 15.02
CA GLU B 47 -39.12 7.35 15.96
C GLU B 47 -37.66 6.92 16.11
N TYR B 48 -37.41 5.61 16.07
CA TYR B 48 -36.05 5.09 16.16
C TYR B 48 -35.24 5.61 14.98
N ASP B 49 -35.76 5.37 13.77
CA ASP B 49 -35.08 5.79 12.54
C ASP B 49 -34.84 7.29 12.54
N GLN B 50 -35.81 8.09 12.99
CA GLN B 50 -35.67 9.54 12.97
C GLN B 50 -34.49 10.00 13.83
N LEU B 51 -34.41 9.50 15.07
CA LEU B 51 -33.34 9.85 15.98
C LEU B 51 -32.02 9.26 15.48
N LEU B 52 -32.04 8.04 14.95
CA LEU B 52 -30.81 7.47 14.41
C LEU B 52 -30.24 8.38 13.32
N ARG B 53 -31.09 8.86 12.40
CA ARG B 53 -30.62 9.71 11.31
C ARG B 53 -30.16 11.07 11.85
N ASP B 54 -31.03 11.79 12.60
CA ASP B 54 -30.85 13.19 12.84
C ASP B 54 -29.96 13.47 14.04
N TYR B 55 -30.01 12.58 15.04
CA TYR B 55 -29.27 12.79 16.27
C TYR B 55 -27.95 12.03 16.23
N VAL B 56 -27.99 10.78 15.77
CA VAL B 56 -26.81 9.93 15.75
C VAL B 56 -25.96 10.14 14.49
N GLY B 57 -26.60 10.47 13.36
CA GLY B 57 -25.89 10.67 12.11
C GLY B 57 -25.88 9.44 11.20
N ARG B 58 -26.85 8.54 11.39
CA ARG B 58 -26.91 7.34 10.57
C ARG B 58 -27.49 7.66 9.19
N PRO B 59 -27.17 6.88 8.15
CA PRO B 59 -26.36 5.67 8.27
C PRO B 59 -24.89 6.02 8.47
N SER B 60 -24.21 5.19 9.27
CA SER B 60 -22.76 5.38 9.35
C SER B 60 -22.21 4.95 7.99
N PRO B 61 -21.16 5.61 7.48
CA PRO B 61 -20.62 5.25 6.17
C PRO B 61 -19.93 3.91 6.12
N LEU B 62 -19.91 3.38 4.89
CA LEU B 62 -19.14 2.19 4.56
C LEU B 62 -17.96 2.66 3.71
N TYR B 63 -16.77 2.64 4.32
CA TYR B 63 -15.61 3.35 3.79
C TYR B 63 -14.59 2.36 3.25
N LEU B 64 -14.25 2.51 1.96
CA LEU B 64 -13.23 1.67 1.35
C LEU B 64 -11.88 2.24 1.79
N ALA B 65 -11.18 1.45 2.60
CA ALA B 65 -9.90 1.83 3.17
C ALA B 65 -8.80 1.39 2.19
N LYS B 66 -8.40 2.31 1.32
CA LYS B 66 -7.62 1.93 0.15
C LYS B 66 -6.21 1.52 0.53
N ARG B 67 -5.64 2.17 1.55
CA ARG B 67 -4.27 1.87 1.99
C ARG B 67 -4.22 0.59 2.83
N LEU B 68 -5.22 0.36 3.68
CA LEU B 68 -5.38 -0.91 4.34
C LEU B 68 -5.62 -2.05 3.34
N SER B 69 -6.43 -1.79 2.31
CA SER B 69 -6.74 -2.74 1.26
C SER B 69 -5.46 -3.15 0.50
N GLU B 70 -4.61 -2.18 0.18
CA GLU B 70 -3.34 -2.47 -0.51
C GLU B 70 -2.44 -3.34 0.37
N LYS B 71 -2.41 -3.05 1.68
CA LYS B 71 -1.61 -3.81 2.63
C LYS B 71 -2.01 -5.28 2.70
N TYR B 72 -3.32 -5.56 2.73
CA TYR B 72 -3.81 -6.89 3.02
C TYR B 72 -4.26 -7.59 1.74
N GLY B 73 -4.20 -6.91 0.58
CA GLY B 73 -4.41 -7.53 -0.72
C GLY B 73 -5.87 -7.93 -1.02
N CYS B 74 -6.84 -7.10 -0.63
CA CYS B 74 -8.24 -7.41 -0.86
C CYS B 74 -8.98 -6.10 -0.62
N LYS B 75 -10.30 -6.08 -0.77
CA LYS B 75 -11.04 -4.87 -0.54
C LYS B 75 -11.55 -4.84 0.90
N ILE B 76 -11.08 -3.86 1.66
CA ILE B 76 -11.45 -3.76 3.07
C ILE B 76 -12.27 -2.49 3.25
N TYR B 77 -13.53 -2.68 3.57
CA TYR B 77 -14.43 -1.61 3.97
C TYR B 77 -14.53 -1.54 5.50
N LEU B 78 -14.62 -0.32 6.00
CA LEU B 78 -14.77 -0.06 7.42
C LEU B 78 -16.17 0.50 7.60
N LYS B 79 -16.93 -0.18 8.47
CA LYS B 79 -18.26 0.28 8.87
C LYS B 79 -18.08 1.29 9.99
N ARG B 80 -18.37 2.56 9.71
CA ARG B 80 -17.82 3.68 10.47
C ARG B 80 -18.68 4.08 11.69
N GLU B 81 -18.88 3.15 12.61
CA GLU B 81 -19.60 3.46 13.84
C GLU B 81 -18.83 4.50 14.67
N ASP B 82 -17.52 4.62 14.43
CA ASP B 82 -16.67 5.63 15.06
C ASP B 82 -17.20 7.04 14.82
N LEU B 83 -18.01 7.26 13.78
CA LEU B 83 -18.51 8.60 13.48
C LEU B 83 -19.84 8.93 14.16
N ASN B 84 -20.45 7.96 14.83
CA ASN B 84 -21.70 8.18 15.51
C ASN B 84 -21.57 9.24 16.59
N HIS B 85 -22.67 9.98 16.86
CA HIS B 85 -22.75 10.75 18.09
C HIS B 85 -22.41 9.82 19.26
N THR B 86 -21.53 10.30 20.14
CA THR B 86 -20.93 9.64 21.31
C THR B 86 -19.68 8.84 20.92
N GLY B 87 -19.45 8.63 19.64
CA GLY B 87 -18.22 8.02 19.16
C GLY B 87 -18.19 6.48 19.12
N ALA B 88 -19.32 5.82 19.32
CA ALA B 88 -19.38 4.37 19.17
C ALA B 88 -20.81 3.94 18.88
N HIS B 89 -21.02 2.63 18.85
CA HIS B 89 -22.29 2.03 18.54
C HIS B 89 -23.24 1.98 19.75
N ILE B 91 -24.72 4.00 21.47
CA ILE B 91 -25.84 4.92 21.32
C ILE B 91 -27.02 4.28 20.59
N ASN B 92 -26.80 3.37 19.63
CA ASN B 92 -27.92 2.74 18.95
C ASN B 92 -28.84 2.04 19.97
N ASN B 93 -28.22 1.26 20.85
CA ASN B 93 -28.90 0.48 21.88
C ASN B 93 -29.56 1.38 22.93
N THR B 94 -28.86 2.42 23.39
CA THR B 94 -29.42 3.25 24.44
C THR B 94 -30.62 4.01 23.86
N ILE B 95 -30.52 4.47 22.61
CA ILE B 95 -31.69 5.11 22.00
C ILE B 95 -32.87 4.13 21.87
N GLY B 96 -32.62 2.93 21.39
CA GLY B 96 -33.65 1.94 21.16
C GLY B 96 -34.35 1.56 22.46
N GLN B 97 -33.54 1.36 23.52
CA GLN B 97 -34.08 0.83 24.75
C GLN B 97 -34.85 1.94 25.47
N ILE B 98 -34.42 3.21 25.35
CA ILE B 98 -35.17 4.30 25.99
C ILE B 98 -36.51 4.51 25.27
N LEU B 99 -36.53 4.34 23.94
CA LEU B 99 -37.78 4.32 23.21
C LEU B 99 -38.67 3.16 23.67
N LEU B 100 -38.10 1.96 23.88
CA LEU B 100 -38.87 0.80 24.34
C LEU B 100 -39.47 1.13 25.70
N ALA B 101 -38.61 1.60 26.61
CA ALA B 101 -38.96 2.02 27.96
C ALA B 101 -40.19 2.93 27.97
N ARG B 102 -40.12 4.00 27.20
CA ARG B 102 -41.22 4.94 27.07
C ARG B 102 -42.52 4.25 26.64
N ARG B 103 -42.44 3.30 25.69
CA ARG B 103 -43.61 2.62 25.18
C ARG B 103 -44.09 1.55 26.17
N MET B 104 -43.27 1.22 27.18
CA MET B 104 -43.67 0.31 28.24
C MET B 104 -44.22 1.11 29.44
N GLY B 105 -44.42 2.41 29.21
CA GLY B 105 -44.90 3.32 30.22
C GLY B 105 -43.91 3.51 31.36
N LYS B 106 -42.62 3.23 31.11
CA LYS B 106 -41.60 3.48 32.12
C LYS B 106 -41.13 4.91 32.01
N THR B 107 -40.67 5.47 33.13
CA THR B 107 -40.34 6.89 33.21
C THR B 107 -39.03 7.08 33.97
N ARG B 108 -38.57 6.07 34.70
CA ARG B 108 -37.30 6.15 35.41
C ARG B 108 -36.33 5.12 34.84
N ILE B 109 -35.11 5.58 34.49
CA ILE B 109 -34.19 4.79 33.68
C ILE B 109 -32.94 4.50 34.51
N ILE B 110 -32.62 3.22 34.70
CA ILE B 110 -31.42 2.88 35.42
C ILE B 110 -30.49 2.05 34.56
N ALA B 111 -29.21 2.15 34.85
CA ALA B 111 -28.22 1.33 34.18
C ALA B 111 -27.15 1.06 35.22
N GLU B 112 -26.24 0.16 34.87
CA GLU B 112 -24.98 0.09 35.59
C GLU B 112 -23.93 0.36 34.55
N THR B 113 -22.77 0.83 34.99
CA THR B 113 -21.67 0.97 34.06
C THR B 113 -20.38 0.61 34.77
N GLY B 114 -19.39 0.26 33.96
CA GLY B 114 -18.09 -0.14 34.47
C GLY B 114 -17.06 0.91 34.09
N ALA B 115 -16.61 0.80 32.84
CA ALA B 115 -15.74 1.77 32.20
C ALA B 115 -16.48 3.09 31.96
N GLY B 116 -17.81 3.05 31.92
CA GLY B 116 -18.61 4.27 31.92
C GLY B 116 -19.10 4.68 30.52
N GLN B 117 -18.75 3.91 29.47
CA GLN B 117 -19.18 4.25 28.13
C GLN B 117 -20.69 4.02 28.00
N HIS B 118 -21.18 2.87 28.49
CA HIS B 118 -22.60 2.63 28.56
C HIS B 118 -23.28 3.70 29.42
N GLY B 119 -22.64 4.06 30.54
CA GLY B 119 -23.16 5.12 31.40
C GLY B 119 -23.39 6.45 30.68
N VAL B 120 -22.38 6.90 29.94
CA VAL B 120 -22.43 8.10 29.13
C VAL B 120 -23.49 7.96 28.04
N ALA B 121 -23.51 6.82 27.33
CA ALA B 121 -24.50 6.62 26.29
C ALA B 121 -25.92 6.63 26.87
N THR B 122 -26.09 6.13 28.10
CA THR B 122 -27.41 6.10 28.73
C THR B 122 -27.83 7.52 29.12
N ALA B 123 -26.92 8.24 29.75
CA ALA B 123 -27.17 9.59 30.24
C ALA B 123 -27.45 10.55 29.09
N THR B 124 -26.77 10.31 27.96
CA THR B 124 -26.96 11.08 26.74
C THR B 124 -28.41 11.06 26.31
N VAL B 125 -29.03 9.89 26.26
CA VAL B 125 -30.37 9.75 25.73
C VAL B 125 -31.38 10.23 26.78
N CYS B 126 -31.09 9.99 28.05
CA CYS B 126 -32.00 10.52 29.07
C CYS B 126 -32.02 12.06 29.06
N ALA B 127 -30.89 12.72 28.74
CA ALA B 127 -30.88 14.16 28.55
C ALA B 127 -31.82 14.59 27.43
N LEU B 128 -31.62 14.02 26.23
CA LEU B 128 -32.47 14.23 25.07
C LEU B 128 -33.95 14.14 25.45
N MET B 129 -34.29 13.12 26.25
CA MET B 129 -35.66 12.72 26.48
C MET B 129 -36.22 13.30 27.78
N ASN B 130 -35.38 13.98 28.56
CA ASN B 130 -35.82 14.57 29.82
C ASN B 130 -36.40 13.49 30.72
N MET B 131 -35.59 12.44 30.94
CA MET B 131 -35.98 11.32 31.77
C MET B 131 -34.96 11.15 32.88
N GLU B 132 -35.49 10.83 34.06
CA GLU B 132 -34.66 10.58 35.23
C GLU B 132 -33.69 9.46 34.87
N CYS B 133 -32.44 9.66 35.21
CA CYS B 133 -31.40 8.71 34.88
C CYS B 133 -30.56 8.44 36.11
N ILE B 134 -30.53 7.18 36.53
CA ILE B 134 -29.60 6.76 37.55
C ILE B 134 -28.68 5.66 37.01
N VAL B 135 -27.37 5.85 37.26
CA VAL B 135 -26.35 4.91 36.84
C VAL B 135 -25.56 4.46 38.05
N TYR B 136 -25.68 3.15 38.34
CA TYR B 136 -24.91 2.49 39.38
C TYR B 136 -23.53 2.13 38.85
N MET B 137 -22.52 2.39 39.67
CA MET B 137 -21.16 2.24 39.21
C MET B 137 -20.29 1.90 40.41
N GLY B 138 -19.48 0.83 40.28
CA GLY B 138 -18.60 0.42 41.36
C GLY B 138 -17.67 1.56 41.73
N LYS B 139 -17.54 1.81 43.05
CA LYS B 139 -16.75 2.94 43.50
C LYS B 139 -15.33 2.88 42.93
N THR B 140 -14.77 1.68 42.76
CA THR B 140 -13.40 1.57 42.25
C THR B 140 -13.38 2.03 40.78
N ASP B 141 -14.50 1.86 40.08
CA ASP B 141 -14.64 2.36 38.72
C ASP B 141 -14.82 3.88 38.74
N VAL B 142 -15.70 4.37 39.63
CA VAL B 142 -15.98 5.80 39.73
C VAL B 142 -14.66 6.53 39.86
N GLU B 143 -13.81 6.04 40.76
CA GLU B 143 -12.56 6.69 41.14
C GLU B 143 -11.63 6.85 39.94
N ARG B 144 -11.67 5.95 38.96
CA ARG B 144 -10.67 6.00 37.89
C ARG B 144 -11.29 6.31 36.52
N GLN B 145 -12.59 6.62 36.46
CA GLN B 145 -13.16 7.08 35.21
C GLN B 145 -13.68 8.50 35.39
N HIS B 146 -12.78 9.43 35.69
CA HIS B 146 -13.18 10.75 36.16
C HIS B 146 -13.95 11.49 35.06
N VAL B 147 -13.54 11.30 33.80
CA VAL B 147 -14.13 12.06 32.71
C VAL B 147 -15.54 11.54 32.42
N ASN B 148 -15.67 10.23 32.27
CA ASN B 148 -16.98 9.62 32.06
C ASN B 148 -17.96 10.00 33.19
N VAL B 149 -17.48 10.06 34.43
CA VAL B 149 -18.36 10.45 35.53
C VAL B 149 -18.76 11.92 35.35
N GLN B 150 -17.79 12.76 34.99
CA GLN B 150 -18.07 14.16 34.79
C GLN B 150 -19.12 14.34 33.69
N LYS B 151 -19.01 13.57 32.60
CA LYS B 151 -19.93 13.73 31.48
C LYS B 151 -21.33 13.36 31.95
N MET B 152 -21.44 12.21 32.64
CA MET B 152 -22.73 11.72 33.11
C MET B 152 -23.39 12.80 33.97
N GLU B 153 -22.58 13.51 34.77
CA GLU B 153 -23.14 14.49 35.68
C GLU B 153 -23.64 15.70 34.89
N MET B 154 -22.78 16.19 33.98
CA MET B 154 -23.09 17.27 33.05
C MET B 154 -24.36 16.97 32.22
N LEU B 155 -24.58 15.70 31.81
CA LEU B 155 -25.77 15.26 31.11
C LEU B 155 -26.99 15.13 32.04
N GLY B 156 -26.81 15.34 33.35
CA GLY B 156 -27.91 15.40 34.32
C GLY B 156 -28.21 14.08 35.02
N ALA B 157 -27.37 13.06 34.84
CA ALA B 157 -27.64 11.77 35.48
C ALA B 157 -27.07 11.76 36.91
N THR B 158 -27.63 10.88 37.75
CA THR B 158 -27.11 10.59 39.09
C THR B 158 -26.26 9.34 39.00
N VAL B 159 -24.97 9.50 39.32
CA VAL B 159 -24.03 8.40 39.40
C VAL B 159 -23.99 7.89 40.85
N VAL B 160 -24.47 6.66 41.09
CA VAL B 160 -24.50 6.06 42.42
C VAL B 160 -23.24 5.21 42.59
N PRO B 161 -22.25 5.63 43.41
CA PRO B 161 -21.08 4.77 43.69
C PRO B 161 -21.54 3.55 44.50
N VAL B 162 -21.11 2.36 44.08
CA VAL B 162 -21.54 1.15 44.75
C VAL B 162 -20.39 0.68 45.62
N THR B 163 -20.68 0.49 46.91
CA THR B 163 -19.69 0.12 47.91
C THR B 163 -19.87 -1.33 48.38
N SER B 164 -20.86 -2.07 47.84
CA SER B 164 -21.04 -3.49 48.16
C SER B 164 -19.84 -4.27 47.60
N GLY B 165 -19.58 -5.45 48.18
CA GLY B 165 -18.54 -6.34 47.71
C GLY B 165 -17.18 -5.64 47.66
N ASN B 166 -16.44 -5.85 46.55
CA ASN B 166 -15.21 -5.11 46.28
C ASN B 166 -15.54 -4.00 45.28
N MET B 167 -16.81 -3.60 45.27
CA MET B 167 -17.21 -2.34 44.67
C MET B 167 -16.75 -2.30 43.22
N THR B 168 -17.20 -3.28 42.42
CA THR B 168 -16.97 -3.21 40.99
C THR B 168 -18.28 -3.51 40.27
N LEU B 169 -18.16 -3.79 38.97
CA LEU B 169 -19.32 -3.93 38.10
C LEU B 169 -20.32 -4.97 38.63
N LYS B 170 -19.81 -6.06 39.19
CA LYS B 170 -20.62 -7.14 39.73
C LYS B 170 -21.60 -6.57 40.75
N ASP B 171 -21.05 -5.79 41.68
CA ASP B 171 -21.82 -5.21 42.77
C ASP B 171 -22.82 -4.18 42.22
N ALA B 172 -22.39 -3.39 41.20
CA ALA B 172 -23.26 -2.40 40.59
C ALA B 172 -24.47 -3.03 39.89
N THR B 173 -24.19 -4.12 39.16
CA THR B 173 -25.20 -4.89 38.44
C THR B 173 -26.26 -5.39 39.43
N ASN B 174 -25.81 -6.01 40.54
CA ASN B 174 -26.72 -6.54 41.55
C ASN B 174 -27.55 -5.40 42.17
N GLU B 175 -26.96 -4.21 42.36
CA GLU B 175 -27.75 -3.11 42.89
C GLU B 175 -28.79 -2.66 41.88
N ALA B 176 -28.38 -2.56 40.61
CA ALA B 176 -29.30 -2.23 39.53
C ALA B 176 -30.40 -3.28 39.42
N ILE B 177 -30.05 -4.58 39.51
CA ILE B 177 -31.06 -5.64 39.37
C ILE B 177 -32.12 -5.49 40.47
N ARG B 178 -31.67 -5.41 41.74
CA ARG B 178 -32.55 -5.28 42.90
C ARG B 178 -33.53 -4.12 42.73
N ASP B 179 -32.95 -2.99 42.33
CA ASP B 179 -33.71 -1.76 42.13
C ASP B 179 -34.82 -2.06 41.14
N TRP B 180 -34.45 -2.69 40.01
CA TRP B 180 -35.43 -2.91 38.96
C TRP B 180 -36.57 -3.77 39.51
N CYS B 181 -36.22 -4.89 40.18
CA CYS B 181 -37.18 -5.83 40.73
C CYS B 181 -38.14 -5.17 41.73
N CYS B 182 -37.67 -4.13 42.44
CA CYS B 182 -38.49 -3.37 43.39
C CYS B 182 -39.30 -2.26 42.74
N HIS B 183 -39.12 -2.05 41.43
CA HIS B 183 -39.88 -1.00 40.76
C HIS B 183 -40.55 -1.59 39.52
N PRO B 184 -41.53 -2.49 39.69
CA PRO B 184 -42.24 -3.04 38.54
C PRO B 184 -43.18 -2.07 37.82
N SER B 185 -43.35 -0.86 38.40
CA SER B 185 -44.29 0.11 37.86
C SER B 185 -43.60 1.07 36.89
N ASP B 186 -42.47 1.65 37.32
CA ASP B 186 -42.01 2.90 36.71
C ASP B 186 -40.61 2.78 36.10
N THR B 187 -39.91 1.66 36.34
CA THR B 187 -38.48 1.63 36.05
C THR B 187 -38.18 0.69 34.87
N TYR B 188 -37.23 1.14 34.05
CA TYR B 188 -36.66 0.35 32.97
C TYR B 188 -35.16 0.25 33.20
N TYR B 189 -34.61 -0.94 33.06
CA TYR B 189 -33.19 -1.18 33.21
C TYR B 189 -32.55 -1.39 31.83
N ILE B 190 -31.59 -0.52 31.45
CA ILE B 190 -30.96 -0.56 30.12
C ILE B 190 -29.65 -1.33 30.23
N ILE B 191 -29.66 -2.57 29.75
CA ILE B 191 -28.49 -3.42 29.72
C ILE B 191 -27.59 -2.93 28.59
N GLY B 192 -26.26 -3.03 28.81
CA GLY B 192 -25.26 -2.37 28.00
C GLY B 192 -24.74 -3.22 26.82
N SER B 193 -25.05 -4.53 26.79
CA SER B 193 -24.51 -5.41 25.75
C SER B 193 -25.45 -6.60 25.52
N THR B 194 -25.02 -7.58 24.70
CA THR B 194 -25.81 -8.74 24.29
C THR B 194 -25.68 -9.81 25.37
N VAL B 195 -26.07 -9.41 26.58
CA VAL B 195 -25.79 -10.16 27.79
C VAL B 195 -27.08 -10.13 28.64
N GLY B 196 -27.04 -10.89 29.73
CA GLY B 196 -28.14 -10.86 30.65
C GLY B 196 -29.22 -11.86 30.24
N PRO B 197 -30.36 -11.91 30.96
CA PRO B 197 -31.36 -12.93 30.70
C PRO B 197 -32.20 -12.62 29.46
N HIS B 198 -32.65 -13.68 28.76
CA HIS B 198 -33.61 -13.49 27.69
C HIS B 198 -34.74 -12.63 28.26
N PRO B 199 -35.17 -11.52 27.60
CA PRO B 199 -34.82 -11.20 26.22
C PRO B 199 -33.68 -10.23 25.87
N TYR B 200 -32.88 -9.83 26.85
CA TYR B 200 -31.95 -8.75 26.58
C TYR B 200 -30.96 -9.09 25.46
N PRO B 201 -30.31 -10.28 25.41
CA PRO B 201 -29.37 -10.54 24.31
C PRO B 201 -30.05 -10.28 22.97
N ASP B 202 -31.27 -10.80 22.76
CA ASP B 202 -31.92 -10.66 21.47
C ASP B 202 -32.32 -9.20 21.22
N MET B 203 -32.81 -8.55 22.28
CA MET B 203 -33.21 -7.17 22.15
C MET B 203 -32.03 -6.30 21.69
N VAL B 204 -30.89 -6.42 22.36
CA VAL B 204 -29.74 -5.58 22.03
C VAL B 204 -29.23 -5.97 20.64
N ALA B 205 -29.17 -7.26 20.30
CA ALA B 205 -28.84 -7.66 18.94
C ALA B 205 -29.72 -6.95 17.90
N ARG B 206 -31.06 -6.99 18.11
CA ARG B 206 -32.01 -6.41 17.16
C ARG B 206 -31.82 -4.90 17.03
N LEU B 207 -31.54 -4.22 18.14
CA LEU B 207 -31.33 -2.80 18.11
C LEU B 207 -30.07 -2.47 17.31
N GLN B 208 -29.01 -3.27 17.54
CA GLN B 208 -27.78 -3.05 16.81
C GLN B 208 -27.88 -3.55 15.36
N SER B 209 -28.90 -4.34 15.00
CA SER B 209 -28.99 -4.87 13.62
C SER B 209 -29.10 -3.79 12.55
N VAL B 210 -29.44 -2.55 12.92
CA VAL B 210 -29.36 -1.43 11.98
C VAL B 210 -27.99 -1.41 11.27
N ILE B 211 -26.93 -1.86 11.96
CA ILE B 211 -25.60 -1.89 11.36
C ILE B 211 -25.63 -2.78 10.10
N SER B 212 -26.02 -4.07 10.20
CA SER B 212 -26.03 -4.96 9.05
C SER B 212 -27.15 -4.60 8.06
N LYS B 213 -28.25 -3.98 8.52
CA LYS B 213 -29.27 -3.52 7.59
C LYS B 213 -28.68 -2.51 6.61
N GLU B 214 -27.86 -1.59 7.15
CA GLU B 214 -27.21 -0.60 6.34
C GLU B 214 -26.15 -1.26 5.47
N ILE B 215 -25.37 -2.19 6.06
CA ILE B 215 -24.28 -2.83 5.30
C ILE B 215 -24.88 -3.46 4.03
N LYS B 216 -26.04 -4.12 4.14
CA LYS B 216 -26.66 -4.74 2.97
C LYS B 216 -26.92 -3.72 1.85
N LYS B 217 -27.49 -2.56 2.18
CA LYS B 217 -27.78 -1.52 1.19
C LYS B 217 -26.51 -0.90 0.61
N GLN B 218 -25.51 -0.70 1.47
CA GLN B 218 -24.27 -0.03 1.10
C GLN B 218 -23.40 -0.93 0.19
N LEU B 219 -23.35 -2.23 0.46
CA LEU B 219 -22.63 -3.15 -0.41
C LEU B 219 -23.37 -3.27 -1.75
N GLN B 220 -24.70 -3.32 -1.73
CA GLN B 220 -25.46 -3.40 -2.97
C GLN B 220 -25.03 -2.25 -3.89
N GLU B 221 -24.96 -1.05 -3.30
CA GLU B 221 -24.60 0.16 -4.01
C GLU B 221 -23.14 0.12 -4.49
N LYS B 222 -22.20 -0.27 -3.62
CA LYS B 222 -20.79 -0.17 -3.94
C LYS B 222 -20.26 -1.38 -4.71
N GLU B 223 -20.82 -2.56 -4.48
CA GLU B 223 -20.21 -3.78 -4.99
C GLU B 223 -21.17 -4.52 -5.93
N GLY B 224 -22.47 -4.24 -5.89
CA GLY B 224 -23.44 -4.87 -6.79
C GLY B 224 -23.91 -6.22 -6.24
N ARG B 225 -23.58 -6.49 -4.96
CA ARG B 225 -24.05 -7.66 -4.24
C ARG B 225 -24.21 -7.23 -2.78
N ASP B 226 -25.16 -7.84 -2.07
CA ASP B 226 -25.56 -7.30 -0.78
C ASP B 226 -24.90 -8.04 0.39
N TYR B 227 -23.96 -8.96 0.13
CA TYR B 227 -23.22 -9.63 1.19
C TYR B 227 -21.73 -9.55 0.92
N PRO B 228 -20.90 -9.42 1.99
CA PRO B 228 -19.46 -9.49 1.87
C PRO B 228 -18.98 -10.92 2.08
N ASP B 229 -17.70 -11.13 1.83
CA ASP B 229 -17.07 -12.42 2.04
C ASP B 229 -16.70 -12.61 3.51
N TYR B 230 -16.35 -11.51 4.20
CA TYR B 230 -16.08 -11.54 5.64
C TYR B 230 -16.77 -10.38 6.36
N LEU B 231 -17.27 -10.67 7.56
CA LEU B 231 -17.55 -9.68 8.59
C LEU B 231 -16.55 -9.90 9.71
N ILE B 232 -15.91 -8.81 10.16
CA ILE B 232 -14.96 -8.83 11.27
C ILE B 232 -15.41 -7.82 12.32
N ALA B 233 -15.49 -8.27 13.58
CA ALA B 233 -15.81 -7.39 14.69
C ALA B 233 -15.10 -7.86 15.95
N CYS B 234 -14.87 -6.89 16.83
CA CYS B 234 -14.42 -7.16 18.18
C CYS B 234 -15.61 -7.48 19.08
N VAL B 235 -15.31 -8.17 20.20
CA VAL B 235 -16.33 -8.62 21.14
C VAL B 235 -15.85 -8.34 22.56
N GLY B 236 -16.71 -7.62 23.29
CA GLY B 236 -16.76 -7.61 24.76
C GLY B 236 -17.93 -8.51 25.09
N GLY B 237 -19.05 -7.91 25.49
CA GLY B 237 -20.31 -8.60 25.65
C GLY B 237 -20.88 -9.13 24.33
N GLY B 238 -20.59 -8.45 23.21
CA GLY B 238 -20.98 -8.98 21.91
C GLY B 238 -21.91 -8.09 21.05
N SER B 239 -22.26 -6.86 21.46
CA SER B 239 -23.32 -6.10 20.82
C SER B 239 -22.97 -5.52 19.45
N ASN B 240 -21.78 -4.93 19.27
CA ASN B 240 -21.49 -4.39 17.94
C ASN B 240 -21.34 -5.55 16.95
N ALA B 241 -20.76 -6.66 17.41
CA ALA B 241 -20.66 -7.83 16.55
C ALA B 241 -22.04 -8.39 16.19
N ALA B 242 -22.92 -8.49 17.18
CA ALA B 242 -24.29 -8.99 16.96
C ALA B 242 -24.99 -8.16 15.88
N GLY B 243 -24.89 -6.84 15.99
CA GLY B 243 -25.53 -5.93 15.04
C GLY B 243 -24.94 -6.09 13.64
N THR B 244 -23.61 -6.21 13.60
CA THR B 244 -22.87 -6.38 12.35
C THR B 244 -23.29 -7.67 11.62
N ILE B 245 -23.58 -8.76 12.35
CA ILE B 245 -23.84 -10.04 11.70
C ILE B 245 -25.32 -10.40 11.64
N TYR B 246 -26.19 -9.67 12.35
CA TYR B 246 -27.60 -10.00 12.52
C TYR B 246 -28.26 -10.44 11.21
N HIS B 247 -28.16 -9.64 10.14
CA HIS B 247 -28.96 -9.91 8.95
C HIS B 247 -28.21 -10.86 8.02
N TYR B 248 -27.07 -11.38 8.48
CA TYR B 248 -26.24 -12.31 7.75
C TYR B 248 -25.99 -13.61 8.51
N ILE B 249 -26.54 -13.74 9.70
CA ILE B 249 -26.01 -14.72 10.63
C ILE B 249 -26.26 -16.15 10.12
N ASP B 250 -27.29 -16.33 9.30
CA ASP B 250 -27.68 -17.64 8.82
C ASP B 250 -27.18 -17.92 7.42
N ASP B 251 -26.56 -16.91 6.80
CA ASP B 251 -26.06 -17.04 5.44
C ASP B 251 -24.59 -17.44 5.48
N GLU B 252 -24.30 -18.73 5.25
CA GLU B 252 -22.94 -19.20 5.40
C GLU B 252 -22.08 -18.79 4.23
N ARG B 253 -22.64 -18.05 3.26
CA ARG B 253 -21.79 -17.45 2.27
C ARG B 253 -20.89 -16.39 2.91
N VAL B 254 -21.28 -15.88 4.11
CA VAL B 254 -20.57 -14.82 4.80
C VAL B 254 -19.78 -15.38 5.98
N LYS B 255 -18.46 -15.34 5.90
CA LYS B 255 -17.61 -15.78 6.99
C LYS B 255 -17.59 -14.71 8.08
N ILE B 256 -17.63 -15.15 9.33
CA ILE B 256 -17.61 -14.28 10.49
C ILE B 256 -16.31 -14.54 11.25
N VAL B 257 -15.62 -13.45 11.56
CA VAL B 257 -14.43 -13.44 12.38
C VAL B 257 -14.64 -12.49 13.55
N LEU B 258 -14.56 -13.06 14.77
CA LEU B 258 -14.67 -12.28 15.99
C LEU B 258 -13.33 -12.15 16.67
N ALA B 259 -13.01 -10.93 17.10
CA ALA B 259 -11.78 -10.68 17.81
C ALA B 259 -12.09 -10.44 19.28
N GLU B 260 -11.59 -11.33 20.16
CA GLU B 260 -11.69 -11.14 21.61
C GLU B 260 -10.35 -10.75 22.21
N ALA B 261 -10.36 -10.26 23.45
CA ALA B 261 -9.17 -9.66 24.04
C ALA B 261 -8.26 -10.73 24.66
N GLY B 262 -7.08 -10.94 24.07
CA GLY B 262 -6.08 -11.86 24.62
C GLY B 262 -5.23 -11.24 25.74
N GLY B 263 -5.26 -9.92 25.92
CA GLY B 263 -4.53 -9.31 27.03
C GLY B 263 -3.04 -9.53 26.82
N LYS B 264 -2.33 -9.98 27.88
CA LYS B 264 -0.92 -10.33 27.76
C LYS B 264 -0.74 -11.69 27.09
N GLY B 265 -1.83 -12.41 26.80
CA GLY B 265 -1.79 -13.66 26.05
C GLY B 265 -2.61 -14.74 26.77
N ILE B 266 -3.14 -15.69 26.02
CA ILE B 266 -4.15 -16.61 26.56
C ILE B 266 -3.51 -17.53 27.61
N ASP B 267 -2.16 -17.63 27.62
CA ASP B 267 -1.47 -18.48 28.58
C ASP B 267 -0.80 -17.68 29.69
N SER B 268 -1.02 -16.36 29.71
CA SER B 268 -0.25 -15.42 30.51
C SER B 268 -0.82 -15.25 31.91
N GLY B 269 -2.07 -15.67 32.11
CA GLY B 269 -2.80 -15.40 33.35
C GLY B 269 -3.36 -13.98 33.41
N MET B 270 -3.24 -13.23 32.31
CA MET B 270 -3.75 -11.88 32.22
C MET B 270 -4.37 -11.69 30.85
N THR B 271 -5.63 -12.09 30.74
CA THR B 271 -6.28 -12.31 29.46
C THR B 271 -7.78 -12.16 29.66
N ALA B 272 -8.53 -12.03 28.55
CA ALA B 272 -9.98 -11.89 28.61
C ALA B 272 -10.62 -12.73 27.52
N ALA B 273 -9.89 -13.74 27.04
CA ALA B 273 -10.30 -14.52 25.90
C ALA B 273 -11.34 -15.56 26.32
N THR B 274 -12.56 -15.05 26.64
CA THR B 274 -13.64 -15.85 27.20
C THR B 274 -13.95 -17.04 26.31
N ILE B 275 -14.03 -16.83 24.99
CA ILE B 275 -14.36 -17.91 24.09
C ILE B 275 -13.29 -18.99 24.14
N HIS B 276 -12.02 -18.59 24.21
CA HIS B 276 -10.92 -19.52 24.08
C HIS B 276 -10.82 -20.36 25.36
N LEU B 277 -11.13 -19.73 26.51
CA LEU B 277 -10.73 -20.23 27.81
C LEU B 277 -11.93 -20.61 28.69
N GLY B 278 -13.08 -19.98 28.43
CA GLY B 278 -14.21 -20.07 29.35
C GLY B 278 -14.83 -21.47 29.36
N LYS B 279 -15.50 -21.77 30.48
CA LYS B 279 -16.31 -22.98 30.62
C LYS B 279 -17.75 -22.57 30.86
N MET B 280 -18.69 -23.49 30.62
CA MET B 280 -20.11 -23.23 30.84
C MET B 280 -20.32 -22.63 32.22
N GLY B 281 -21.14 -21.58 32.29
CA GLY B 281 -21.35 -20.86 33.52
C GLY B 281 -22.62 -20.02 33.43
N ILE B 282 -23.04 -19.45 34.56
CA ILE B 282 -24.16 -18.53 34.61
C ILE B 282 -23.62 -17.19 35.10
N ILE B 283 -23.82 -16.11 34.31
CA ILE B 283 -23.43 -14.75 34.67
C ILE B 283 -24.56 -13.79 34.28
N HIS B 284 -25.04 -13.02 35.25
CA HIS B 284 -26.13 -12.07 35.08
C HIS B 284 -27.33 -12.70 34.37
N GLY B 285 -27.68 -13.94 34.73
CA GLY B 285 -28.93 -14.52 34.25
C GLY B 285 -28.80 -15.32 32.96
N SER B 286 -27.57 -15.40 32.43
CA SER B 286 -27.37 -16.04 31.16
C SER B 286 -26.45 -17.23 31.34
N LYS B 287 -26.82 -18.35 30.70
CA LYS B 287 -25.94 -19.50 30.67
C LYS B 287 -25.00 -19.27 29.49
N THR B 288 -23.73 -18.99 29.79
CA THR B 288 -22.80 -18.71 28.72
C THR B 288 -21.42 -19.25 29.08
N LEU B 289 -20.40 -18.76 28.35
CA LEU B 289 -19.04 -19.14 28.62
C LEU B 289 -18.49 -18.09 29.55
N VAL B 290 -17.77 -18.55 30.58
CA VAL B 290 -17.16 -17.69 31.57
C VAL B 290 -15.80 -18.30 31.95
N MET B 291 -14.82 -17.43 32.18
CA MET B 291 -13.49 -17.88 32.58
C MET B 291 -13.55 -18.28 34.04
N GLN B 292 -13.10 -19.50 34.35
CA GLN B 292 -13.07 -20.01 35.72
C GLN B 292 -11.65 -20.39 36.13
N ASN B 293 -11.33 -20.13 37.41
CA ASN B 293 -10.05 -20.51 37.98
C ASN B 293 -10.09 -21.98 38.42
N GLU B 294 -8.97 -22.51 38.95
CA GLU B 294 -8.85 -23.91 39.34
C GLU B 294 -9.81 -24.25 40.50
N ASP B 295 -10.24 -23.26 41.29
CA ASP B 295 -11.30 -23.44 42.28
C ASP B 295 -12.67 -23.61 41.62
N GLY B 296 -12.83 -23.22 40.33
CA GLY B 296 -14.12 -23.16 39.67
C GLY B 296 -14.80 -21.79 39.87
N GLN B 297 -14.07 -20.84 40.47
CA GLN B 297 -14.59 -19.50 40.71
C GLN B 297 -14.37 -18.62 39.47
N ILE B 298 -15.11 -17.50 39.42
CA ILE B 298 -14.95 -16.47 38.41
C ILE B 298 -13.48 -16.06 38.36
N GLU B 299 -12.84 -16.27 37.20
CA GLU B 299 -11.52 -15.70 36.93
C GLU B 299 -11.72 -14.21 36.68
N GLU B 300 -10.76 -13.38 37.11
CA GLU B 300 -10.82 -11.95 36.86
C GLU B 300 -10.07 -11.67 35.57
N PRO B 301 -10.73 -11.14 34.51
CA PRO B 301 -10.09 -11.03 33.20
C PRO B 301 -9.22 -9.78 33.16
N TYR B 302 -8.32 -9.71 32.18
CA TYR B 302 -7.55 -8.49 31.97
C TYR B 302 -7.46 -8.18 30.48
N SER B 303 -7.54 -6.88 30.14
CA SER B 303 -7.31 -6.37 28.80
C SER B 303 -6.82 -4.93 28.93
N ILE B 304 -5.94 -4.53 28.02
CA ILE B 304 -5.61 -3.12 27.89
C ILE B 304 -6.86 -2.30 27.61
N SER B 305 -7.88 -2.94 27.04
CA SER B 305 -9.13 -2.26 26.71
C SER B 305 -10.22 -2.59 27.72
N ALA B 306 -10.61 -1.59 28.53
CA ALA B 306 -11.69 -1.73 29.49
C ALA B 306 -12.98 -2.29 28.86
N GLY B 307 -13.35 -1.78 27.68
CA GLY B 307 -14.49 -2.29 26.94
C GLY B 307 -14.50 -3.78 26.63
N LEU B 308 -13.36 -4.48 26.64
CA LEU B 308 -13.31 -5.88 26.28
C LEU B 308 -13.02 -6.79 27.47
N ASP B 309 -13.17 -6.26 28.69
CA ASP B 309 -12.60 -6.80 29.90
C ASP B 309 -13.60 -7.54 30.80
N TYR B 310 -14.87 -7.66 30.40
CA TYR B 310 -15.88 -8.11 31.34
C TYR B 310 -15.88 -9.64 31.37
N PRO B 311 -16.17 -10.28 32.53
CA PRO B 311 -16.32 -11.73 32.56
C PRO B 311 -17.51 -12.13 31.71
N GLY B 312 -17.36 -13.25 30.99
CA GLY B 312 -18.44 -13.79 30.20
C GLY B 312 -18.48 -13.14 28.81
N ILE B 313 -19.34 -13.70 27.96
CA ILE B 313 -19.56 -13.29 26.59
C ILE B 313 -21.04 -13.49 26.36
N GLY B 314 -21.64 -12.73 25.43
CA GLY B 314 -23.02 -12.97 25.05
C GLY B 314 -23.22 -14.41 24.59
N PRO B 315 -24.37 -15.05 24.92
CA PRO B 315 -24.67 -16.41 24.48
C PRO B 315 -24.67 -16.62 22.98
N MET B 316 -25.02 -15.57 22.23
CA MET B 316 -25.01 -15.64 20.79
C MET B 316 -23.66 -16.12 20.28
N HIS B 317 -22.58 -15.56 20.83
CA HIS B 317 -21.24 -15.80 20.31
C HIS B 317 -20.67 -17.11 20.84
N ALA B 318 -21.06 -17.48 22.07
CA ALA B 318 -20.70 -18.81 22.56
C ALA B 318 -21.20 -19.87 21.59
N ASN B 319 -22.47 -19.76 21.18
CA ASN B 319 -23.08 -20.65 20.20
C ASN B 319 -22.34 -20.58 18.86
N LEU B 320 -22.03 -19.36 18.38
CA LEU B 320 -21.39 -19.26 17.07
C LEU B 320 -20.04 -19.95 17.09
N ALA B 321 -19.32 -19.80 18.20
CA ALA B 321 -17.98 -20.35 18.33
C ALA B 321 -18.05 -21.87 18.41
N LYS B 322 -19.00 -22.38 19.19
CA LYS B 322 -19.07 -23.82 19.44
C LYS B 322 -19.48 -24.57 18.17
N GLN B 323 -20.35 -23.93 17.35
CA GLN B 323 -20.87 -24.55 16.15
C GLN B 323 -19.95 -24.29 14.97
N LYS B 324 -18.88 -23.52 15.18
CA LYS B 324 -17.91 -23.19 14.15
C LYS B 324 -18.56 -22.36 13.05
N ARG B 325 -19.60 -21.60 13.41
CA ARG B 325 -20.20 -20.64 12.49
C ARG B 325 -19.35 -19.36 12.42
N ALA B 326 -18.67 -19.00 13.51
CA ALA B 326 -17.69 -17.95 13.50
C ALA B 326 -16.29 -18.47 13.84
N GLN B 327 -15.25 -17.86 13.25
CA GLN B 327 -13.87 -18.04 13.71
C GLN B 327 -13.57 -17.01 14.81
N VAL B 328 -13.00 -17.45 15.93
CA VAL B 328 -12.67 -16.51 16.99
C VAL B 328 -11.15 -16.41 17.17
N LEU B 329 -10.67 -15.17 17.28
CA LEU B 329 -9.27 -14.88 17.51
C LEU B 329 -9.10 -14.15 18.85
N ALA B 330 -8.10 -14.60 19.62
CA ALA B 330 -7.66 -13.90 20.81
C ALA B 330 -6.53 -12.99 20.40
N ILE B 331 -6.83 -11.69 20.34
CA ILE B 331 -5.86 -10.66 19.99
C ILE B 331 -5.24 -10.05 21.24
N ASN B 332 -3.90 -9.96 21.23
CA ASN B 332 -3.17 -9.47 22.39
C ASN B 332 -3.05 -7.94 22.36
N ASP B 333 -2.80 -7.36 23.54
CA ASP B 333 -2.60 -5.94 23.78
C ASP B 333 -1.70 -5.31 22.74
N ASP B 334 -0.48 -5.86 22.57
CA ASP B 334 0.47 -5.28 21.65
C ASP B 334 -0.04 -5.29 20.20
N GLU B 335 -0.72 -6.37 19.81
CA GLU B 335 -1.27 -6.50 18.48
C GLU B 335 -2.38 -5.46 18.22
N ALA B 336 -3.21 -5.24 19.23
CA ALA B 336 -4.25 -4.21 19.12
C ALA B 336 -3.61 -2.83 19.02
N LEU B 337 -2.64 -2.56 19.91
CA LEU B 337 -1.95 -1.28 19.90
C LEU B 337 -1.28 -1.03 18.55
N ASN B 338 -0.59 -2.04 17.96
CA ASN B 338 0.01 -1.88 16.64
C ASN B 338 -1.05 -1.62 15.57
N ALA B 339 -2.19 -2.30 15.65
CA ALA B 339 -3.25 -2.12 14.67
C ALA B 339 -3.82 -0.70 14.77
N ALA B 340 -3.86 -0.14 15.97
CA ALA B 340 -4.40 1.21 16.16
C ALA B 340 -3.49 2.25 15.52
N PHE B 341 -2.18 2.17 15.82
CA PHE B 341 -1.19 3.06 15.23
C PHE B 341 -1.20 2.92 13.71
N GLU B 342 -1.40 1.72 13.19
CA GLU B 342 -1.38 1.47 11.76
C GLU B 342 -2.58 2.13 11.05
N LEU B 343 -3.78 1.93 11.58
CA LEU B 343 -4.95 2.57 10.96
C LEU B 343 -4.76 4.09 10.95
N THR B 344 -4.18 4.64 12.04
CA THR B 344 -4.00 6.06 12.18
C THR B 344 -3.06 6.58 11.08
N ARG B 345 -1.95 5.85 10.89
CA ARG B 345 -0.93 6.19 9.90
C ARG B 345 -1.45 5.97 8.48
N LEU B 346 -2.21 4.90 8.26
CA LEU B 346 -2.63 4.51 6.92
C LEU B 346 -3.88 5.23 6.42
N GLU B 347 -4.83 5.55 7.31
CA GLU B 347 -6.14 6.02 6.86
C GLU B 347 -6.53 7.35 7.53
N GLY B 348 -5.71 7.85 8.47
CA GLY B 348 -6.06 9.01 9.26
C GLY B 348 -7.26 8.82 10.19
N ILE B 349 -7.48 7.59 10.64
CA ILE B 349 -8.59 7.27 11.54
C ILE B 349 -7.95 6.69 12.78
N ILE B 350 -8.20 7.35 13.93
CA ILE B 350 -7.74 6.86 15.23
C ILE B 350 -8.86 6.01 15.80
N PRO B 351 -8.70 4.67 15.87
CA PRO B 351 -9.74 3.76 16.34
C PRO B 351 -9.72 3.65 17.85
N ALA B 352 -10.88 3.33 18.42
CA ALA B 352 -10.97 2.85 19.80
C ALA B 352 -10.07 1.62 19.96
N LEU B 353 -9.57 1.44 21.16
CA LEU B 353 -8.74 0.27 21.44
C LEU B 353 -9.52 -1.03 21.30
N GLU B 354 -10.85 -1.03 21.55
CA GLU B 354 -11.66 -2.21 21.33
C GLU B 354 -11.61 -2.56 19.84
N SER B 355 -11.92 -1.57 18.97
CA SER B 355 -11.96 -1.78 17.53
C SER B 355 -10.61 -2.23 16.98
N ALA B 356 -9.55 -1.78 17.62
CA ALA B 356 -8.21 -2.13 17.21
C ALA B 356 -7.92 -3.61 17.37
N HIS B 357 -8.66 -4.31 18.23
CA HIS B 357 -8.58 -5.77 18.26
C HIS B 357 -9.12 -6.38 16.97
N ALA B 358 -10.24 -5.86 16.45
CA ALA B 358 -10.71 -6.28 15.14
C ALA B 358 -9.69 -5.98 14.04
N LEU B 359 -9.13 -4.77 14.03
CA LEU B 359 -8.14 -4.42 13.01
C LEU B 359 -6.99 -5.44 13.01
N ALA B 360 -6.53 -5.76 14.22
CA ALA B 360 -5.43 -6.72 14.41
C ALA B 360 -5.77 -8.06 13.76
N ALA B 361 -7.06 -8.43 13.65
CA ALA B 361 -7.43 -9.68 13.02
C ALA B 361 -7.05 -9.71 11.54
N LEU B 362 -6.85 -8.57 10.90
CA LEU B 362 -6.54 -8.54 9.48
C LEU B 362 -5.21 -9.24 9.21
N GLU B 363 -4.35 -9.31 10.23
CA GLU B 363 -3.04 -9.96 10.15
C GLU B 363 -3.16 -11.48 10.24
N LYS B 364 -4.33 -12.01 10.65
CA LYS B 364 -4.44 -13.41 11.02
C LYS B 364 -5.24 -14.25 10.03
N VAL B 365 -5.65 -13.68 8.91
CA VAL B 365 -6.47 -14.36 7.93
C VAL B 365 -5.77 -14.17 6.60
N LYS B 366 -5.76 -15.20 5.75
CA LYS B 366 -5.19 -15.07 4.43
C LYS B 366 -6.31 -14.70 3.46
N PHE B 367 -6.37 -13.42 3.08
CA PHE B 367 -7.41 -12.96 2.17
C PHE B 367 -6.93 -13.11 0.73
N LYS B 368 -7.93 -13.39 -0.11
CA LYS B 368 -7.81 -13.53 -1.56
C LYS B 368 -8.09 -12.20 -2.22
N PRO B 369 -7.50 -11.91 -3.40
CA PRO B 369 -7.65 -10.60 -4.03
C PRO B 369 -9.07 -10.07 -4.22
N GLU B 370 -10.02 -10.96 -4.53
CA GLU B 370 -11.40 -10.55 -4.75
C GLU B 370 -12.25 -10.58 -3.46
N ASP B 371 -11.62 -10.85 -2.30
CA ASP B 371 -12.37 -10.87 -1.04
C ASP B 371 -12.86 -9.45 -0.75
N VAL B 372 -14.14 -9.38 -0.34
CA VAL B 372 -14.77 -8.17 0.17
C VAL B 372 -14.95 -8.35 1.65
N VAL B 373 -14.22 -7.54 2.41
CA VAL B 373 -14.26 -7.61 3.86
C VAL B 373 -14.96 -6.36 4.40
N VAL B 374 -15.87 -6.58 5.34
CA VAL B 374 -16.44 -5.49 6.12
C VAL B 374 -16.01 -5.67 7.57
N LEU B 375 -15.34 -4.65 8.10
CA LEU B 375 -14.88 -4.65 9.48
C LEU B 375 -15.55 -3.48 10.18
N THR B 376 -16.14 -3.79 11.33
CA THR B 376 -16.85 -2.77 12.10
C THR B 376 -15.86 -2.02 12.97
N LEU B 377 -15.75 -0.72 12.65
CA LEU B 377 -14.95 0.18 13.44
C LEU B 377 -15.87 0.68 14.54
N SER B 378 -15.89 -0.04 15.66
CA SER B 378 -16.94 0.15 16.63
C SER B 378 -16.83 1.52 17.32
N GLY B 379 -15.65 2.13 17.40
CA GLY B 379 -15.49 3.39 18.12
C GLY B 379 -14.28 4.18 17.63
N ARG B 380 -14.30 5.50 17.90
CA ARG B 380 -13.12 6.33 17.72
C ARG B 380 -12.27 6.27 18.99
N GLY B 381 -11.05 6.73 18.88
CA GLY B 381 -10.04 6.49 19.89
C GLY B 381 -9.62 7.69 20.71
N ASP B 382 -10.33 8.83 20.60
CA ASP B 382 -10.04 9.98 21.45
C ASP B 382 -10.00 9.58 22.93
N LYS B 383 -10.90 8.69 23.36
CA LYS B 383 -10.95 8.22 24.75
C LYS B 383 -9.70 7.43 25.16
N ASP B 384 -8.93 6.94 24.19
CA ASP B 384 -7.82 6.03 24.46
C ASP B 384 -6.49 6.72 24.24
N MET B 385 -6.52 8.04 24.02
CA MET B 385 -5.32 8.78 23.66
C MET B 385 -4.24 8.72 24.76
N GLU B 386 -4.66 8.64 26.02
CA GLU B 386 -3.69 8.53 27.12
C GLU B 386 -2.95 7.19 27.03
N THR B 387 -3.70 6.14 26.67
CA THR B 387 -3.08 4.84 26.39
C THR B 387 -2.15 4.94 25.18
N TYR B 388 -2.60 5.55 24.07
CA TYR B 388 -1.76 5.65 22.89
C TYR B 388 -0.47 6.42 23.21
N LEU B 389 -0.53 7.45 24.04
CA LEU B 389 0.66 8.21 24.43
C LEU B 389 1.65 7.33 25.19
N LYS B 390 1.14 6.55 26.15
CA LYS B 390 2.00 5.73 26.98
C LYS B 390 2.78 4.75 26.12
N TYR B 391 2.18 4.23 25.03
CA TYR B 391 2.77 3.11 24.30
C TYR B 391 3.51 3.52 23.02
N LYS B 392 3.58 4.81 22.66
CA LYS B 392 4.50 5.26 21.62
C LYS B 392 5.91 4.68 21.86
N TYR C 4 -23.38 40.19 -2.08
CA TYR C 4 -22.34 40.23 -1.01
C TYR C 4 -21.32 39.09 -1.18
N ASN C 5 -21.30 38.41 -2.33
CA ASN C 5 -20.26 37.40 -2.52
C ASN C 5 -19.06 38.06 -3.19
N VAL C 6 -17.94 37.33 -3.30
CA VAL C 6 -16.65 37.85 -3.74
C VAL C 6 -16.73 38.32 -5.18
N ASP C 7 -15.92 39.34 -5.51
CA ASP C 7 -15.82 39.79 -6.89
C ASP C 7 -14.71 38.99 -7.56
N GLU C 8 -14.42 39.33 -8.82
CA GLU C 8 -13.48 38.55 -9.61
C GLU C 8 -12.04 38.65 -9.08
N ASN C 9 -11.70 39.63 -8.21
CA ASN C 9 -10.34 39.77 -7.70
C ASN C 9 -10.25 39.58 -6.19
N GLY C 10 -11.31 39.05 -5.59
CA GLY C 10 -11.23 38.64 -4.19
C GLY C 10 -11.64 39.76 -3.25
N TYR C 11 -12.42 40.71 -3.76
CA TYR C 11 -12.94 41.78 -2.92
C TYR C 11 -14.39 41.46 -2.56
N TYR C 12 -14.65 41.63 -1.25
CA TYR C 12 -15.97 41.69 -0.69
C TYR C 12 -16.21 43.12 -0.24
N GLY C 13 -16.93 43.89 -1.06
CA GLY C 13 -16.95 45.33 -0.89
C GLY C 13 -15.52 45.87 -0.92
N GLU C 14 -15.16 46.64 0.12
CA GLU C 14 -13.84 47.26 0.21
C GLU C 14 -12.80 46.30 0.77
N PHE C 15 -13.20 45.10 1.22
CA PHE C 15 -12.31 44.23 1.95
C PHE C 15 -11.81 43.09 1.07
N GLY C 16 -10.63 42.58 1.43
CA GLY C 16 -10.12 41.35 0.85
C GLY C 16 -8.89 41.63 0.01
N GLY C 17 -8.89 41.09 -1.21
CA GLY C 17 -7.77 41.27 -2.12
C GLY C 17 -6.54 40.48 -1.73
N ALA C 18 -5.39 40.93 -2.23
CA ALA C 18 -4.12 40.27 -2.05
C ALA C 18 -3.06 41.34 -1.91
N TYR C 19 -2.67 41.62 -0.65
CA TYR C 19 -1.76 42.70 -0.29
C TYR C 19 -0.47 42.06 0.22
N ILE C 20 0.41 41.75 -0.72
CA ILE C 20 1.48 40.79 -0.53
C ILE C 20 2.77 41.35 -1.12
N PRO C 21 3.94 40.89 -0.60
CA PRO C 21 5.22 41.20 -1.22
C PRO C 21 5.44 40.41 -2.50
N GLU C 22 6.44 40.86 -3.30
CA GLU C 22 6.79 40.27 -4.58
C GLU C 22 7.12 38.79 -4.51
N ILE C 23 7.76 38.36 -3.43
CA ILE C 23 8.19 36.98 -3.31
C ILE C 23 6.98 36.05 -3.23
N LEU C 24 5.79 36.63 -2.99
CA LEU C 24 4.53 35.89 -2.91
C LEU C 24 3.75 35.99 -4.22
N HIS C 25 4.20 36.81 -5.21
CA HIS C 25 3.32 37.16 -6.31
C HIS C 25 3.16 35.96 -7.24
N LYS C 26 4.23 35.19 -7.43
CA LYS C 26 4.22 34.06 -8.32
C LYS C 26 3.30 32.94 -7.82
N CYS C 27 3.45 32.55 -6.54
CA CYS C 27 2.69 31.41 -6.02
C CYS C 27 1.19 31.76 -5.90
N VAL C 28 0.91 32.99 -5.47
CA VAL C 28 -0.46 33.43 -5.25
C VAL C 28 -1.13 33.56 -6.61
N GLU C 29 -0.42 34.11 -7.61
CA GLU C 29 -1.01 34.29 -8.94
C GLU C 29 -1.35 32.93 -9.54
N ASP C 30 -0.43 31.98 -9.37
CA ASP C 30 -0.67 30.63 -9.83
C ASP C 30 -1.96 30.06 -9.23
N LEU C 31 -2.11 30.20 -7.90
CA LEU C 31 -3.28 29.67 -7.21
C LEU C 31 -4.53 30.43 -7.68
N GLN C 32 -4.43 31.75 -7.86
CA GLN C 32 -5.55 32.58 -8.28
C GLN C 32 -6.04 32.09 -9.64
N ASN C 33 -5.11 31.71 -10.51
CA ASN C 33 -5.46 31.47 -11.90
C ASN C 33 -6.03 30.07 -12.10
N ASN C 34 -5.82 29.15 -11.14
CA ASN C 34 -6.10 27.74 -11.37
C ASN C 34 -7.10 27.15 -10.37
N TYR C 35 -7.31 27.78 -9.21
CA TYR C 35 -8.12 27.14 -8.18
C TYR C 35 -9.54 26.91 -8.68
N LEU C 36 -10.13 27.86 -9.39
CA LEU C 36 -11.56 27.80 -9.66
C LEU C 36 -11.86 26.69 -10.65
N LYS C 37 -11.05 26.59 -11.70
CA LYS C 37 -11.30 25.60 -12.74
C LYS C 37 -11.17 24.20 -12.14
N ILE C 38 -10.24 23.99 -11.21
CA ILE C 38 -10.12 22.66 -10.61
C ILE C 38 -11.33 22.39 -9.71
N LEU C 39 -11.65 23.33 -8.81
CA LEU C 39 -12.75 23.18 -7.88
C LEU C 39 -14.06 22.86 -8.63
N GLU C 40 -14.28 23.46 -9.80
CA GLU C 40 -15.54 23.27 -10.54
C GLU C 40 -15.48 22.04 -11.44
N SER C 41 -14.34 21.37 -11.52
CA SER C 41 -14.16 20.28 -12.46
C SER C 41 -14.88 19.02 -11.99
N PRO C 42 -15.51 18.25 -12.91
CA PRO C 42 -16.10 16.97 -12.55
C PRO C 42 -15.15 16.04 -11.81
N ASP C 43 -13.87 15.99 -12.20
CA ASP C 43 -12.98 15.02 -11.58
C ASP C 43 -12.81 15.35 -10.10
N PHE C 44 -12.67 16.64 -9.78
CA PHE C 44 -12.50 17.11 -8.42
C PHE C 44 -13.81 16.87 -7.65
N GLN C 45 -14.94 17.25 -8.24
CA GLN C 45 -16.21 17.15 -7.54
C GLN C 45 -16.55 15.70 -7.18
N LYS C 46 -16.30 14.76 -8.11
CA LYS C 46 -16.58 13.36 -7.86
C LYS C 46 -15.83 12.86 -6.64
N GLU C 47 -14.53 13.15 -6.57
CA GLU C 47 -13.66 12.63 -5.52
C GLU C 47 -13.98 13.37 -4.22
N TYR C 48 -14.23 14.67 -4.28
CA TYR C 48 -14.61 15.49 -3.14
C TYR C 48 -15.89 14.92 -2.53
N ASP C 49 -16.94 14.74 -3.34
CA ASP C 49 -18.19 14.18 -2.86
C ASP C 49 -17.99 12.78 -2.28
N GLN C 50 -17.18 11.92 -2.92
CA GLN C 50 -16.99 10.55 -2.46
C GLN C 50 -16.38 10.55 -1.06
N LEU C 51 -15.28 11.30 -0.88
CA LEU C 51 -14.61 11.37 0.40
C LEU C 51 -15.50 12.00 1.47
N LEU C 52 -16.21 13.08 1.11
CA LEU C 52 -17.11 13.71 2.10
C LEU C 52 -18.12 12.69 2.61
N ARG C 53 -18.68 11.87 1.70
CA ARG C 53 -19.69 10.89 2.09
C ARG C 53 -19.10 9.75 2.91
N ASP C 54 -18.10 9.05 2.36
CA ASP C 54 -17.58 7.81 2.92
C ASP C 54 -16.57 8.00 4.05
N TYR C 55 -15.72 9.02 3.94
CA TYR C 55 -14.64 9.27 4.89
C TYR C 55 -15.07 10.19 6.01
N VAL C 56 -15.81 11.26 5.70
CA VAL C 56 -16.19 12.27 6.68
C VAL C 56 -17.53 11.95 7.32
N GLY C 57 -18.45 11.33 6.56
CA GLY C 57 -19.75 10.94 7.08
C GLY C 57 -20.85 11.93 6.67
N ARG C 58 -20.61 12.67 5.57
CA ARG C 58 -21.62 13.66 5.20
C ARG C 58 -22.76 13.01 4.43
N PRO C 59 -23.96 13.64 4.35
CA PRO C 59 -24.22 14.93 4.97
C PRO C 59 -24.29 14.84 6.48
N SER C 60 -23.85 15.92 7.09
CA SER C 60 -23.97 16.05 8.53
C SER C 60 -25.46 16.25 8.79
N PRO C 61 -26.03 15.63 9.82
CA PRO C 61 -27.47 15.78 10.07
C PRO C 61 -27.89 17.20 10.41
N LEU C 62 -29.18 17.41 10.19
CA LEU C 62 -29.85 18.62 10.60
C LEU C 62 -30.86 18.20 11.65
N TYR C 63 -30.53 18.49 12.93
CA TYR C 63 -31.22 17.89 14.04
C TYR C 63 -32.14 18.91 14.72
N LEU C 64 -33.44 18.59 14.76
CA LEU C 64 -34.36 19.39 15.53
C LEU C 64 -34.14 19.16 17.03
N ALA C 65 -33.67 20.22 17.71
CA ALA C 65 -33.38 20.13 19.13
C ALA C 65 -34.65 20.54 19.88
N LYS C 66 -35.45 19.53 20.27
CA LYS C 66 -36.82 19.81 20.70
C LYS C 66 -36.81 20.52 22.04
N ARG C 67 -35.86 20.17 22.93
CA ARG C 67 -35.79 20.79 24.26
C ARG C 67 -35.23 22.22 24.13
N LEU C 68 -34.22 22.39 23.26
CA LEU C 68 -33.66 23.72 23.06
C LEU C 68 -34.74 24.60 22.44
N SER C 69 -35.54 24.04 21.52
CA SER C 69 -36.58 24.78 20.81
C SER C 69 -37.65 25.24 21.79
N GLU C 70 -38.07 24.34 22.68
CA GLU C 70 -39.10 24.66 23.68
C GLU C 70 -38.59 25.78 24.58
N LYS C 71 -37.32 25.73 24.95
CA LYS C 71 -36.69 26.74 25.80
C LYS C 71 -36.81 28.13 25.18
N TYR C 72 -36.49 28.26 23.86
CA TYR C 72 -36.33 29.58 23.25
C TYR C 72 -37.54 30.04 22.46
N GLY C 73 -38.57 29.21 22.33
CA GLY C 73 -39.81 29.66 21.73
C GLY C 73 -39.79 29.71 20.21
N CYS C 74 -39.04 28.76 19.59
CA CYS C 74 -38.98 28.71 18.13
C CYS C 74 -38.35 27.38 17.78
N LYS C 75 -38.24 27.12 16.49
CA LYS C 75 -37.77 25.82 16.05
C LYS C 75 -36.29 25.95 15.74
N ILE C 76 -35.47 25.21 16.47
CA ILE C 76 -34.02 25.36 16.37
C ILE C 76 -33.47 24.03 15.88
N TYR C 77 -32.93 24.07 14.66
CA TYR C 77 -32.19 22.97 14.07
C TYR C 77 -30.70 23.21 14.28
N LEU C 78 -29.96 22.16 14.66
CA LEU C 78 -28.52 22.17 14.82
C LEU C 78 -27.93 21.43 13.61
N LYS C 79 -27.06 22.13 12.88
CA LYS C 79 -26.31 21.55 11.78
C LYS C 79 -25.07 20.89 12.38
N ARG C 80 -25.03 19.56 12.30
CA ARG C 80 -24.18 18.77 13.19
C ARG C 80 -22.79 18.50 12.62
N GLU C 81 -22.03 19.57 12.36
CA GLU C 81 -20.64 19.43 11.95
C GLU C 81 -19.81 18.72 13.04
N ASP C 82 -20.27 18.79 14.30
CA ASP C 82 -19.68 18.04 15.41
C ASP C 82 -19.55 16.53 15.17
N LEU C 83 -20.36 15.94 14.26
CA LEU C 83 -20.33 14.50 13.99
C LEU C 83 -19.35 14.11 12.89
N ASN C 84 -18.76 15.09 12.20
CA ASN C 84 -17.88 14.81 11.08
C ASN C 84 -16.68 14.03 11.61
N HIS C 85 -16.09 13.19 10.79
CA HIS C 85 -14.75 12.69 11.08
C HIS C 85 -13.85 13.85 11.48
N THR C 86 -13.14 13.68 12.61
CA THR C 86 -12.30 14.67 13.30
C THR C 86 -13.05 15.56 14.27
N GLY C 87 -14.39 15.55 14.26
CA GLY C 87 -15.18 16.29 15.24
C GLY C 87 -15.43 17.77 14.95
N ALA C 88 -15.16 18.25 13.72
CA ALA C 88 -15.45 19.62 13.38
C ALA C 88 -15.49 19.78 11.86
N HIS C 89 -15.76 21.00 11.41
CA HIS C 89 -15.93 21.32 10.00
C HIS C 89 -14.62 21.42 9.23
N ILE C 91 -12.21 19.60 8.46
CA ILE C 91 -11.97 18.45 7.59
C ILE C 91 -12.57 18.70 6.21
N ASN C 92 -13.68 19.43 6.11
CA ASN C 92 -14.22 19.76 4.76
C ASN C 92 -13.22 20.54 3.91
N ASN C 93 -12.60 21.52 4.52
CA ASN C 93 -11.58 22.37 3.92
C ASN C 93 -10.30 21.55 3.59
N THR C 94 -9.82 20.72 4.51
CA THR C 94 -8.54 20.06 4.29
C THR C 94 -8.68 18.99 3.22
N ILE C 95 -9.84 18.29 3.16
CA ILE C 95 -10.10 17.35 2.08
C ILE C 95 -10.09 18.11 0.75
N GLY C 96 -10.85 19.21 0.66
CA GLY C 96 -10.96 19.95 -0.59
C GLY C 96 -9.60 20.49 -1.06
N GLN C 97 -8.81 21.03 -0.13
CA GLN C 97 -7.55 21.65 -0.53
C GLN C 97 -6.52 20.61 -0.92
N ILE C 98 -6.50 19.45 -0.27
CA ILE C 98 -5.55 18.40 -0.60
C ILE C 98 -5.89 17.85 -1.99
N LEU C 99 -7.19 17.74 -2.31
CA LEU C 99 -7.54 17.33 -3.66
C LEU C 99 -7.04 18.38 -4.65
N LEU C 100 -7.14 19.65 -4.31
CA LEU C 100 -6.72 20.76 -5.17
C LEU C 100 -5.20 20.62 -5.37
N ALA C 101 -4.49 20.42 -4.26
CA ALA C 101 -3.04 20.30 -4.28
C ALA C 101 -2.57 19.17 -5.21
N ARG C 102 -3.22 18.02 -5.13
CA ARG C 102 -2.85 16.85 -5.93
C ARG C 102 -3.07 17.15 -7.40
N ARG C 103 -4.17 17.83 -7.72
CA ARG C 103 -4.46 18.22 -9.10
C ARG C 103 -3.49 19.30 -9.61
N MET C 104 -2.86 20.09 -8.71
CA MET C 104 -1.83 21.06 -9.09
C MET C 104 -0.43 20.45 -9.15
N GLY C 105 -0.31 19.14 -8.88
CA GLY C 105 0.94 18.40 -8.95
C GLY C 105 1.82 18.56 -7.71
N LYS C 106 1.30 19.16 -6.62
CA LYS C 106 2.08 19.34 -5.39
C LYS C 106 2.10 18.04 -4.57
N THR C 107 3.24 17.76 -3.90
CA THR C 107 3.44 16.57 -3.07
C THR C 107 3.78 16.89 -1.60
N ARG C 108 4.12 18.13 -1.30
CA ARG C 108 4.57 18.51 0.03
C ARG C 108 3.51 19.45 0.58
N ILE C 109 2.86 19.04 1.68
CA ILE C 109 1.70 19.76 2.17
C ILE C 109 2.08 20.42 3.49
N ILE C 110 1.78 21.71 3.57
CA ILE C 110 2.02 22.44 4.80
C ILE C 110 0.76 23.14 5.25
N ALA C 111 0.73 23.47 6.54
CA ALA C 111 -0.36 24.20 7.14
C ALA C 111 0.13 24.87 8.41
N GLU C 112 -0.66 25.87 8.86
CA GLU C 112 -0.52 26.49 10.17
C GLU C 112 -1.63 25.96 11.09
N THR C 113 -1.43 26.00 12.41
CA THR C 113 -2.54 25.72 13.31
C THR C 113 -2.33 26.54 14.59
N GLY C 114 -3.44 26.96 15.19
CA GLY C 114 -3.44 27.64 16.48
C GLY C 114 -3.71 26.63 17.60
N ALA C 115 -4.98 26.46 17.94
CA ALA C 115 -5.34 25.48 18.96
C ALA C 115 -5.10 24.03 18.52
N GLY C 116 -4.81 23.78 17.22
CA GLY C 116 -4.39 22.45 16.83
C GLY C 116 -5.38 21.75 15.91
N GLN C 117 -6.60 22.29 15.75
CA GLN C 117 -7.66 21.54 15.10
C GLN C 117 -7.42 21.50 13.58
N HIS C 118 -7.00 22.63 13.00
CA HIS C 118 -6.65 22.62 11.56
C HIS C 118 -5.43 21.76 11.30
N GLY C 119 -4.45 21.80 12.22
CA GLY C 119 -3.34 20.89 12.16
C GLY C 119 -3.72 19.41 12.14
N VAL C 120 -4.65 19.03 12.99
CA VAL C 120 -5.13 17.67 13.02
C VAL C 120 -5.86 17.37 11.70
N ALA C 121 -6.72 18.28 11.25
CA ALA C 121 -7.50 18.03 10.04
C ALA C 121 -6.61 17.90 8.81
N THR C 122 -5.47 18.62 8.84
CA THR C 122 -4.51 18.56 7.73
C THR C 122 -3.72 17.25 7.79
N ALA C 123 -3.22 16.89 8.97
CA ALA C 123 -2.49 15.65 9.14
C ALA C 123 -3.35 14.43 8.80
N THR C 124 -4.65 14.54 9.10
CA THR C 124 -5.61 13.47 8.83
C THR C 124 -5.62 13.14 7.34
N VAL C 125 -5.80 14.18 6.51
CA VAL C 125 -5.94 13.95 5.08
C VAL C 125 -4.59 13.58 4.45
N CYS C 126 -3.49 14.10 5.01
CA CYS C 126 -2.17 13.70 4.50
C CYS C 126 -1.84 12.25 4.83
N ALA C 127 -2.32 11.71 5.95
CA ALA C 127 -2.18 10.30 6.26
C ALA C 127 -2.96 9.46 5.24
N LEU C 128 -4.24 9.79 5.03
CA LEU C 128 -5.10 9.14 4.05
C LEU C 128 -4.42 9.08 2.68
N MET C 129 -3.80 10.21 2.29
CA MET C 129 -3.29 10.35 0.93
C MET C 129 -1.79 9.98 0.82
N ASN C 130 -1.17 9.56 1.92
CA ASN C 130 0.25 9.19 1.94
C ASN C 130 1.10 10.35 1.44
N MET C 131 0.88 11.54 1.97
CA MET C 131 1.58 12.73 1.52
C MET C 131 2.30 13.40 2.70
N GLU C 132 3.53 13.90 2.43
CA GLU C 132 4.33 14.55 3.44
C GLU C 132 3.57 15.74 4.02
N CYS C 133 3.56 15.81 5.37
CA CYS C 133 2.84 16.86 6.06
C CYS C 133 3.74 17.57 7.07
N ILE C 134 3.79 18.90 6.97
CA ILE C 134 4.41 19.75 7.96
C ILE C 134 3.44 20.81 8.45
N VAL C 135 3.29 20.86 9.78
CA VAL C 135 2.42 21.81 10.42
C VAL C 135 3.22 22.76 11.29
N TYR C 136 3.14 24.06 10.98
CA TYR C 136 3.71 25.12 11.80
C TYR C 136 2.74 25.48 12.91
N MET C 137 3.25 25.57 14.16
CA MET C 137 2.39 25.82 15.30
C MET C 137 3.17 26.63 16.30
N GLY C 138 2.60 27.75 16.76
CA GLY C 138 3.26 28.56 17.78
C GLY C 138 3.59 27.74 19.01
N LYS C 139 4.77 27.99 19.60
CA LYS C 139 5.21 27.21 20.76
C LYS C 139 4.26 27.35 21.96
N THR C 140 3.65 28.52 22.09
CA THR C 140 2.70 28.73 23.17
C THR C 140 1.55 27.74 22.95
N ASP C 141 1.11 27.57 21.69
CA ASP C 141 0.03 26.63 21.41
C ASP C 141 0.53 25.18 21.52
N VAL C 142 1.74 24.91 21.05
CA VAL C 142 2.27 23.56 21.19
C VAL C 142 2.20 23.10 22.65
N GLU C 143 2.54 24.00 23.57
CA GLU C 143 2.67 23.66 24.97
C GLU C 143 1.29 23.59 25.64
N ARG C 144 0.24 24.18 25.05
CA ARG C 144 -1.08 24.07 25.66
C ARG C 144 -1.94 23.05 24.95
N GLN C 145 -1.45 22.44 23.87
CA GLN C 145 -2.30 21.56 23.09
C GLN C 145 -1.60 20.21 22.91
N HIS C 146 -1.23 19.56 24.03
CA HIS C 146 -0.48 18.31 24.01
C HIS C 146 -1.23 17.23 23.23
N VAL C 147 -2.56 17.13 23.40
CA VAL C 147 -3.32 16.07 22.77
C VAL C 147 -3.36 16.26 21.24
N ASN C 148 -3.53 17.49 20.76
CA ASN C 148 -3.60 17.75 19.33
C ASN C 148 -2.23 17.52 18.69
N VAL C 149 -1.14 17.90 19.38
CA VAL C 149 0.19 17.63 18.88
C VAL C 149 0.43 16.12 18.79
N GLN C 150 0.03 15.40 19.83
CA GLN C 150 0.12 13.96 19.84
C GLN C 150 -0.64 13.35 18.65
N LYS C 151 -1.86 13.85 18.37
CA LYS C 151 -2.63 13.29 17.26
C LYS C 151 -1.88 13.53 15.96
N MET C 152 -1.41 14.76 15.76
CA MET C 152 -0.70 15.10 14.53
C MET C 152 0.49 14.17 14.36
N GLU C 153 1.22 13.91 15.45
CA GLU C 153 2.38 13.04 15.34
C GLU C 153 1.97 11.59 15.04
N MET C 154 0.89 11.12 15.67
CA MET C 154 0.43 9.78 15.39
C MET C 154 0.05 9.68 13.91
N LEU C 155 -0.49 10.76 13.34
CA LEU C 155 -0.92 10.75 11.96
C LEU C 155 0.26 10.89 11.00
N GLY C 156 1.47 11.08 11.55
CA GLY C 156 2.69 11.03 10.75
C GLY C 156 3.20 12.42 10.33
N ALA C 157 2.57 13.48 10.82
CA ALA C 157 2.95 14.83 10.46
C ALA C 157 4.10 15.26 11.36
N THR C 158 4.91 16.18 10.84
CA THR C 158 5.94 16.88 11.58
C THR C 158 5.36 18.19 12.05
N VAL C 159 5.43 18.43 13.38
CA VAL C 159 4.97 19.66 13.98
C VAL C 159 6.19 20.54 14.22
N VAL C 160 6.19 21.74 13.63
CA VAL C 160 7.30 22.67 13.80
C VAL C 160 6.88 23.77 14.77
N PRO C 161 7.45 23.81 16.00
CA PRO C 161 7.11 24.86 16.95
C PRO C 161 7.71 26.18 16.45
N VAL C 162 6.88 27.23 16.43
CA VAL C 162 7.24 28.56 15.93
C VAL C 162 7.43 29.49 17.13
N THR C 163 8.67 30.04 17.21
CA THR C 163 9.07 30.87 18.34
C THR C 163 9.24 32.34 17.91
N SER C 164 8.91 32.67 16.66
CA SER C 164 8.96 34.04 16.17
C SER C 164 7.76 34.80 16.73
N GLY C 165 7.86 36.13 16.72
CA GLY C 165 6.81 37.02 17.22
C GLY C 165 6.25 36.55 18.56
N ASN C 166 4.92 36.39 18.59
CA ASN C 166 4.18 36.07 19.80
C ASN C 166 4.19 34.56 20.12
N MET C 167 4.72 33.74 19.19
CA MET C 167 4.71 32.30 19.26
C MET C 167 3.29 31.76 19.24
N THR C 168 2.42 32.41 18.45
CA THR C 168 1.01 32.05 18.38
C THR C 168 0.56 31.96 16.91
N LEU C 169 -0.76 31.88 16.73
CA LEU C 169 -1.33 31.60 15.41
C LEU C 169 -0.79 32.55 14.35
N LYS C 170 -0.63 33.85 14.67
CA LYS C 170 -0.28 34.80 13.62
C LYS C 170 1.14 34.50 13.15
N ASP C 171 1.99 34.04 14.07
CA ASP C 171 3.37 33.69 13.75
C ASP C 171 3.47 32.39 12.99
N ALA C 172 2.68 31.38 13.41
CA ALA C 172 2.71 30.12 12.69
C ALA C 172 2.27 30.34 11.24
N THR C 173 1.29 31.25 11.04
CA THR C 173 0.76 31.53 9.71
C THR C 173 1.88 32.21 8.92
N ASN C 174 2.56 33.16 9.57
CA ASN C 174 3.71 33.81 8.93
C ASN C 174 4.75 32.82 8.40
N GLU C 175 5.12 31.82 9.23
CA GLU C 175 6.20 30.92 8.85
C GLU C 175 5.74 29.97 7.75
N ALA C 176 4.46 29.56 7.78
CA ALA C 176 3.94 28.66 6.76
C ALA C 176 3.96 29.38 5.41
N ILE C 177 3.54 30.65 5.38
CA ILE C 177 3.50 31.40 4.13
C ILE C 177 4.91 31.54 3.56
N ARG C 178 5.88 31.82 4.43
CA ARG C 178 7.29 31.88 4.07
C ARG C 178 7.80 30.57 3.46
N ASP C 179 7.44 29.43 4.07
CA ASP C 179 7.82 28.12 3.57
C ASP C 179 7.25 27.98 2.17
N TRP C 180 5.94 28.21 2.04
CA TRP C 180 5.30 28.03 0.75
C TRP C 180 6.01 28.79 -0.37
N CYS C 181 6.21 30.09 -0.14
CA CYS C 181 6.95 31.04 -0.95
C CYS C 181 8.20 30.48 -1.61
N CYS C 182 9.03 29.83 -0.80
CA CYS C 182 10.34 29.39 -1.25
C CYS C 182 10.36 27.91 -1.70
N HIS C 183 9.18 27.28 -1.85
CA HIS C 183 9.08 25.94 -2.45
C HIS C 183 8.09 25.95 -3.61
N PRO C 184 8.40 26.66 -4.73
CA PRO C 184 7.50 26.69 -5.89
C PRO C 184 7.25 25.37 -6.60
N SER C 185 8.15 24.42 -6.42
CA SER C 185 8.10 23.22 -7.21
C SER C 185 7.11 22.19 -6.68
N ASP C 186 6.98 22.08 -5.34
CA ASP C 186 6.46 20.85 -4.75
C ASP C 186 5.40 21.10 -3.67
N THR C 187 5.23 22.34 -3.22
CA THR C 187 4.51 22.59 -1.97
C THR C 187 3.17 23.30 -2.20
N TYR C 188 2.15 22.80 -1.48
CA TYR C 188 0.82 23.40 -1.39
C TYR C 188 0.57 23.82 0.06
N TYR C 189 0.09 25.04 0.27
CA TYR C 189 -0.22 25.51 1.62
C TYR C 189 -1.74 25.44 1.90
N ILE C 190 -2.13 24.56 2.84
CA ILE C 190 -3.55 24.44 3.23
C ILE C 190 -3.77 25.43 4.38
N ILE C 191 -4.31 26.60 4.02
CA ILE C 191 -4.71 27.63 4.95
C ILE C 191 -5.95 27.14 5.72
N GLY C 192 -6.06 27.56 6.97
CA GLY C 192 -7.01 26.94 7.88
C GLY C 192 -8.34 27.67 8.02
N SER C 193 -8.54 28.82 7.38
CA SER C 193 -9.78 29.54 7.50
C SER C 193 -9.96 30.48 6.31
N THR C 194 -11.01 31.31 6.34
CA THR C 194 -11.41 32.15 5.23
C THR C 194 -10.61 33.46 5.30
N VAL C 195 -9.30 33.30 5.23
CA VAL C 195 -8.35 34.36 5.52
C VAL C 195 -7.22 34.25 4.52
N GLY C 196 -6.25 35.18 4.62
CA GLY C 196 -5.15 35.18 3.69
C GLY C 196 -5.52 35.93 2.42
N PRO C 197 -4.56 36.00 1.46
CA PRO C 197 -4.77 36.72 0.22
C PRO C 197 -5.68 35.90 -0.72
N HIS C 198 -6.46 36.61 -1.52
CA HIS C 198 -7.22 36.01 -2.61
C HIS C 198 -6.28 35.03 -3.33
N PRO C 199 -6.64 33.78 -3.63
CA PRO C 199 -8.02 33.30 -3.54
C PRO C 199 -8.39 32.50 -2.30
N TYR C 200 -7.59 32.56 -1.24
CA TYR C 200 -7.85 31.68 -0.09
C TYR C 200 -9.24 31.91 0.51
N PRO C 201 -9.66 33.14 0.85
CA PRO C 201 -10.99 33.38 1.42
C PRO C 201 -12.12 32.75 0.60
N ASP C 202 -12.11 33.01 -0.70
CA ASP C 202 -13.14 32.42 -1.54
C ASP C 202 -13.04 30.90 -1.64
N MET C 203 -11.83 30.39 -1.79
CA MET C 203 -11.63 28.96 -1.89
C MET C 203 -12.17 28.25 -0.66
N VAL C 204 -11.82 28.74 0.55
CA VAL C 204 -12.22 28.02 1.74
C VAL C 204 -13.72 28.20 1.87
N ALA C 205 -14.28 29.38 1.52
CA ALA C 205 -15.74 29.55 1.56
C ALA C 205 -16.42 28.53 0.65
N ARG C 206 -15.91 28.35 -0.56
CA ARG C 206 -16.50 27.39 -1.50
C ARG C 206 -16.40 25.96 -0.98
N LEU C 207 -15.26 25.61 -0.39
CA LEU C 207 -15.10 24.28 0.18
C LEU C 207 -16.08 24.05 1.33
N GLN C 208 -16.38 25.07 2.14
CA GLN C 208 -17.27 24.88 3.26
C GLN C 208 -18.74 25.05 2.85
N SER C 209 -19.00 25.52 1.60
CA SER C 209 -20.35 25.76 1.14
C SER C 209 -21.16 24.47 1.08
N VAL C 210 -20.50 23.30 1.13
CA VAL C 210 -21.24 22.06 1.29
C VAL C 210 -22.23 22.15 2.46
N ILE C 211 -21.85 22.85 3.54
CA ILE C 211 -22.74 22.99 4.69
C ILE C 211 -24.11 23.53 4.26
N SER C 212 -24.14 24.69 3.58
CA SER C 212 -25.41 25.31 3.21
C SER C 212 -26.07 24.58 2.06
N LYS C 213 -25.28 23.92 1.20
CA LYS C 213 -25.88 23.11 0.14
C LYS C 213 -26.77 22.04 0.76
N GLU C 214 -26.23 21.42 1.83
CA GLU C 214 -26.96 20.41 2.55
C GLU C 214 -28.16 21.02 3.25
N ILE C 215 -27.95 22.16 3.95
CA ILE C 215 -29.04 22.75 4.72
C ILE C 215 -30.24 22.99 3.80
N LYS C 216 -29.99 23.40 2.56
CA LYS C 216 -31.11 23.65 1.65
C LYS C 216 -31.93 22.40 1.40
N LYS C 217 -31.23 21.30 1.12
CA LYS C 217 -31.88 20.02 0.90
C LYS C 217 -32.58 19.51 2.15
N GLN C 218 -31.93 19.65 3.34
CA GLN C 218 -32.46 19.14 4.59
C GLN C 218 -33.70 19.93 5.02
N LEU C 219 -33.63 21.26 4.90
CA LEU C 219 -34.77 22.11 5.22
C LEU C 219 -35.91 21.84 4.26
N GLN C 220 -35.60 21.62 2.99
CA GLN C 220 -36.68 21.30 2.07
C GLN C 220 -37.42 20.06 2.54
N GLU C 221 -36.69 18.99 2.92
CA GLU C 221 -37.36 17.75 3.35
C GLU C 221 -38.14 17.98 4.63
N LYS C 222 -37.59 18.76 5.56
CA LYS C 222 -38.13 18.78 6.91
C LYS C 222 -39.20 19.85 7.05
N GLU C 223 -39.02 20.98 6.36
CA GLU C 223 -39.86 22.16 6.55
C GLU C 223 -40.71 22.44 5.30
N GLY C 224 -40.36 21.85 4.16
CA GLY C 224 -41.00 22.10 2.89
C GLY C 224 -40.62 23.43 2.23
N ARG C 225 -39.67 24.14 2.82
CA ARG C 225 -39.02 25.30 2.22
C ARG C 225 -37.51 25.13 2.39
N ASP C 226 -36.70 25.81 1.59
CA ASP C 226 -35.28 25.51 1.58
C ASP C 226 -34.40 26.51 2.31
N TYR C 227 -34.97 27.34 3.18
CA TYR C 227 -34.21 28.41 3.81
C TYR C 227 -34.79 28.63 5.19
N PRO C 228 -33.97 28.96 6.20
CA PRO C 228 -34.45 29.27 7.53
C PRO C 228 -34.63 30.78 7.67
N ASP C 229 -35.31 31.19 8.76
CA ASP C 229 -35.45 32.59 9.14
C ASP C 229 -34.15 33.15 9.69
N TYR C 230 -33.37 32.33 10.42
CA TYR C 230 -32.08 32.69 10.96
C TYR C 230 -31.02 31.62 10.65
N LEU C 231 -29.82 32.08 10.33
CA LEU C 231 -28.59 31.28 10.41
C LEU C 231 -27.74 31.87 11.55
N ILE C 232 -27.21 31.02 12.40
CA ILE C 232 -26.35 31.44 13.51
C ILE C 232 -25.07 30.61 13.50
N ALA C 233 -23.95 31.29 13.52
CA ALA C 233 -22.66 30.62 13.54
C ALA C 233 -21.65 31.45 14.31
N CYS C 234 -20.66 30.77 14.91
CA CYS C 234 -19.50 31.44 15.50
C CYS C 234 -18.43 31.72 14.44
N VAL C 235 -17.58 32.71 14.75
CA VAL C 235 -16.49 33.12 13.88
C VAL C 235 -15.17 33.20 14.63
N GLY C 236 -14.20 32.47 14.10
CA GLY C 236 -12.79 32.77 14.26
C GLY C 236 -12.34 33.57 13.05
N GLY C 237 -11.69 32.87 12.10
CA GLY C 237 -11.38 33.48 10.84
C GLY C 237 -12.61 33.55 9.94
N GLY C 238 -13.58 32.62 10.12
CA GLY C 238 -14.88 32.77 9.49
C GLY C 238 -15.32 31.61 8.59
N SER C 239 -14.63 30.45 8.65
CA SER C 239 -14.89 29.41 7.67
C SER C 239 -16.21 28.66 7.89
N ASN C 240 -16.53 28.20 9.11
CA ASN C 240 -17.80 27.48 9.31
C ASN C 240 -18.96 28.44 8.98
N ALA C 241 -18.82 29.72 9.33
CA ALA C 241 -19.88 30.67 9.05
C ALA C 241 -20.05 30.92 7.55
N ALA C 242 -18.93 31.07 6.84
CA ALA C 242 -18.93 31.29 5.40
C ALA C 242 -19.62 30.12 4.71
N GLY C 243 -19.32 28.90 5.12
CA GLY C 243 -19.93 27.71 4.55
C GLY C 243 -21.45 27.68 4.81
N THR C 244 -21.84 28.01 6.05
CA THR C 244 -23.23 28.05 6.51
C THR C 244 -24.04 29.07 5.69
N ILE C 245 -23.46 30.23 5.37
CA ILE C 245 -24.26 31.30 4.78
C ILE C 245 -24.12 31.34 3.25
N TYR C 246 -23.14 30.60 2.69
CA TYR C 246 -22.70 30.76 1.31
C TYR C 246 -23.90 30.79 0.34
N HIS C 247 -24.78 29.78 0.44
CA HIS C 247 -25.84 29.67 -0.58
C HIS C 247 -27.06 30.50 -0.21
N TYR C 248 -26.96 31.29 0.87
CA TYR C 248 -28.09 32.02 1.42
C TYR C 248 -27.80 33.52 1.44
N ILE C 249 -26.56 33.86 1.10
CA ILE C 249 -26.04 35.18 1.40
C ILE C 249 -26.90 36.25 0.72
N ASP C 250 -27.52 35.94 -0.43
CA ASP C 250 -28.30 36.93 -1.16
C ASP C 250 -29.81 36.77 -0.99
N ASP C 251 -30.28 35.95 -0.04
CA ASP C 251 -31.71 35.82 0.26
C ASP C 251 -32.00 36.60 1.54
N GLU C 252 -32.59 37.80 1.38
CA GLU C 252 -32.81 38.71 2.49
C GLU C 252 -33.89 38.16 3.42
N ARG C 253 -34.53 37.02 3.07
CA ARG C 253 -35.42 36.38 4.01
C ARG C 253 -34.58 35.78 5.15
N VAL C 254 -33.29 35.53 4.87
CA VAL C 254 -32.49 34.81 5.84
C VAL C 254 -31.67 35.79 6.68
N LYS C 255 -32.02 35.93 7.96
CA LYS C 255 -31.21 36.69 8.88
C LYS C 255 -29.95 35.92 9.29
N ILE C 256 -28.83 36.65 9.38
CA ILE C 256 -27.54 36.08 9.69
C ILE C 256 -27.08 36.70 11.01
N VAL C 257 -26.78 35.82 11.97
CA VAL C 257 -26.17 36.24 13.22
C VAL C 257 -24.82 35.53 13.39
N LEU C 258 -23.78 36.34 13.56
CA LEU C 258 -22.43 35.84 13.79
C LEU C 258 -22.03 36.12 15.24
N ALA C 259 -21.44 35.11 15.87
CA ALA C 259 -21.00 35.23 17.27
C ALA C 259 -19.48 35.22 17.30
N GLU C 260 -18.91 36.32 17.82
CA GLU C 260 -17.47 36.43 18.01
C GLU C 260 -17.12 36.42 19.50
N ALA C 261 -15.85 36.20 19.80
CA ALA C 261 -15.42 35.95 21.18
C ALA C 261 -15.11 37.25 21.90
N GLY C 262 -15.95 37.64 22.86
CA GLY C 262 -15.68 38.81 23.68
C GLY C 262 -14.66 38.58 24.79
N GLY C 263 -14.35 37.33 25.11
CA GLY C 263 -13.36 37.03 26.15
C GLY C 263 -13.89 37.43 27.53
N LYS C 264 -13.10 38.26 28.23
CA LYS C 264 -13.53 38.85 29.49
C LYS C 264 -14.40 40.10 29.30
N GLY C 265 -14.66 40.49 28.04
CA GLY C 265 -15.47 41.65 27.74
C GLY C 265 -14.73 42.54 26.77
N ILE C 266 -15.48 43.22 25.90
CA ILE C 266 -14.86 43.97 24.83
C ILE C 266 -14.07 45.17 25.39
N ASP C 267 -14.39 45.63 26.61
CA ASP C 267 -13.68 46.73 27.24
C ASP C 267 -12.61 46.27 28.23
N SER C 268 -12.35 44.95 28.33
CA SER C 268 -11.53 44.39 29.40
C SER C 268 -10.05 44.36 29.06
N GLY C 269 -9.68 44.54 27.78
CA GLY C 269 -8.32 44.32 27.32
C GLY C 269 -7.92 42.85 27.21
N MET C 270 -8.87 41.92 27.45
CA MET C 270 -8.64 40.51 27.22
C MET C 270 -9.83 39.98 26.39
N THR C 271 -9.74 40.15 25.06
CA THR C 271 -10.88 39.97 24.18
C THR C 271 -10.38 39.59 22.78
N ALA C 272 -11.30 39.08 21.96
CA ALA C 272 -10.99 38.69 20.59
C ALA C 272 -12.12 39.09 19.62
N ALA C 273 -12.85 40.16 19.92
CA ALA C 273 -13.99 40.62 19.15
C ALA C 273 -13.57 41.53 18.00
N THR C 274 -13.06 40.92 16.92
CA THR C 274 -12.46 41.71 15.85
C THR C 274 -13.48 42.62 15.16
N ILE C 275 -14.72 42.19 14.93
CA ILE C 275 -15.70 43.04 14.28
C ILE C 275 -15.99 44.26 15.14
N HIS C 276 -16.13 44.06 16.45
CA HIS C 276 -16.40 45.17 17.35
C HIS C 276 -15.22 46.11 17.53
N LEU C 277 -13.96 45.63 17.42
CA LEU C 277 -12.82 46.36 17.96
C LEU C 277 -11.69 46.51 16.96
N GLY C 278 -11.71 45.74 15.86
CA GLY C 278 -10.59 45.75 14.96
C GLY C 278 -10.65 47.01 14.09
N LYS C 279 -9.49 47.44 13.58
CA LYS C 279 -9.43 48.53 12.65
C LYS C 279 -9.11 47.99 11.25
N MET C 280 -9.42 48.82 10.24
CA MET C 280 -9.01 48.57 8.87
C MET C 280 -7.49 48.38 8.80
N GLY C 281 -7.04 47.28 8.21
CA GLY C 281 -5.62 46.99 8.17
C GLY C 281 -5.37 45.78 7.28
N ILE C 282 -4.10 45.36 7.21
CA ILE C 282 -3.74 44.17 6.46
C ILE C 282 -3.21 43.12 7.43
N ILE C 283 -3.73 41.89 7.34
CA ILE C 283 -3.16 40.74 8.02
C ILE C 283 -3.11 39.55 7.05
N HIS C 284 -1.92 38.93 6.94
CA HIS C 284 -1.65 37.80 6.07
C HIS C 284 -2.18 38.12 4.67
N GLY C 285 -1.92 39.34 4.24
CA GLY C 285 -2.17 39.73 2.86
C GLY C 285 -3.64 40.03 2.56
N SER C 286 -4.51 40.11 3.57
CA SER C 286 -5.91 40.46 3.36
C SER C 286 -6.23 41.81 4.00
N LYS C 287 -6.97 42.65 3.26
CA LYS C 287 -7.44 43.91 3.81
C LYS C 287 -8.76 43.66 4.52
N THR C 288 -8.76 43.79 5.86
CA THR C 288 -9.91 43.40 6.66
C THR C 288 -9.86 44.20 7.96
N LEU C 289 -10.74 43.84 8.88
CA LEU C 289 -10.65 44.33 10.26
C LEU C 289 -9.67 43.49 11.08
N VAL C 290 -8.84 44.21 11.87
CA VAL C 290 -7.71 43.61 12.58
C VAL C 290 -7.59 44.27 13.95
N MET C 291 -7.43 43.46 14.99
CA MET C 291 -7.19 44.03 16.31
C MET C 291 -5.73 44.48 16.38
N GLN C 292 -5.54 45.79 16.66
CA GLN C 292 -4.22 46.43 16.77
C GLN C 292 -4.12 47.21 18.09
N ASN C 293 -3.03 47.97 18.30
CA ASN C 293 -2.81 48.70 19.54
C ASN C 293 -2.50 50.19 19.28
N GLY C 296 0.42 50.52 16.43
CA GLY C 296 -0.49 49.86 15.47
C GLY C 296 -0.03 48.44 15.12
N GLN C 297 0.44 47.69 16.13
CA GLN C 297 0.84 46.30 15.96
C GLN C 297 -0.36 45.36 16.20
N ILE C 298 -0.46 44.28 15.42
CA ILE C 298 -1.57 43.36 15.58
C ILE C 298 -1.43 42.66 16.94
N GLU C 299 -2.56 42.64 17.66
CA GLU C 299 -2.60 42.34 19.08
C GLU C 299 -2.67 40.82 19.28
N GLU C 300 -2.45 40.38 20.52
CA GLU C 300 -2.76 39.02 20.91
C GLU C 300 -4.18 39.01 21.45
N PRO C 301 -5.12 38.29 20.79
CA PRO C 301 -6.48 38.22 21.29
C PRO C 301 -6.52 37.31 22.51
N TYR C 302 -7.58 37.42 23.31
CA TYR C 302 -7.86 36.42 24.33
C TYR C 302 -9.32 36.00 24.17
N SER C 303 -9.51 34.68 24.29
CA SER C 303 -10.79 34.04 24.50
C SER C 303 -10.55 32.80 25.34
N ILE C 304 -11.58 32.39 26.10
CA ILE C 304 -11.57 31.10 26.75
C ILE C 304 -11.44 29.98 25.71
N SER C 305 -11.91 30.24 24.48
CA SER C 305 -11.77 29.31 23.37
C SER C 305 -10.55 29.68 22.54
N ALA C 306 -9.53 28.82 22.58
CA ALA C 306 -8.31 29.06 21.83
C ALA C 306 -8.58 28.99 20.33
N GLY C 307 -9.66 28.31 19.93
CA GLY C 307 -10.01 28.25 18.51
C GLY C 307 -10.50 29.58 17.95
N LEU C 308 -10.93 30.51 18.81
CA LEU C 308 -11.45 31.80 18.35
C LEU C 308 -10.43 32.92 18.58
N ASP C 309 -9.13 32.58 18.61
CA ASP C 309 -8.07 33.55 18.82
C ASP C 309 -7.40 33.90 17.49
N TYR C 310 -8.19 34.44 16.56
CA TYR C 310 -7.65 35.18 15.44
C TYR C 310 -7.71 36.66 15.79
N PRO C 311 -6.60 37.41 15.63
CA PRO C 311 -6.65 38.87 15.69
C PRO C 311 -7.49 39.50 14.57
N GLY C 312 -7.49 38.87 13.38
CA GLY C 312 -8.22 39.37 12.21
C GLY C 312 -9.48 38.54 11.96
N ILE C 313 -10.32 38.97 10.99
CA ILE C 313 -11.54 38.27 10.60
C ILE C 313 -11.42 38.10 9.09
N GLY C 314 -12.09 37.11 8.54
CA GLY C 314 -12.14 36.98 7.10
C GLY C 314 -12.82 38.17 6.46
N PRO C 315 -12.40 38.60 5.25
CA PRO C 315 -13.01 39.77 4.59
C PRO C 315 -14.49 39.65 4.25
N MET C 316 -14.98 38.42 4.09
CA MET C 316 -16.40 38.22 3.85
C MET C 316 -17.24 38.82 4.99
N HIS C 317 -16.81 38.53 6.22
CA HIS C 317 -17.57 38.90 7.40
C HIS C 317 -17.42 40.38 7.71
N ALA C 318 -16.20 40.90 7.50
CA ALA C 318 -15.99 42.35 7.63
C ALA C 318 -17.00 43.12 6.77
N ASN C 319 -17.14 42.67 5.52
CA ASN C 319 -18.08 43.26 4.58
C ASN C 319 -19.53 43.04 5.02
N LEU C 320 -19.89 41.82 5.44
CA LEU C 320 -21.27 41.58 5.86
C LEU C 320 -21.64 42.49 7.03
N ALA C 321 -20.73 42.62 8.00
CA ALA C 321 -20.98 43.49 9.17
C ALA C 321 -21.14 44.96 8.76
N LYS C 322 -20.17 45.48 7.98
CA LYS C 322 -20.22 46.87 7.55
C LYS C 322 -21.49 47.17 6.75
N GLN C 323 -21.96 46.25 5.88
CA GLN C 323 -23.17 46.46 5.10
C GLN C 323 -24.44 46.12 5.89
N LYS C 324 -24.28 45.78 7.17
CA LYS C 324 -25.38 45.38 8.05
C LYS C 324 -26.19 44.22 7.47
N ARG C 325 -25.54 43.37 6.64
CA ARG C 325 -26.19 42.15 6.15
C ARG C 325 -26.21 41.08 7.25
N ALA C 326 -25.24 41.14 8.18
CA ALA C 326 -25.19 40.25 9.32
C ALA C 326 -25.18 41.04 10.63
N GLN C 327 -25.93 40.57 11.63
CA GLN C 327 -25.81 41.03 13.01
C GLN C 327 -24.63 40.30 13.63
N VAL C 328 -23.81 41.03 14.40
CA VAL C 328 -22.66 40.45 15.05
C VAL C 328 -22.73 40.72 16.55
N LEU C 329 -22.61 39.65 17.32
CA LEU C 329 -22.65 39.66 18.77
C LEU C 329 -21.26 39.34 19.30
N ALA C 330 -20.79 40.09 20.32
CA ALA C 330 -19.62 39.63 21.05
C ALA C 330 -20.08 38.91 22.30
N ILE C 331 -19.79 37.61 22.37
CA ILE C 331 -20.24 36.72 23.42
C ILE C 331 -19.06 36.53 24.37
N ASN C 332 -19.30 36.77 25.67
CA ASN C 332 -18.21 36.62 26.61
C ASN C 332 -18.04 35.17 27.06
N ASP C 333 -16.91 34.94 27.72
CA ASP C 333 -16.50 33.64 28.20
C ASP C 333 -17.59 32.96 28.99
N ASP C 334 -18.19 33.65 29.99
CA ASP C 334 -19.20 33.02 30.83
C ASP C 334 -20.46 32.65 30.04
N GLU C 335 -20.86 33.51 29.10
CA GLU C 335 -22.03 33.25 28.27
C GLU C 335 -21.83 31.99 27.44
N ALA C 336 -20.64 31.84 26.84
CA ALA C 336 -20.32 30.64 26.08
C ALA C 336 -20.35 29.39 26.98
N LEU C 337 -19.72 29.47 28.16
CA LEU C 337 -19.68 28.32 29.07
C LEU C 337 -21.09 27.94 29.50
N ASN C 338 -21.91 28.94 29.83
CA ASN C 338 -23.28 28.69 30.23
C ASN C 338 -24.06 27.98 29.12
N ALA C 339 -23.87 28.43 27.86
CA ALA C 339 -24.56 27.83 26.72
C ALA C 339 -24.10 26.39 26.48
N ALA C 340 -22.81 26.10 26.70
CA ALA C 340 -22.29 24.75 26.59
C ALA C 340 -22.95 23.78 27.57
N PHE C 341 -23.05 24.18 28.85
CA PHE C 341 -23.73 23.38 29.86
C PHE C 341 -25.18 23.19 29.49
N GLU C 342 -25.82 24.23 28.95
CA GLU C 342 -27.24 24.15 28.63
C GLU C 342 -27.46 23.12 27.52
N LEU C 343 -26.63 23.13 26.46
CA LEU C 343 -26.86 22.19 25.38
C LEU C 343 -26.65 20.74 25.88
N THR C 344 -25.64 20.56 26.74
CA THR C 344 -25.34 19.25 27.29
C THR C 344 -26.56 18.72 28.01
N ARG C 345 -27.14 19.56 28.89
CA ARG C 345 -28.26 19.14 29.71
C ARG C 345 -29.53 18.91 28.90
N LEU C 346 -29.82 19.79 27.93
CA LEU C 346 -31.06 19.75 27.19
C LEU C 346 -31.07 18.72 26.08
N GLU C 347 -29.92 18.51 25.43
CA GLU C 347 -29.94 17.70 24.22
C GLU C 347 -28.92 16.57 24.24
N GLY C 348 -28.12 16.47 25.30
CA GLY C 348 -27.10 15.43 25.39
C GLY C 348 -25.98 15.59 24.36
N ILE C 349 -25.77 16.82 23.90
CA ILE C 349 -24.70 17.12 22.96
C ILE C 349 -23.74 18.06 23.69
N ILE C 350 -22.44 17.68 23.79
CA ILE C 350 -21.42 18.52 24.39
C ILE C 350 -20.74 19.31 23.26
N PRO C 351 -21.05 20.62 23.10
CA PRO C 351 -20.49 21.40 22.00
C PRO C 351 -19.05 21.82 22.28
N ALA C 352 -18.31 22.04 21.20
CA ALA C 352 -17.08 22.82 21.30
C ALA C 352 -17.36 24.19 21.91
N LEU C 353 -16.39 24.68 22.66
CA LEU C 353 -16.44 26.01 23.25
C LEU C 353 -16.60 27.09 22.16
N GLU C 354 -15.99 26.89 20.98
CA GLU C 354 -16.17 27.80 19.88
C GLU C 354 -17.67 27.88 19.55
N SER C 355 -18.27 26.70 19.35
CA SER C 355 -19.67 26.56 18.95
C SER C 355 -20.61 27.12 20.01
N ALA C 356 -20.15 27.02 21.26
CA ALA C 356 -20.92 27.50 22.40
C ALA C 356 -21.19 29.00 22.34
N HIS C 357 -20.30 29.75 21.68
CA HIS C 357 -20.48 31.17 21.44
C HIS C 357 -21.72 31.40 20.58
N ALA C 358 -21.88 30.61 19.51
CA ALA C 358 -23.11 30.65 18.70
C ALA C 358 -24.34 30.29 19.53
N LEU C 359 -24.30 29.23 20.32
CA LEU C 359 -25.42 28.83 21.17
C LEU C 359 -25.81 29.98 22.11
N ALA C 360 -24.81 30.65 22.68
CA ALA C 360 -25.09 31.78 23.58
C ALA C 360 -25.90 32.88 22.91
N ALA C 361 -25.86 32.97 21.57
CA ALA C 361 -26.60 34.00 20.85
C ALA C 361 -28.10 33.79 20.99
N LEU C 362 -28.52 32.57 21.33
CA LEU C 362 -29.93 32.25 21.44
C LEU C 362 -30.58 33.15 22.51
N GLU C 363 -29.79 33.49 23.55
CA GLU C 363 -30.27 34.34 24.64
C GLU C 363 -30.42 35.80 24.21
N LYS C 364 -29.91 36.16 23.03
CA LYS C 364 -29.75 37.56 22.63
C LYS C 364 -30.68 37.99 21.51
N VAL C 365 -31.26 37.04 20.76
CA VAL C 365 -32.07 37.37 19.59
C VAL C 365 -33.53 37.22 19.95
N LYS C 366 -34.37 38.17 19.55
CA LYS C 366 -35.80 38.03 19.78
C LYS C 366 -36.40 37.15 18.69
N PHE C 367 -36.90 35.98 19.10
CA PHE C 367 -37.51 35.04 18.17
C PHE C 367 -39.03 35.18 18.23
N LYS C 368 -39.65 34.80 17.12
CA LYS C 368 -41.08 34.61 17.06
C LYS C 368 -41.36 33.11 17.07
N PRO C 369 -42.54 32.70 17.58
CA PRO C 369 -42.91 31.29 17.58
C PRO C 369 -42.70 30.50 16.30
N GLU C 370 -42.93 31.14 15.14
CA GLU C 370 -42.89 30.46 13.86
C GLU C 370 -41.51 30.50 13.21
N ASP C 371 -40.55 31.17 13.86
CA ASP C 371 -39.19 31.23 13.36
C ASP C 371 -38.54 29.84 13.28
N VAL C 372 -37.84 29.62 12.17
CA VAL C 372 -36.99 28.44 11.99
C VAL C 372 -35.55 28.92 12.03
N VAL C 373 -34.77 28.31 12.95
CA VAL C 373 -33.41 28.72 13.16
C VAL C 373 -32.53 27.54 12.81
N VAL C 374 -31.44 27.80 12.08
CA VAL C 374 -30.38 26.82 11.91
C VAL C 374 -29.11 27.39 12.51
N LEU C 375 -28.56 26.62 13.45
CA LEU C 375 -27.33 26.99 14.12
C LEU C 375 -26.28 25.93 13.83
N THR C 376 -25.11 26.34 13.38
CA THR C 376 -24.06 25.40 13.03
C THR C 376 -23.30 25.02 14.29
N LEU C 377 -23.36 23.73 14.64
CA LEU C 377 -22.60 23.21 15.76
C LEU C 377 -21.25 22.82 15.14
N SER C 378 -20.35 23.78 15.14
CA SER C 378 -19.12 23.64 14.38
C SER C 378 -18.23 22.49 14.88
N GLY C 379 -18.27 22.15 16.17
CA GLY C 379 -17.44 21.06 16.67
C GLY C 379 -18.00 20.43 17.94
N ARG C 380 -17.49 19.25 18.26
CA ARG C 380 -17.83 18.61 19.52
C ARG C 380 -16.86 19.08 20.62
N GLY C 381 -17.30 18.89 21.87
CA GLY C 381 -16.72 19.53 23.04
C GLY C 381 -15.94 18.59 23.96
N ASP C 382 -15.65 17.36 23.51
CA ASP C 382 -14.86 16.42 24.27
C ASP C 382 -13.53 17.09 24.65
N LYS C 383 -12.95 17.82 23.68
CA LYS C 383 -11.67 18.50 23.88
C LYS C 383 -11.73 19.57 24.97
N ASP C 384 -12.93 20.08 25.30
CA ASP C 384 -13.10 21.20 26.23
C ASP C 384 -13.49 20.74 27.63
N MET C 385 -13.49 19.43 27.90
CA MET C 385 -14.02 18.93 29.16
C MET C 385 -13.17 19.40 30.34
N GLU C 386 -11.85 19.55 30.15
CA GLU C 386 -11.03 20.00 31.26
C GLU C 386 -11.41 21.44 31.61
N THR C 387 -11.73 22.25 30.60
CA THR C 387 -12.21 23.60 30.84
C THR C 387 -13.54 23.55 31.54
N TYR C 388 -14.47 22.73 31.03
CA TYR C 388 -15.81 22.68 31.58
C TYR C 388 -15.72 22.24 33.05
N LEU C 389 -14.81 21.31 33.35
CA LEU C 389 -14.66 20.85 34.74
C LEU C 389 -14.38 22.03 35.68
N LYS C 390 -13.52 22.96 35.27
CA LYS C 390 -13.11 24.06 36.14
C LYS C 390 -14.28 24.99 36.42
N TYR C 391 -15.28 24.99 35.53
CA TYR C 391 -16.55 25.65 35.76
C TYR C 391 -17.55 24.53 36.16
N THR D 3 22.52 -42.46 -1.76
CA THR D 3 21.87 -42.98 -0.53
C THR D 3 20.89 -41.96 0.04
N TYR D 4 21.19 -40.65 -0.04
CA TYR D 4 20.16 -39.65 0.29
C TYR D 4 19.39 -39.27 -0.99
N ASN D 5 19.90 -39.71 -2.16
CA ASN D 5 19.12 -39.70 -3.39
C ASN D 5 18.13 -40.86 -3.36
N VAL D 6 17.26 -40.94 -4.37
CA VAL D 6 16.14 -41.87 -4.31
C VAL D 6 16.70 -43.30 -4.31
N ASP D 7 16.01 -44.19 -3.61
CA ASP D 7 16.35 -45.61 -3.70
C ASP D 7 15.69 -46.22 -4.95
N GLU D 8 15.89 -47.54 -5.12
CA GLU D 8 15.52 -48.26 -6.33
C GLU D 8 14.00 -48.41 -6.45
N ASN D 9 13.26 -48.03 -5.39
CA ASN D 9 11.81 -48.19 -5.35
C ASN D 9 11.05 -46.86 -5.37
N GLY D 10 11.76 -45.73 -5.46
CA GLY D 10 11.12 -44.41 -5.45
C GLY D 10 11.00 -43.77 -4.06
N TYR D 11 11.70 -44.34 -3.06
CA TYR D 11 11.61 -43.85 -1.69
C TYR D 11 12.90 -43.18 -1.19
N TYR D 12 12.67 -42.27 -0.22
CA TYR D 12 13.68 -41.59 0.55
C TYR D 12 13.38 -41.88 2.01
N GLY D 13 14.10 -42.88 2.57
CA GLY D 13 13.64 -43.58 3.76
C GLY D 13 12.20 -44.05 3.57
N GLU D 14 11.31 -43.60 4.46
CA GLU D 14 9.91 -44.01 4.41
C GLU D 14 9.09 -43.11 3.48
N PHE D 15 9.73 -42.02 3.02
CA PHE D 15 8.99 -40.99 2.30
C PHE D 15 9.04 -41.26 0.80
N GLY D 16 8.03 -40.72 0.12
CA GLY D 16 8.07 -40.70 -1.33
C GLY D 16 7.08 -41.68 -1.92
N GLY D 17 7.58 -42.52 -2.84
CA GLY D 17 6.77 -43.56 -3.42
C GLY D 17 5.74 -42.98 -4.38
N ALA D 18 4.65 -43.72 -4.58
CA ALA D 18 3.62 -43.36 -5.54
C ALA D 18 2.30 -43.90 -5.02
N TYR D 19 1.62 -43.04 -4.25
CA TYR D 19 0.41 -43.36 -3.53
C TYR D 19 -0.79 -42.86 -4.32
N ILE D 20 -1.22 -43.70 -5.26
CA ILE D 20 -2.02 -43.25 -6.38
C ILE D 20 -3.19 -44.23 -6.57
N PRO D 21 -4.33 -43.80 -7.15
CA PRO D 21 -5.33 -44.76 -7.65
C PRO D 21 -4.95 -45.52 -8.94
N GLU D 22 -5.80 -46.48 -9.30
CA GLU D 22 -5.47 -47.41 -10.38
C GLU D 22 -5.36 -46.68 -11.72
N ILE D 23 -6.21 -45.66 -11.93
CA ILE D 23 -6.22 -44.90 -13.18
C ILE D 23 -4.79 -44.44 -13.51
N LEU D 24 -4.05 -44.03 -12.47
CA LEU D 24 -2.73 -43.46 -12.63
C LEU D 24 -1.70 -44.55 -12.90
N HIS D 25 -1.97 -45.76 -12.43
CA HIS D 25 -0.93 -46.77 -12.38
C HIS D 25 -0.25 -46.88 -13.74
N LYS D 26 -1.03 -46.88 -14.83
CA LYS D 26 -0.46 -47.07 -16.15
C LYS D 26 0.54 -45.97 -16.47
N CYS D 27 0.09 -44.72 -16.37
CA CYS D 27 0.87 -43.58 -16.86
C CYS D 27 2.10 -43.42 -15.98
N VAL D 28 1.96 -43.67 -14.67
CA VAL D 28 3.05 -43.49 -13.71
C VAL D 28 4.12 -44.57 -13.92
N GLU D 29 3.71 -45.83 -14.08
CA GLU D 29 4.66 -46.92 -14.29
C GLU D 29 5.50 -46.70 -15.55
N ASP D 30 4.82 -46.28 -16.63
CA ASP D 30 5.46 -45.98 -17.89
C ASP D 30 6.61 -44.99 -17.68
N LEU D 31 6.35 -43.93 -16.88
CA LEU D 31 7.32 -42.86 -16.65
C LEU D 31 8.46 -43.41 -15.81
N GLN D 32 8.12 -44.22 -14.79
CA GLN D 32 9.10 -44.81 -13.89
C GLN D 32 10.10 -45.67 -14.65
N ASN D 33 9.64 -46.40 -15.67
CA ASN D 33 10.46 -47.39 -16.34
C ASN D 33 11.44 -46.76 -17.32
N ASN D 34 11.07 -45.56 -17.83
CA ASN D 34 11.68 -44.98 -19.02
C ASN D 34 12.51 -43.72 -18.74
N TYR D 35 12.26 -43.01 -17.62
CA TYR D 35 12.77 -41.66 -17.48
C TYR D 35 14.30 -41.65 -17.42
N LEU D 36 14.91 -42.60 -16.69
CA LEU D 36 16.33 -42.50 -16.36
C LEU D 36 17.24 -42.83 -17.55
N LYS D 37 16.84 -43.79 -18.40
CA LYS D 37 17.65 -44.16 -19.54
C LYS D 37 17.68 -43.01 -20.56
N ILE D 38 16.59 -42.24 -20.64
CA ILE D 38 16.56 -41.07 -21.48
C ILE D 38 17.45 -39.98 -20.89
N LEU D 39 17.25 -39.69 -19.58
CA LEU D 39 18.03 -38.65 -18.91
C LEU D 39 19.52 -38.95 -19.00
N GLU D 40 19.93 -40.22 -19.02
CA GLU D 40 21.33 -40.58 -18.99
C GLU D 40 21.92 -40.69 -20.41
N SER D 41 21.07 -40.58 -21.44
CA SER D 41 21.48 -40.88 -22.79
C SER D 41 22.30 -39.73 -23.35
N PRO D 42 23.40 -39.98 -24.08
CA PRO D 42 24.09 -38.92 -24.82
C PRO D 42 23.28 -38.00 -25.72
N ASP D 43 22.24 -38.52 -26.37
CA ASP D 43 21.42 -37.70 -27.25
C ASP D 43 20.72 -36.62 -26.43
N PHE D 44 20.08 -37.04 -25.33
CA PHE D 44 19.43 -36.12 -24.40
C PHE D 44 20.44 -35.11 -23.84
N GLN D 45 21.60 -35.60 -23.33
CA GLN D 45 22.54 -34.76 -22.63
C GLN D 45 23.05 -33.68 -23.58
N LYS D 46 23.24 -34.03 -24.85
CA LYS D 46 23.78 -33.11 -25.85
C LYS D 46 22.77 -31.99 -26.11
N GLU D 47 21.47 -32.31 -26.25
CA GLU D 47 20.51 -31.25 -26.56
C GLU D 47 20.23 -30.41 -25.32
N TYR D 48 20.15 -31.07 -24.16
CA TYR D 48 19.94 -30.40 -22.88
C TYR D 48 21.04 -29.38 -22.65
N ASP D 49 22.30 -29.78 -22.90
CA ASP D 49 23.43 -28.91 -22.65
C ASP D 49 23.43 -27.74 -23.62
N GLN D 50 23.01 -28.00 -24.86
CA GLN D 50 23.04 -26.98 -25.92
C GLN D 50 22.02 -25.91 -25.55
N LEU D 51 20.81 -26.33 -25.20
CA LEU D 51 19.77 -25.38 -24.81
C LEU D 51 20.10 -24.70 -23.50
N LEU D 52 20.69 -25.42 -22.54
CA LEU D 52 21.06 -24.74 -21.30
C LEU D 52 22.09 -23.67 -21.59
N ARG D 53 23.07 -23.96 -22.47
CA ARG D 53 24.08 -22.96 -22.80
C ARG D 53 23.45 -21.80 -23.56
N ASP D 54 22.87 -22.10 -24.72
CA ASP D 54 22.56 -21.03 -25.66
C ASP D 54 21.24 -20.34 -25.40
N TYR D 55 20.26 -21.05 -24.83
CA TYR D 55 18.95 -20.48 -24.53
C TYR D 55 18.84 -19.92 -23.09
N VAL D 56 19.40 -20.62 -22.10
CA VAL D 56 19.29 -20.21 -20.70
C VAL D 56 20.44 -19.32 -20.23
N GLY D 57 21.66 -19.51 -20.80
CA GLY D 57 22.83 -18.73 -20.42
C GLY D 57 23.73 -19.45 -19.40
N ARG D 58 23.62 -20.77 -19.33
CA ARG D 58 24.43 -21.55 -18.40
C ARG D 58 25.86 -21.71 -18.92
N PRO D 59 26.85 -21.92 -18.04
CA PRO D 59 26.63 -22.02 -16.59
C PRO D 59 26.24 -20.70 -15.95
N SER D 60 25.42 -20.76 -14.88
CA SER D 60 25.12 -19.56 -14.13
C SER D 60 26.38 -19.24 -13.34
N PRO D 61 26.83 -17.99 -13.25
CA PRO D 61 28.05 -17.73 -12.50
C PRO D 61 28.03 -18.13 -11.04
N LEU D 62 29.24 -18.37 -10.54
CA LEU D 62 29.46 -18.44 -9.09
C LEU D 62 30.18 -17.17 -8.66
N TYR D 63 29.45 -16.32 -7.96
CA TYR D 63 29.84 -14.94 -7.79
C TYR D 63 30.27 -14.72 -6.35
N LEU D 64 31.52 -14.31 -6.16
CA LEU D 64 31.95 -14.09 -4.80
C LEU D 64 31.42 -12.72 -4.39
N ALA D 65 30.52 -12.72 -3.38
CA ALA D 65 29.90 -11.49 -2.95
C ALA D 65 30.76 -10.83 -1.88
N LYS D 66 31.63 -9.91 -2.29
CA LYS D 66 32.69 -9.47 -1.40
C LYS D 66 32.13 -8.67 -0.24
N ARG D 67 31.07 -7.91 -0.47
CA ARG D 67 30.57 -7.05 0.59
C ARG D 67 29.79 -7.90 1.59
N LEU D 68 29.00 -8.85 1.06
CA LEU D 68 28.32 -9.83 1.88
C LEU D 68 29.33 -10.68 2.67
N SER D 69 30.41 -11.13 2.01
CA SER D 69 31.48 -11.90 2.63
C SER D 69 32.15 -11.15 3.78
N GLU D 70 32.47 -9.87 3.55
CA GLU D 70 33.06 -9.03 4.57
C GLU D 70 32.10 -8.86 5.75
N LYS D 71 30.79 -8.79 5.45
CA LYS D 71 29.78 -8.59 6.48
C LYS D 71 29.77 -9.77 7.44
N TYR D 72 29.66 -10.99 6.91
CA TYR D 72 29.38 -12.15 7.76
C TYR D 72 30.66 -12.88 8.16
N GLY D 73 31.82 -12.38 7.70
CA GLY D 73 33.10 -12.86 8.18
C GLY D 73 33.53 -14.18 7.55
N CYS D 74 33.07 -14.47 6.34
CA CYS D 74 33.54 -15.63 5.61
C CYS D 74 33.29 -15.42 4.11
N LYS D 75 33.60 -16.45 3.32
CA LYS D 75 33.52 -16.38 1.86
C LYS D 75 32.19 -16.93 1.37
N ILE D 76 31.35 -16.01 0.85
CA ILE D 76 30.00 -16.36 0.44
C ILE D 76 29.94 -16.17 -1.07
N TYR D 77 29.76 -17.31 -1.73
CA TYR D 77 29.49 -17.35 -3.15
C TYR D 77 28.00 -17.51 -3.39
N LEU D 78 27.50 -16.71 -4.33
CA LEU D 78 26.11 -16.79 -4.76
C LEU D 78 26.09 -17.55 -6.07
N LYS D 79 25.35 -18.65 -6.10
CA LYS D 79 25.13 -19.37 -7.32
C LYS D 79 23.98 -18.67 -8.05
N ARG D 80 24.27 -18.13 -9.24
CA ARG D 80 23.42 -17.07 -9.77
C ARG D 80 22.31 -17.57 -10.71
N GLU D 81 21.45 -18.45 -10.19
CA GLU D 81 20.28 -18.90 -10.95
C GLU D 81 19.40 -17.70 -11.31
N ASP D 82 19.50 -16.58 -10.60
CA ASP D 82 18.77 -15.35 -10.93
C ASP D 82 19.05 -14.83 -12.35
N LEU D 83 20.19 -15.21 -12.92
CA LEU D 83 20.59 -14.70 -14.23
C LEU D 83 20.07 -15.56 -15.36
N ASN D 84 19.51 -16.75 -15.07
CA ASN D 84 18.96 -17.62 -16.11
C ASN D 84 17.84 -16.92 -16.90
N HIS D 85 17.68 -17.32 -18.17
CA HIS D 85 16.46 -17.00 -18.90
C HIS D 85 15.24 -17.42 -18.08
N THR D 86 14.32 -16.46 -17.86
CA THR D 86 13.10 -16.62 -17.05
C THR D 86 13.30 -16.11 -15.63
N GLY D 87 14.56 -15.98 -15.20
CA GLY D 87 14.84 -15.31 -13.93
C GLY D 87 15.00 -16.26 -12.75
N ALA D 88 14.92 -17.56 -13.02
CA ALA D 88 14.99 -18.53 -11.93
C ALA D 88 15.47 -19.86 -12.46
N HIS D 89 15.58 -20.84 -11.55
CA HIS D 89 15.97 -22.21 -11.88
C HIS D 89 14.89 -23.09 -12.53
N ILE D 91 13.35 -23.06 -15.27
CA ILE D 91 13.64 -23.27 -16.68
C ILE D 91 14.53 -24.50 -16.88
N ASN D 92 15.38 -24.83 -15.89
CA ASN D 92 16.21 -26.03 -16.05
C ASN D 92 15.30 -27.26 -16.16
N ASN D 93 14.24 -27.29 -15.32
CA ASN D 93 13.30 -28.40 -15.21
C ASN D 93 12.35 -28.46 -16.41
N THR D 94 11.84 -27.32 -16.86
CA THR D 94 10.93 -27.37 -17.98
C THR D 94 11.70 -27.77 -19.23
N ILE D 95 12.95 -27.33 -19.42
CA ILE D 95 13.71 -27.70 -20.61
C ILE D 95 13.93 -29.21 -20.58
N GLY D 96 14.38 -29.71 -19.45
CA GLY D 96 14.71 -31.12 -19.30
C GLY D 96 13.48 -31.97 -19.55
N GLN D 97 12.37 -31.59 -18.94
CA GLN D 97 11.18 -32.43 -19.04
C GLN D 97 10.51 -32.36 -20.42
N ILE D 98 10.59 -31.23 -21.14
CA ILE D 98 9.97 -31.22 -22.45
C ILE D 98 10.85 -32.09 -23.38
N LEU D 99 12.17 -32.08 -23.17
CA LEU D 99 13.08 -32.93 -23.94
C LEU D 99 12.73 -34.41 -23.72
N LEU D 100 12.38 -34.77 -22.48
CA LEU D 100 11.91 -36.10 -22.17
C LEU D 100 10.60 -36.44 -22.87
N ALA D 101 9.60 -35.58 -22.69
CA ALA D 101 8.30 -35.68 -23.33
C ALA D 101 8.43 -35.95 -24.82
N ARG D 102 9.35 -35.25 -25.50
CA ARG D 102 9.52 -35.41 -26.94
C ARG D 102 10.12 -36.78 -27.26
N ARG D 103 11.07 -37.23 -26.45
CA ARG D 103 11.72 -38.52 -26.67
C ARG D 103 10.77 -39.64 -26.25
N MET D 104 9.62 -39.28 -25.67
CA MET D 104 8.58 -40.24 -25.32
C MET D 104 7.44 -40.15 -26.33
N GLY D 105 7.59 -39.32 -27.36
CA GLY D 105 6.56 -39.17 -28.37
C GLY D 105 5.34 -38.37 -27.92
N LYS D 106 5.40 -37.72 -26.75
CA LYS D 106 4.25 -36.96 -26.28
C LYS D 106 4.23 -35.59 -26.96
N THR D 107 3.04 -35.07 -27.29
CA THR D 107 2.89 -33.84 -28.10
C THR D 107 1.99 -32.78 -27.43
N ARG D 108 1.24 -33.16 -26.41
CA ARG D 108 0.42 -32.22 -25.66
C ARG D 108 1.01 -32.05 -24.26
N ILE D 109 1.33 -30.80 -23.88
CA ILE D 109 2.03 -30.53 -22.64
C ILE D 109 1.11 -29.82 -21.65
N ILE D 110 1.11 -30.32 -20.40
CA ILE D 110 0.28 -29.74 -19.35
C ILE D 110 1.16 -29.56 -18.12
N ALA D 111 0.73 -28.64 -17.24
CA ALA D 111 1.46 -28.30 -16.01
C ALA D 111 0.49 -27.60 -15.07
N GLU D 112 0.86 -27.56 -13.80
CA GLU D 112 0.15 -26.80 -12.77
C GLU D 112 1.02 -25.59 -12.45
N THR D 113 0.41 -24.54 -11.89
CA THR D 113 1.22 -23.48 -11.32
C THR D 113 0.44 -22.82 -10.19
N GLY D 114 1.19 -22.35 -9.19
CA GLY D 114 0.67 -21.57 -8.07
C GLY D 114 0.85 -20.08 -8.32
N ALA D 115 2.05 -19.58 -7.99
CA ALA D 115 2.32 -18.17 -8.19
C ALA D 115 2.57 -17.84 -9.66
N GLY D 116 2.72 -18.84 -10.54
CA GLY D 116 2.74 -18.62 -11.98
C GLY D 116 4.11 -18.87 -12.61
N GLN D 117 5.14 -19.07 -11.79
CA GLN D 117 6.51 -19.09 -12.29
C GLN D 117 6.75 -20.38 -13.08
N HIS D 118 6.29 -21.52 -12.55
CA HIS D 118 6.35 -22.76 -13.32
C HIS D 118 5.49 -22.73 -14.58
N GLY D 119 4.28 -22.18 -14.50
CA GLY D 119 3.46 -22.03 -15.70
C GLY D 119 4.18 -21.21 -16.79
N VAL D 120 4.83 -20.11 -16.40
CA VAL D 120 5.65 -19.33 -17.31
C VAL D 120 6.81 -20.15 -17.88
N ALA D 121 7.53 -20.86 -17.02
CA ALA D 121 8.66 -21.65 -17.47
C ALA D 121 8.22 -22.78 -18.41
N THR D 122 7.01 -23.29 -18.21
CA THR D 122 6.48 -24.34 -19.06
C THR D 122 6.05 -23.76 -20.41
N ALA D 123 5.27 -22.68 -20.36
CA ALA D 123 4.83 -22.02 -21.57
C ALA D 123 6.01 -21.60 -22.43
N THR D 124 7.09 -21.19 -21.76
CA THR D 124 8.28 -20.70 -22.41
C THR D 124 8.83 -21.80 -23.34
N VAL D 125 9.03 -22.99 -22.81
CA VAL D 125 9.67 -24.06 -23.60
C VAL D 125 8.71 -24.63 -24.65
N CYS D 126 7.40 -24.56 -24.38
CA CYS D 126 6.42 -25.03 -25.34
C CYS D 126 6.34 -24.05 -26.50
N ALA D 127 6.54 -22.76 -26.25
CA ALA D 127 6.69 -21.81 -27.34
C ALA D 127 7.89 -22.17 -28.22
N LEU D 128 9.07 -22.32 -27.60
CA LEU D 128 10.31 -22.69 -28.26
C LEU D 128 10.10 -23.88 -29.19
N MET D 129 9.41 -24.88 -28.64
CA MET D 129 9.31 -26.20 -29.24
C MET D 129 8.08 -26.29 -30.14
N ASN D 130 7.23 -25.26 -30.15
CA ASN D 130 5.99 -25.26 -30.93
C ASN D 130 5.14 -26.46 -30.53
N MET D 131 4.78 -26.51 -29.26
CA MET D 131 3.98 -27.60 -28.74
C MET D 131 2.81 -27.04 -27.94
N GLU D 132 1.64 -27.67 -28.08
CA GLU D 132 0.45 -27.29 -27.35
C GLU D 132 0.72 -27.31 -25.84
N CYS D 133 0.29 -26.23 -25.17
CA CYS D 133 0.53 -26.04 -23.75
C CYS D 133 -0.75 -25.61 -23.02
N ILE D 134 -1.07 -26.33 -21.95
CA ILE D 134 -2.20 -26.06 -21.11
C ILE D 134 -1.70 -26.02 -19.67
N VAL D 135 -1.96 -24.89 -19.01
CA VAL D 135 -1.55 -24.71 -17.62
C VAL D 135 -2.78 -24.55 -16.75
N TYR D 136 -2.87 -25.40 -15.72
CA TYR D 136 -3.91 -25.37 -14.72
C TYR D 136 -3.43 -24.48 -13.58
N MET D 137 -4.29 -23.58 -13.17
CA MET D 137 -3.94 -22.59 -12.16
C MET D 137 -5.18 -22.30 -11.36
N GLY D 138 -5.07 -22.44 -10.05
CA GLY D 138 -6.17 -22.08 -9.16
C GLY D 138 -6.69 -20.68 -9.46
N LYS D 139 -8.00 -20.52 -9.47
CA LYS D 139 -8.59 -19.23 -9.80
C LYS D 139 -8.15 -18.11 -8.86
N THR D 140 -7.91 -18.41 -7.59
CA THR D 140 -7.39 -17.42 -6.67
C THR D 140 -6.02 -16.95 -7.15
N ASP D 141 -5.23 -17.91 -7.63
CA ASP D 141 -3.90 -17.62 -8.11
C ASP D 141 -3.98 -16.85 -9.43
N VAL D 142 -4.92 -17.21 -10.29
CA VAL D 142 -5.13 -16.45 -11.52
C VAL D 142 -5.36 -14.98 -11.14
N GLU D 143 -6.16 -14.73 -10.10
CA GLU D 143 -6.52 -13.37 -9.70
C GLU D 143 -5.37 -12.63 -9.01
N ARG D 144 -4.50 -13.37 -8.31
CA ARG D 144 -3.34 -12.82 -7.61
C ARG D 144 -2.17 -12.56 -8.58
N GLN D 145 -2.17 -13.19 -9.74
CA GLN D 145 -0.94 -13.18 -10.54
C GLN D 145 -1.24 -12.74 -11.96
N HIS D 146 -1.79 -11.53 -12.15
CA HIS D 146 -2.27 -11.12 -13.48
C HIS D 146 -1.11 -11.05 -14.47
N VAL D 147 0.09 -10.64 -14.04
CA VAL D 147 1.19 -10.50 -15.00
C VAL D 147 1.63 -11.88 -15.52
N ASN D 148 1.76 -12.86 -14.63
CA ASN D 148 2.15 -14.20 -15.07
C ASN D 148 1.11 -14.85 -15.98
N VAL D 149 -0.18 -14.65 -15.72
CA VAL D 149 -1.24 -15.18 -16.57
C VAL D 149 -1.10 -14.58 -17.97
N GLN D 150 -0.92 -13.25 -18.03
CA GLN D 150 -0.80 -12.60 -19.32
C GLN D 150 0.47 -13.05 -20.05
N LYS D 151 1.58 -13.24 -19.31
CA LYS D 151 2.79 -13.81 -19.90
C LYS D 151 2.51 -15.19 -20.53
N MET D 152 1.85 -16.10 -19.78
CA MET D 152 1.56 -17.40 -20.34
C MET D 152 0.75 -17.30 -21.63
N GLU D 153 -0.24 -16.41 -21.66
CA GLU D 153 -1.05 -16.22 -22.86
C GLU D 153 -0.22 -15.65 -24.01
N MET D 154 0.63 -14.66 -23.73
CA MET D 154 1.54 -14.16 -24.76
C MET D 154 2.41 -15.29 -25.32
N LEU D 155 2.82 -16.24 -24.47
CA LEU D 155 3.67 -17.37 -24.86
C LEU D 155 2.90 -18.46 -25.62
N GLY D 156 1.58 -18.34 -25.67
CA GLY D 156 0.81 -19.24 -26.52
C GLY D 156 0.05 -20.28 -25.71
N ALA D 157 0.21 -20.30 -24.40
CA ALA D 157 -0.41 -21.32 -23.57
C ALA D 157 -1.86 -20.98 -23.27
N THR D 158 -2.65 -22.02 -23.01
CA THR D 158 -3.99 -21.82 -22.49
C THR D 158 -3.95 -21.93 -20.98
N VAL D 159 -4.51 -20.93 -20.29
CA VAL D 159 -4.55 -20.92 -18.84
C VAL D 159 -5.96 -21.33 -18.38
N VAL D 160 -6.04 -22.46 -17.66
CA VAL D 160 -7.30 -23.01 -17.22
C VAL D 160 -7.50 -22.68 -15.74
N PRO D 161 -8.46 -21.81 -15.38
CA PRO D 161 -8.70 -21.50 -13.97
C PRO D 161 -9.37 -22.70 -13.29
N VAL D 162 -8.80 -23.12 -12.16
CA VAL D 162 -9.28 -24.29 -11.43
C VAL D 162 -10.06 -23.82 -10.20
N THR D 163 -11.32 -24.29 -10.08
CA THR D 163 -12.20 -23.81 -9.01
C THR D 163 -12.46 -24.88 -7.96
N SER D 164 -11.87 -26.08 -8.11
CA SER D 164 -12.01 -27.14 -7.12
C SER D 164 -11.20 -26.82 -5.87
N GLY D 165 -11.53 -27.52 -4.79
CA GLY D 165 -10.89 -27.34 -3.50
C GLY D 165 -10.86 -25.86 -3.10
N ASN D 166 -9.66 -25.41 -2.66
CA ASN D 166 -9.41 -24.05 -2.18
C ASN D 166 -9.06 -23.12 -3.35
N MET D 167 -8.98 -23.65 -4.57
CA MET D 167 -8.73 -22.84 -5.77
C MET D 167 -7.31 -22.25 -5.74
N THR D 168 -6.37 -23.07 -5.24
CA THR D 168 -4.95 -22.75 -5.25
C THR D 168 -4.07 -23.92 -5.73
N LEU D 169 -2.76 -23.88 -5.39
CA LEU D 169 -1.78 -24.78 -5.98
C LEU D 169 -2.13 -26.27 -5.83
N LYS D 170 -2.60 -26.70 -4.67
CA LYS D 170 -2.88 -28.14 -4.52
C LYS D 170 -3.99 -28.56 -5.50
N ASP D 171 -4.95 -27.68 -5.76
CA ASP D 171 -6.10 -28.02 -6.60
C ASP D 171 -5.70 -28.03 -8.06
N ALA D 172 -4.88 -27.06 -8.45
CA ALA D 172 -4.37 -27.06 -9.81
C ALA D 172 -3.50 -28.31 -10.04
N THR D 173 -2.75 -28.74 -9.03
CA THR D 173 -1.95 -29.94 -9.16
C THR D 173 -2.89 -31.12 -9.37
N ASN D 174 -3.95 -31.20 -8.54
CA ASN D 174 -4.93 -32.26 -8.63
C ASN D 174 -5.53 -32.36 -10.04
N GLU D 175 -5.80 -31.21 -10.65
CA GLU D 175 -6.46 -31.20 -11.95
C GLU D 175 -5.50 -31.55 -13.08
N ALA D 176 -4.27 -31.07 -12.99
CA ALA D 176 -3.27 -31.48 -13.95
C ALA D 176 -3.13 -33.01 -13.96
N ILE D 177 -3.01 -33.62 -12.77
CA ILE D 177 -2.79 -35.06 -12.65
C ILE D 177 -3.92 -35.80 -13.36
N ARG D 178 -5.14 -35.33 -13.06
CA ARG D 178 -6.37 -35.91 -13.57
C ARG D 178 -6.47 -35.80 -15.08
N ASP D 179 -6.02 -34.68 -15.65
CA ASP D 179 -5.98 -34.49 -17.09
C ASP D 179 -5.05 -35.54 -17.68
N TRP D 180 -3.84 -35.66 -17.10
CA TRP D 180 -2.81 -36.53 -17.60
C TRP D 180 -3.35 -37.95 -17.73
N CYS D 181 -4.00 -38.44 -16.67
CA CYS D 181 -4.54 -39.79 -16.60
C CYS D 181 -5.63 -40.05 -17.63
N CYS D 182 -6.36 -39.00 -18.02
CA CYS D 182 -7.36 -39.06 -19.07
C CYS D 182 -6.75 -39.00 -20.47
N HIS D 183 -5.42 -38.83 -20.59
CA HIS D 183 -4.75 -38.62 -21.87
C HIS D 183 -3.52 -39.53 -21.99
N PRO D 184 -3.75 -40.85 -21.99
CA PRO D 184 -2.66 -41.83 -22.10
C PRO D 184 -1.89 -41.76 -23.41
N SER D 185 -2.55 -41.28 -24.46
CA SER D 185 -1.97 -41.24 -25.79
C SER D 185 -0.86 -40.18 -25.85
N ASP D 186 -1.26 -38.92 -25.67
CA ASP D 186 -0.56 -37.81 -26.28
C ASP D 186 0.03 -36.82 -25.27
N THR D 187 -0.25 -36.97 -23.97
CA THR D 187 -0.01 -35.88 -23.01
C THR D 187 1.15 -36.20 -22.07
N TYR D 188 2.01 -35.20 -21.83
CA TYR D 188 3.06 -35.28 -20.83
C TYR D 188 2.84 -34.14 -19.83
N TYR D 189 2.98 -34.44 -18.54
CA TYR D 189 2.72 -33.51 -17.45
C TYR D 189 4.03 -33.04 -16.85
N ILE D 190 4.36 -31.75 -17.00
CA ILE D 190 5.61 -31.23 -16.46
C ILE D 190 5.27 -30.73 -15.07
N ILE D 191 5.60 -31.53 -14.07
CA ILE D 191 5.36 -31.13 -12.70
C ILE D 191 6.39 -30.06 -12.34
N GLY D 192 5.99 -29.16 -11.44
CA GLY D 192 6.78 -27.96 -11.22
C GLY D 192 7.84 -28.06 -10.13
N SER D 193 7.87 -29.12 -9.34
CA SER D 193 8.83 -29.25 -8.26
C SER D 193 9.15 -30.72 -7.96
N THR D 194 9.99 -30.94 -6.93
CA THR D 194 10.44 -32.27 -6.56
C THR D 194 9.39 -32.91 -5.67
N VAL D 195 8.21 -33.00 -6.28
CA VAL D 195 7.00 -33.43 -5.61
C VAL D 195 6.28 -34.39 -6.54
N GLY D 196 5.13 -34.90 -6.08
CA GLY D 196 4.37 -35.87 -6.85
C GLY D 196 4.86 -37.31 -6.69
N PRO D 197 4.24 -38.26 -7.45
CA PRO D 197 4.66 -39.66 -7.41
C PRO D 197 6.01 -39.90 -8.08
N HIS D 198 6.79 -40.86 -7.54
CA HIS D 198 7.95 -41.38 -8.24
C HIS D 198 7.55 -41.63 -9.69
N PRO D 199 8.35 -41.24 -10.71
CA PRO D 199 9.71 -40.70 -10.52
C PRO D 199 9.93 -39.18 -10.54
N TYR D 200 8.84 -38.44 -10.42
CA TYR D 200 8.88 -36.98 -10.49
C TYR D 200 9.87 -36.40 -9.48
N PRO D 201 9.89 -36.73 -8.17
CA PRO D 201 10.91 -36.18 -7.29
C PRO D 201 12.32 -36.38 -7.81
N ASP D 202 12.65 -37.61 -8.18
CA ASP D 202 14.01 -37.88 -8.59
C ASP D 202 14.30 -37.21 -9.92
N MET D 203 13.34 -37.25 -10.85
CA MET D 203 13.52 -36.66 -12.17
C MET D 203 13.86 -35.18 -12.06
N VAL D 204 13.08 -34.45 -11.25
CA VAL D 204 13.28 -33.01 -11.14
C VAL D 204 14.60 -32.74 -10.45
N ALA D 205 14.96 -33.53 -9.43
CA ALA D 205 16.24 -33.35 -8.75
C ALA D 205 17.41 -33.58 -9.71
N ARG D 206 17.27 -34.59 -10.56
CA ARG D 206 18.31 -34.88 -11.55
C ARG D 206 18.47 -33.75 -12.58
N LEU D 207 17.35 -33.23 -13.07
CA LEU D 207 17.37 -32.10 -13.99
C LEU D 207 18.02 -30.90 -13.31
N GLN D 208 17.68 -30.63 -12.03
CA GLN D 208 18.22 -29.48 -11.33
C GLN D 208 19.65 -29.70 -10.90
N SER D 209 20.17 -30.93 -10.97
CA SER D 209 21.51 -31.23 -10.49
C SER D 209 22.63 -30.55 -11.31
N VAL D 210 22.29 -29.95 -12.46
CA VAL D 210 23.24 -29.14 -13.21
C VAL D 210 23.81 -28.05 -12.32
N ILE D 211 23.00 -27.57 -11.34
CA ILE D 211 23.44 -26.53 -10.45
C ILE D 211 24.71 -26.98 -9.72
N SER D 212 24.66 -28.16 -9.08
CA SER D 212 25.78 -28.61 -8.28
C SER D 212 26.89 -29.17 -9.18
N LYS D 213 26.55 -29.67 -10.37
CA LYS D 213 27.63 -30.10 -11.27
C LYS D 213 28.51 -28.89 -11.58
N GLU D 214 27.86 -27.74 -11.81
CA GLU D 214 28.60 -26.52 -12.07
C GLU D 214 29.36 -26.08 -10.82
N ILE D 215 28.72 -26.12 -9.62
CA ILE D 215 29.35 -25.59 -8.42
C ILE D 215 30.68 -26.31 -8.21
N LYS D 216 30.69 -27.62 -8.41
CA LYS D 216 31.92 -28.38 -8.32
C LYS D 216 33.04 -27.82 -9.19
N LYS D 217 32.77 -27.59 -10.50
CA LYS D 217 33.81 -27.11 -11.41
C LYS D 217 34.18 -25.69 -11.03
N GLN D 218 33.16 -24.90 -10.64
CA GLN D 218 33.44 -23.51 -10.37
C GLN D 218 34.25 -23.34 -9.07
N LEU D 219 33.94 -24.13 -8.03
CA LEU D 219 34.74 -24.10 -6.80
C LEU D 219 36.17 -24.60 -7.07
N GLN D 220 36.29 -25.64 -7.91
CA GLN D 220 37.62 -26.14 -8.24
C GLN D 220 38.47 -25.01 -8.79
N GLU D 221 37.94 -24.28 -9.76
CA GLU D 221 38.65 -23.17 -10.37
C GLU D 221 38.93 -22.07 -9.33
N LYS D 222 37.96 -21.71 -8.49
CA LYS D 222 38.10 -20.51 -7.66
C LYS D 222 38.81 -20.78 -6.33
N GLU D 223 38.60 -21.97 -5.77
CA GLU D 223 38.97 -22.30 -4.40
C GLU D 223 39.96 -23.47 -4.32
N GLY D 224 40.09 -24.25 -5.40
CA GLY D 224 41.09 -25.31 -5.47
C GLY D 224 40.51 -26.64 -5.04
N ARG D 225 39.48 -26.57 -4.18
CA ARG D 225 38.73 -27.75 -3.77
C ARG D 225 37.39 -27.66 -4.47
N ASP D 226 36.67 -28.77 -4.54
CA ASP D 226 35.45 -28.81 -5.30
C ASP D 226 34.19 -28.91 -4.43
N TYR D 227 34.31 -28.68 -3.11
CA TYR D 227 33.16 -28.74 -2.21
C TYR D 227 33.24 -27.54 -1.28
N PRO D 228 32.07 -26.98 -0.88
CA PRO D 228 32.04 -25.93 0.15
C PRO D 228 31.80 -26.53 1.53
N ASP D 229 31.85 -25.68 2.55
CA ASP D 229 31.56 -26.04 3.93
C ASP D 229 30.05 -26.04 4.15
N TYR D 230 29.35 -25.13 3.44
CA TYR D 230 27.89 -24.99 3.53
C TYR D 230 27.28 -24.90 2.14
N LEU D 231 26.14 -25.58 1.95
CA LEU D 231 25.18 -25.25 0.90
C LEU D 231 23.93 -24.69 1.56
N ILE D 232 23.44 -23.55 1.03
CA ILE D 232 22.29 -22.86 1.63
C ILE D 232 21.29 -22.62 0.52
N ALA D 233 20.04 -23.09 0.72
CA ALA D 233 19.01 -22.88 -0.28
C ALA D 233 17.65 -22.79 0.40
N CYS D 234 16.74 -22.08 -0.26
CA CYS D 234 15.35 -22.03 0.15
C CYS D 234 14.61 -23.25 -0.40
N VAL D 235 13.46 -23.59 0.23
CA VAL D 235 12.57 -24.65 -0.23
C VAL D 235 11.11 -24.22 -0.26
N GLY D 236 10.47 -24.47 -1.40
CA GLY D 236 9.03 -24.63 -1.52
C GLY D 236 8.75 -26.12 -1.64
N GLY D 237 8.55 -26.62 -2.85
CA GLY D 237 8.52 -28.04 -3.09
C GLY D 237 9.90 -28.69 -2.91
N GLY D 238 10.97 -27.95 -3.24
CA GLY D 238 12.33 -28.38 -2.92
C GLY D 238 13.25 -28.61 -4.13
N SER D 239 12.93 -28.05 -5.31
CA SER D 239 13.72 -28.33 -6.52
C SER D 239 15.05 -27.56 -6.61
N ASN D 240 15.11 -26.26 -6.31
CA ASN D 240 16.41 -25.58 -6.41
C ASN D 240 17.34 -26.21 -5.36
N ALA D 241 16.77 -26.61 -4.22
CA ALA D 241 17.61 -27.12 -3.14
C ALA D 241 18.15 -28.50 -3.52
N ALA D 242 17.26 -29.34 -4.05
CA ALA D 242 17.67 -30.67 -4.48
C ALA D 242 18.79 -30.56 -5.54
N GLY D 243 18.64 -29.63 -6.46
CA GLY D 243 19.65 -29.44 -7.49
C GLY D 243 21.00 -29.02 -6.93
N THR D 244 20.94 -28.15 -5.94
CA THR D 244 22.10 -27.53 -5.34
C THR D 244 22.89 -28.59 -4.56
N ILE D 245 22.17 -29.53 -3.95
CA ILE D 245 22.80 -30.48 -3.05
C ILE D 245 23.08 -31.80 -3.76
N TYR D 246 22.51 -32.01 -4.96
CA TYR D 246 22.38 -33.34 -5.52
C TYR D 246 23.73 -34.06 -5.53
N HIS D 247 24.76 -33.40 -6.09
CA HIS D 247 26.11 -33.98 -6.25
C HIS D 247 26.92 -33.95 -4.97
N TYR D 248 26.38 -33.36 -3.90
CA TYR D 248 27.07 -33.30 -2.62
C TYR D 248 26.34 -34.07 -1.51
N ILE D 249 25.25 -34.76 -1.85
CA ILE D 249 24.23 -35.09 -0.85
C ILE D 249 24.74 -36.13 0.15
N ASP D 250 25.72 -36.93 -0.27
CA ASP D 250 26.30 -37.98 0.57
C ASP D 250 27.68 -37.57 1.11
N ASP D 251 28.10 -36.33 0.87
CA ASP D 251 29.34 -35.83 1.42
C ASP D 251 29.09 -35.09 2.74
N GLU D 252 29.47 -35.74 3.85
CA GLU D 252 29.16 -35.24 5.18
C GLU D 252 30.00 -34.01 5.49
N ARG D 253 31.09 -33.75 4.74
CA ARG D 253 31.85 -32.52 4.98
C ARG D 253 31.02 -31.29 4.61
N VAL D 254 30.03 -31.48 3.73
CA VAL D 254 29.22 -30.37 3.26
C VAL D 254 27.95 -30.27 4.10
N LYS D 255 27.84 -29.17 4.86
CA LYS D 255 26.66 -28.93 5.68
C LYS D 255 25.58 -28.35 4.77
N ILE D 256 24.35 -28.81 4.98
CA ILE D 256 23.21 -28.37 4.18
C ILE D 256 22.26 -27.64 5.12
N VAL D 257 21.87 -26.43 4.72
CA VAL D 257 20.94 -25.59 5.45
C VAL D 257 19.80 -25.25 4.48
N LEU D 258 18.59 -25.69 4.82
CA LEU D 258 17.41 -25.43 4.02
C LEU D 258 16.59 -24.36 4.73
N ALA D 259 16.16 -23.34 3.98
CA ALA D 259 15.38 -22.27 4.59
C ALA D 259 13.96 -22.38 4.11
N GLU D 260 13.02 -22.55 5.05
CA GLU D 260 11.60 -22.64 4.76
C GLU D 260 10.90 -21.39 5.28
N ALA D 261 9.70 -21.18 4.74
CA ALA D 261 8.92 -19.97 5.00
C ALA D 261 8.14 -20.10 6.31
N GLY D 262 8.61 -19.34 7.28
CA GLY D 262 7.94 -19.16 8.57
C GLY D 262 6.76 -18.21 8.51
N GLY D 263 6.67 -17.38 7.46
CA GLY D 263 5.55 -16.45 7.35
C GLY D 263 5.52 -15.45 8.51
N LYS D 264 4.38 -15.36 9.21
CA LYS D 264 4.30 -14.45 10.34
C LYS D 264 4.80 -15.14 11.61
N GLY D 265 5.25 -16.40 11.50
CA GLY D 265 5.91 -17.12 12.57
C GLY D 265 5.22 -18.47 12.72
N ILE D 266 5.96 -19.48 13.15
CA ILE D 266 5.47 -20.85 13.10
C ILE D 266 4.30 -21.05 14.05
N ASP D 267 4.15 -20.15 15.03
CA ASP D 267 3.10 -20.26 16.03
C ASP D 267 2.04 -19.19 15.79
N SER D 268 1.95 -18.68 14.55
CA SER D 268 1.17 -17.49 14.27
C SER D 268 -0.18 -17.82 13.66
N GLY D 269 -0.33 -19.04 13.08
CA GLY D 269 -1.46 -19.39 12.23
C GLY D 269 -1.33 -18.99 10.76
N MET D 270 -0.25 -18.26 10.42
CA MET D 270 -0.04 -17.76 9.08
C MET D 270 1.39 -18.16 8.69
N THR D 271 1.57 -19.37 8.17
CA THR D 271 2.93 -19.92 8.04
C THR D 271 2.95 -20.95 6.92
N ALA D 272 4.16 -21.34 6.53
CA ALA D 272 4.29 -22.33 5.45
C ALA D 272 5.43 -23.30 5.74
N ALA D 273 5.79 -23.41 7.02
CA ALA D 273 6.97 -24.13 7.49
C ALA D 273 6.66 -25.63 7.64
N THR D 274 6.63 -26.31 6.49
CA THR D 274 6.20 -27.69 6.38
C THR D 274 7.07 -28.63 7.21
N ILE D 275 8.41 -28.46 7.20
CA ILE D 275 9.25 -29.38 7.93
C ILE D 275 8.97 -29.23 9.42
N HIS D 276 8.82 -27.98 9.86
CA HIS D 276 8.61 -27.67 11.27
C HIS D 276 7.22 -28.11 11.73
N LEU D 277 6.22 -28.03 10.85
CA LEU D 277 4.83 -28.09 11.32
C LEU D 277 4.04 -29.23 10.68
N GLY D 278 4.53 -29.80 9.59
CA GLY D 278 3.77 -30.77 8.85
C GLY D 278 3.71 -32.10 9.61
N LYS D 279 2.71 -32.91 9.23
CA LYS D 279 2.59 -34.28 9.69
C LYS D 279 2.76 -35.15 8.46
N MET D 280 3.19 -36.40 8.69
CA MET D 280 3.25 -37.40 7.63
C MET D 280 1.88 -37.58 7.00
N GLY D 281 1.85 -37.61 5.68
CA GLY D 281 0.60 -37.81 4.98
C GLY D 281 0.85 -37.87 3.49
N ILE D 282 -0.22 -37.96 2.73
CA ILE D 282 -0.07 -38.05 1.28
C ILE D 282 -0.51 -36.72 0.71
N ILE D 283 0.35 -36.17 -0.16
CA ILE D 283 -0.02 -35.08 -1.05
C ILE D 283 0.47 -35.41 -2.46
N HIS D 284 -0.49 -35.36 -3.41
CA HIS D 284 -0.24 -35.51 -4.85
C HIS D 284 0.52 -36.80 -5.12
N GLY D 285 0.13 -37.83 -4.37
CA GLY D 285 0.65 -39.16 -4.57
C GLY D 285 2.04 -39.35 -3.96
N SER D 286 2.44 -38.47 -3.03
CA SER D 286 3.74 -38.59 -2.40
C SER D 286 3.57 -38.64 -0.90
N LYS D 287 4.27 -39.58 -0.25
CA LYS D 287 4.29 -39.63 1.20
C LYS D 287 5.39 -38.73 1.70
N THR D 288 5.01 -37.72 2.50
CA THR D 288 5.91 -36.67 2.93
C THR D 288 5.24 -35.93 4.09
N LEU D 289 5.85 -34.83 4.54
CA LEU D 289 5.25 -33.95 5.53
C LEU D 289 4.32 -32.97 4.82
N VAL D 290 3.16 -32.76 5.44
CA VAL D 290 2.06 -31.97 4.87
C VAL D 290 1.45 -31.18 6.02
N MET D 291 1.26 -29.88 5.81
CA MET D 291 0.53 -29.08 6.78
C MET D 291 -0.95 -29.45 6.70
N GLN D 292 -1.51 -29.74 7.87
CA GLN D 292 -2.86 -30.26 7.99
C GLN D 292 -3.58 -29.50 9.10
N ASN D 293 -4.89 -29.22 8.89
CA ASN D 293 -5.73 -28.66 9.96
C ASN D 293 -5.97 -29.76 10.99
N GLU D 294 -6.85 -29.52 11.96
CA GLU D 294 -7.06 -30.52 13.00
C GLU D 294 -7.92 -31.66 12.46
N ASP D 295 -8.78 -31.36 11.47
CA ASP D 295 -9.61 -32.37 10.81
C ASP D 295 -8.79 -33.16 9.77
N GLY D 296 -7.47 -32.90 9.69
CA GLY D 296 -6.57 -33.71 8.88
C GLY D 296 -6.57 -33.33 7.40
N GLN D 297 -7.23 -32.22 7.02
CA GLN D 297 -7.24 -31.79 5.62
C GLN D 297 -6.00 -30.95 5.32
N ILE D 298 -5.62 -30.87 4.04
CA ILE D 298 -4.44 -30.11 3.63
C ILE D 298 -4.72 -28.62 3.83
N GLU D 299 -3.81 -27.96 4.56
CA GLU D 299 -3.96 -26.57 4.96
C GLU D 299 -3.59 -25.64 3.81
N GLU D 300 -4.12 -24.41 3.88
CA GLU D 300 -3.66 -23.29 3.07
C GLU D 300 -2.44 -22.68 3.76
N PRO D 301 -1.23 -22.78 3.17
CA PRO D 301 -0.06 -22.13 3.78
C PRO D 301 -0.08 -20.63 3.54
N TYR D 302 0.74 -19.91 4.31
CA TYR D 302 0.99 -18.51 4.05
C TYR D 302 2.50 -18.22 4.14
N SER D 303 2.96 -17.41 3.18
CA SER D 303 4.26 -16.75 3.21
C SER D 303 4.14 -15.41 2.49
N ILE D 304 4.96 -14.43 2.86
CA ILE D 304 5.04 -13.21 2.08
C ILE D 304 5.42 -13.54 0.63
N SER D 305 6.18 -14.63 0.45
CA SER D 305 6.55 -15.09 -0.88
C SER D 305 5.50 -16.09 -1.40
N ALA D 306 4.79 -15.73 -2.46
CA ALA D 306 3.76 -16.61 -3.02
C ALA D 306 4.38 -17.90 -3.54
N GLY D 307 5.66 -17.84 -3.90
CA GLY D 307 6.32 -18.98 -4.49
C GLY D 307 6.63 -20.06 -3.46
N LEU D 308 6.55 -19.73 -2.16
CA LEU D 308 6.73 -20.72 -1.10
C LEU D 308 5.37 -21.08 -0.48
N ASP D 309 4.27 -21.06 -1.27
CA ASP D 309 2.93 -21.42 -0.81
C ASP D 309 2.70 -22.92 -1.08
N TYR D 310 3.49 -23.74 -0.40
CA TYR D 310 3.47 -25.19 -0.55
C TYR D 310 3.00 -25.77 0.78
N PRO D 311 1.84 -26.50 0.79
CA PRO D 311 1.43 -27.20 2.00
C PRO D 311 2.41 -28.34 2.28
N GLY D 312 2.89 -28.99 1.21
CA GLY D 312 3.76 -30.16 1.34
C GLY D 312 5.21 -29.78 1.11
N ILE D 313 6.10 -30.78 1.16
CA ILE D 313 7.48 -30.62 0.78
C ILE D 313 7.89 -31.90 0.06
N GLY D 314 8.88 -31.83 -0.84
CA GLY D 314 9.42 -32.99 -1.51
C GLY D 314 9.89 -34.04 -0.49
N PRO D 315 9.67 -35.32 -0.79
CA PRO D 315 10.07 -36.40 0.12
C PRO D 315 11.56 -36.42 0.42
N MET D 316 12.39 -36.04 -0.56
CA MET D 316 13.83 -35.94 -0.39
C MET D 316 14.18 -35.18 0.90
N HIS D 317 13.48 -34.04 1.09
CA HIS D 317 13.77 -33.11 2.17
C HIS D 317 13.18 -33.61 3.50
N ALA D 318 12.00 -34.25 3.45
CA ALA D 318 11.45 -34.80 4.68
C ALA D 318 12.45 -35.80 5.28
N ASN D 319 13.06 -36.61 4.41
CA ASN D 319 14.07 -37.59 4.79
C ASN D 319 15.33 -36.87 5.27
N LEU D 320 15.79 -35.84 4.55
CA LEU D 320 17.01 -35.19 4.98
C LEU D 320 16.83 -34.62 6.39
N ALA D 321 15.65 -34.06 6.66
CA ALA D 321 15.40 -33.41 7.95
C ALA D 321 15.31 -34.45 9.05
N LYS D 322 14.47 -35.48 8.83
CA LYS D 322 14.30 -36.51 9.83
C LYS D 322 15.65 -37.14 10.20
N GLN D 323 16.52 -37.34 9.21
CA GLN D 323 17.82 -37.94 9.49
C GLN D 323 18.87 -36.92 9.97
N LYS D 324 18.54 -35.62 10.02
CA LYS D 324 19.46 -34.58 10.44
C LYS D 324 20.65 -34.42 9.47
N ARG D 325 20.47 -34.88 8.22
CA ARG D 325 21.44 -34.61 7.16
C ARG D 325 21.42 -33.13 6.78
N ALA D 326 20.24 -32.48 6.89
CA ALA D 326 20.11 -31.03 6.69
C ALA D 326 19.60 -30.33 7.95
N GLN D 327 20.14 -29.13 8.21
CA GLN D 327 19.60 -28.18 9.16
C GLN D 327 18.48 -27.42 8.45
N VAL D 328 17.34 -27.29 9.11
CA VAL D 328 16.19 -26.59 8.54
C VAL D 328 15.80 -25.43 9.43
N LEU D 329 15.69 -24.26 8.81
CA LEU D 329 15.42 -23.00 9.49
C LEU D 329 14.09 -22.49 8.94
N ALA D 330 13.28 -21.98 9.85
CA ALA D 330 11.99 -21.41 9.46
C ALA D 330 12.21 -19.91 9.55
N ILE D 331 12.24 -19.28 8.38
CA ILE D 331 12.59 -17.88 8.23
C ILE D 331 11.32 -17.08 8.04
N ASN D 332 11.14 -16.05 8.88
CA ASN D 332 9.92 -15.26 8.88
C ASN D 332 9.97 -14.18 7.80
N ASP D 333 8.77 -13.65 7.49
CA ASP D 333 8.58 -12.61 6.49
C ASP D 333 9.59 -11.49 6.65
N ASP D 334 9.66 -10.97 7.89
N ASP D 334 9.71 -10.93 7.85
CA ASP D 334 10.47 -9.80 8.21
CA ASP D 334 10.50 -9.73 7.99
C ASP D 334 11.93 -10.07 7.86
C ASP D 334 11.98 -10.06 7.84
N GLU D 335 12.40 -11.25 8.27
CA GLU D 335 13.79 -11.69 8.10
C GLU D 335 14.15 -11.80 6.61
N ALA D 336 13.24 -12.37 5.82
CA ALA D 336 13.43 -12.49 4.38
C ALA D 336 13.46 -11.09 3.76
N LEU D 337 12.54 -10.19 4.14
CA LEU D 337 12.53 -8.85 3.59
C LEU D 337 13.84 -8.12 3.92
N ASN D 338 14.31 -8.17 5.17
CA ASN D 338 15.55 -7.48 5.52
C ASN D 338 16.76 -7.98 4.73
N ALA D 339 16.78 -9.29 4.48
CA ALA D 339 17.86 -9.92 3.73
C ALA D 339 17.82 -9.48 2.25
N ALA D 340 16.61 -9.35 1.68
CA ALA D 340 16.51 -8.85 0.32
C ALA D 340 17.07 -7.43 0.20
N PHE D 341 16.72 -6.53 1.11
CA PHE D 341 17.21 -5.17 1.11
C PHE D 341 18.72 -5.19 1.30
N GLU D 342 19.20 -6.13 2.14
CA GLU D 342 20.61 -6.22 2.44
C GLU D 342 21.39 -6.56 1.17
N LEU D 343 20.96 -7.60 0.44
CA LEU D 343 21.69 -7.99 -0.76
C LEU D 343 21.66 -6.87 -1.81
N THR D 344 20.51 -6.18 -1.93
CA THR D 344 20.36 -5.13 -2.92
C THR D 344 21.41 -4.05 -2.62
N ARG D 345 21.53 -3.66 -1.35
CA ARG D 345 22.42 -2.58 -1.02
C ARG D 345 23.89 -2.97 -1.12
N LEU D 346 24.23 -4.22 -0.74
CA LEU D 346 25.62 -4.65 -0.60
C LEU D 346 26.18 -5.09 -1.95
N GLU D 347 25.35 -5.70 -2.79
CA GLU D 347 25.88 -6.32 -4.00
C GLU D 347 25.22 -5.83 -5.28
N GLY D 348 24.18 -4.99 -5.18
CA GLY D 348 23.44 -4.53 -6.36
C GLY D 348 22.64 -5.63 -7.03
N ILE D 349 22.29 -6.70 -6.28
CA ILE D 349 21.47 -7.79 -6.76
C ILE D 349 20.16 -7.79 -5.98
N ILE D 350 19.03 -7.63 -6.70
CA ILE D 350 17.70 -7.67 -6.11
C ILE D 350 17.23 -9.12 -6.19
N PRO D 351 17.20 -9.85 -5.05
CA PRO D 351 16.89 -11.29 -5.05
C PRO D 351 15.38 -11.50 -5.04
N ALA D 352 14.97 -12.65 -5.58
CA ALA D 352 13.61 -13.11 -5.36
C ALA D 352 13.32 -13.21 -3.85
N LEU D 353 12.04 -13.02 -3.48
CA LEU D 353 11.67 -13.12 -2.08
C LEU D 353 11.84 -14.56 -1.60
N GLU D 354 11.67 -15.56 -2.48
CA GLU D 354 11.93 -16.96 -2.15
C GLU D 354 13.38 -17.08 -1.69
N SER D 355 14.29 -16.58 -2.56
CA SER D 355 15.73 -16.64 -2.30
C SER D 355 16.17 -15.86 -1.06
N ALA D 356 15.47 -14.75 -0.78
CA ALA D 356 15.75 -13.95 0.39
C ALA D 356 15.63 -14.77 1.68
N HIS D 357 14.81 -15.84 1.69
CA HIS D 357 14.69 -16.73 2.85
C HIS D 357 16.01 -17.48 3.07
N ALA D 358 16.66 -17.93 1.99
CA ALA D 358 18.00 -18.49 2.11
C ALA D 358 19.01 -17.43 2.57
N LEU D 359 18.99 -16.21 2.00
CA LEU D 359 19.89 -15.14 2.43
C LEU D 359 19.76 -14.86 3.93
N ALA D 360 18.52 -14.90 4.45
CA ALA D 360 18.32 -14.55 5.86
C ALA D 360 18.97 -15.58 6.75
N ALA D 361 19.19 -16.79 6.23
CA ALA D 361 19.84 -17.84 6.99
C ALA D 361 21.28 -17.47 7.34
N LEU D 362 21.87 -16.49 6.65
CA LEU D 362 23.23 -16.06 6.96
C LEU D 362 23.34 -15.44 8.36
N GLU D 363 22.27 -14.80 8.83
CA GLU D 363 22.29 -14.22 10.15
C GLU D 363 22.27 -15.30 11.24
N LYS D 364 21.84 -16.52 10.89
CA LYS D 364 21.48 -17.53 11.86
C LYS D 364 22.58 -18.58 12.05
N VAL D 365 23.58 -18.63 11.15
CA VAL D 365 24.60 -19.65 11.21
C VAL D 365 25.89 -19.05 11.79
N LYS D 366 26.58 -19.82 12.66
CA LYS D 366 27.83 -19.37 13.24
C LYS D 366 28.94 -19.78 12.28
N PHE D 367 29.53 -18.79 11.60
CA PHE D 367 30.51 -19.05 10.56
C PHE D 367 31.90 -18.89 11.13
N LYS D 368 32.84 -19.67 10.60
CA LYS D 368 34.25 -19.47 10.88
C LYS D 368 34.86 -18.68 9.74
N PRO D 369 35.91 -17.87 9.99
CA PRO D 369 36.58 -17.12 8.93
C PRO D 369 36.95 -17.89 7.66
N GLU D 370 37.33 -19.17 7.78
CA GLU D 370 37.78 -19.96 6.63
C GLU D 370 36.65 -20.81 6.04
N ASP D 371 35.42 -20.58 6.48
CA ASP D 371 34.25 -21.22 5.87
C ASP D 371 34.06 -20.67 4.45
N VAL D 372 33.67 -21.59 3.54
CA VAL D 372 33.25 -21.28 2.18
C VAL D 372 31.78 -21.71 2.06
N VAL D 373 30.94 -20.72 1.78
CA VAL D 373 29.50 -20.92 1.69
C VAL D 373 29.15 -20.77 0.21
N VAL D 374 28.36 -21.69 -0.30
CA VAL D 374 27.60 -21.45 -1.50
C VAL D 374 26.10 -21.36 -1.18
N LEU D 375 25.51 -20.24 -1.59
CA LEU D 375 24.08 -19.98 -1.41
C LEU D 375 23.49 -19.84 -2.81
N THR D 376 22.43 -20.61 -3.07
CA THR D 376 21.75 -20.58 -4.36
C THR D 376 20.77 -19.42 -4.40
N LEU D 377 21.06 -18.43 -5.25
CA LEU D 377 20.17 -17.32 -5.49
C LEU D 377 19.19 -17.80 -6.54
N SER D 378 18.12 -18.43 -6.06
CA SER D 378 17.22 -19.17 -6.93
C SER D 378 16.58 -18.27 -7.98
N GLY D 379 16.38 -16.97 -7.70
CA GLY D 379 15.69 -16.07 -8.60
C GLY D 379 16.04 -14.60 -8.40
N ARG D 380 15.73 -13.79 -9.43
CA ARG D 380 15.78 -12.35 -9.26
C ARG D 380 14.44 -11.85 -8.72
N GLY D 381 14.47 -10.60 -8.23
CA GLY D 381 13.38 -10.03 -7.44
C GLY D 381 12.63 -8.91 -8.15
N ASP D 382 12.82 -8.74 -9.47
CA ASP D 382 12.01 -7.80 -10.26
C ASP D 382 10.52 -8.01 -9.97
N LYS D 383 10.09 -9.28 -9.97
CA LYS D 383 8.71 -9.66 -9.76
C LYS D 383 8.19 -9.24 -8.38
N ASP D 384 9.10 -9.02 -7.42
CA ASP D 384 8.77 -8.72 -6.03
C ASP D 384 8.78 -7.23 -5.68
N MET D 385 9.04 -6.35 -6.64
CA MET D 385 9.29 -4.96 -6.30
C MET D 385 8.06 -4.31 -5.67
N GLU D 386 6.85 -4.74 -6.02
CA GLU D 386 5.67 -4.13 -5.41
C GLU D 386 5.61 -4.52 -3.93
N THR D 387 6.01 -5.74 -3.57
CA THR D 387 6.14 -6.10 -2.16
C THR D 387 7.24 -5.30 -1.46
N TYR D 388 8.40 -5.14 -2.09
CA TYR D 388 9.49 -4.41 -1.44
C TYR D 388 9.11 -2.95 -1.21
N LEU D 389 8.38 -2.37 -2.17
CA LEU D 389 7.95 -0.98 -2.07
C LEU D 389 7.17 -0.78 -0.76
N LYS D 390 6.32 -1.74 -0.44
CA LYS D 390 5.47 -1.62 0.73
C LYS D 390 6.25 -1.70 2.03
N TYR D 391 7.50 -2.19 2.03
CA TYR D 391 8.23 -2.35 3.27
C TYR D 391 9.46 -1.42 3.37
#